data_3BUT
# 
_entry.id   3BUT 
# 
_audit_conform.dict_name       mmcif_pdbx.dic 
_audit_conform.dict_version    5.397 
_audit_conform.dict_location   http://mmcif.pdb.org/dictionaries/ascii/mmcif_pdbx.dic 
# 
loop_
_database_2.database_id 
_database_2.database_code 
_database_2.pdbx_database_accession 
_database_2.pdbx_DOI 
PDB   3BUT         pdb_00003but 10.2210/pdb3but/pdb 
RCSB  RCSB045982   ?            ?                   
WWPDB D_1000045982 ?            ?                   
# 
loop_
_pdbx_audit_revision_history.ordinal 
_pdbx_audit_revision_history.data_content_type 
_pdbx_audit_revision_history.major_revision 
_pdbx_audit_revision_history.minor_revision 
_pdbx_audit_revision_history.revision_date 
1 'Structure model' 1 0 2008-01-15 
2 'Structure model' 1 1 2011-07-13 
3 'Structure model' 1 2 2017-10-25 
4 'Structure model' 1 3 2018-11-14 
5 'Structure model' 1 4 2021-02-03 
6 'Structure model' 1 5 2021-10-20 
7 'Structure model' 1 6 2024-10-30 
# 
_pdbx_audit_revision_details.ordinal             1 
_pdbx_audit_revision_details.revision_ordinal    1 
_pdbx_audit_revision_details.data_content_type   'Structure model' 
_pdbx_audit_revision_details.provider            repository 
_pdbx_audit_revision_details.type                'Initial release' 
_pdbx_audit_revision_details.description         ? 
_pdbx_audit_revision_details.details             ? 
# 
loop_
_pdbx_audit_revision_group.ordinal 
_pdbx_audit_revision_group.revision_ordinal 
_pdbx_audit_revision_group.data_content_type 
_pdbx_audit_revision_group.group 
1  2 'Structure model' Advisory                    
2  2 'Structure model' 'Version format compliance' 
3  3 'Structure model' 'Refinement description'    
4  4 'Structure model' 'Data collection'           
5  4 'Structure model' 'Structure summary'         
6  5 'Structure model' 'Database references'       
7  5 'Structure model' 'Derived calculations'      
8  5 'Structure model' 'Structure summary'         
9  6 'Structure model' 'Database references'       
10 7 'Structure model' 'Data collection'           
11 7 'Structure model' 'Structure summary'         
# 
loop_
_pdbx_audit_revision_category.ordinal 
_pdbx_audit_revision_category.revision_ordinal 
_pdbx_audit_revision_category.data_content_type 
_pdbx_audit_revision_category.category 
1  3 'Structure model' software                  
2  4 'Structure model' audit_author              
3  5 'Structure model' audit_author              
4  5 'Structure model' citation_author           
5  5 'Structure model' struct_conn               
6  5 'Structure model' struct_ref_seq_dif        
7  6 'Structure model' database_2                
8  6 'Structure model' struct_ref_seq_dif        
9  7 'Structure model' chem_comp_atom            
10 7 'Structure model' chem_comp_bond            
11 7 'Structure model' pdbx_entry_details        
12 7 'Structure model' pdbx_modification_feature 
# 
loop_
_pdbx_audit_revision_item.ordinal 
_pdbx_audit_revision_item.revision_ordinal 
_pdbx_audit_revision_item.data_content_type 
_pdbx_audit_revision_item.item 
1 3 'Structure model' '_software.name'                      
2 4 'Structure model' '_audit_author.identifier_ORCID'      
3 5 'Structure model' '_audit_author.identifier_ORCID'      
4 5 'Structure model' '_citation_author.identifier_ORCID'   
5 5 'Structure model' '_struct_conn.pdbx_leaving_atom_flag' 
6 5 'Structure model' '_struct_ref_seq_dif.details'         
7 6 'Structure model' '_database_2.pdbx_DOI'                
8 6 'Structure model' '_database_2.pdbx_database_accession' 
9 6 'Structure model' '_struct_ref_seq_dif.details'         
# 
_pdbx_database_status.status_code                     REL 
_pdbx_database_status.entry_id                        3BUT 
_pdbx_database_status.recvd_initial_deposition_date   2008-01-03 
_pdbx_database_status.deposit_site                    RCSB 
_pdbx_database_status.process_site                    RCSB 
_pdbx_database_status.status_code_sf                  REL 
_pdbx_database_status.status_code_mr                  ? 
_pdbx_database_status.SG_entry                        Y 
_pdbx_database_status.pdb_format_compatible           Y 
_pdbx_database_status.status_code_cs                  ? 
_pdbx_database_status.methods_development_category    ? 
_pdbx_database_status.status_code_nmr_data            ? 
# 
_pdbx_database_related.db_name        TargetDB 
_pdbx_database_related.db_id          NYSGXRC-10193b 
_pdbx_database_related.details        . 
_pdbx_database_related.content_type   unspecified 
# 
loop_
_audit_author.name 
_audit_author.pdbx_ordinal 
_audit_author.identifier_ORCID 
'Bonanno, J.B.'                                                  1  ?                   
'Patskovsky, Y.'                                                 2  ?                   
'Ozyurt, S.'                                                     3  ?                   
'Ashok, S.'                                                      4  ?                   
'Zhang, F.'                                                      5  ?                   
'Groshong, C.'                                                   6  ?                   
'Wasserman, S.R.'                                                7  ?                   
'Sauder, J.M.'                                                   8  0000-0002-0254-4955 
'Burley, S.K.'                                                   9  0000-0002-2487-9713 
'Almo, S.C.'                                                     10 ?                   
'New York SGX Research Center for Structural Genomics (NYSGXRC)' 11 ?                   
# 
_citation.id                        primary 
_citation.title                     'Crystal structure of protein Af_0446 from Archaeoglobus fulgidus.' 
_citation.journal_abbrev            'To be Published' 
_citation.journal_volume            ? 
_citation.page_first                ? 
_citation.page_last                 ? 
_citation.year                      ? 
_citation.journal_id_ASTM           ? 
_citation.country                   ? 
_citation.journal_id_ISSN           ? 
_citation.journal_id_CSD            0353 
_citation.book_publisher            ? 
_citation.pdbx_database_id_PubMed   ? 
_citation.pdbx_database_id_DOI      ? 
# 
loop_
_citation_author.citation_id 
_citation_author.name 
_citation_author.ordinal 
_citation_author.identifier_ORCID 
primary 'Bonanno, J.B.'   1  ?                   
primary 'Patskovsky, Y.'  2  ?                   
primary 'Ozyurt, S.'      3  ?                   
primary 'Ashok, S.'       4  ?                   
primary 'Zhang, F.'       5  ?                   
primary 'Groshong, C.'    6  ?                   
primary 'Wasserman, S.R.' 7  ?                   
primary 'Sauder, J.M.'    8  ?                   
primary 'Burley, S.K.'    9  0000-0002-2487-9713 
primary 'Almo, S.C.'      10 ?                   
# 
loop_
_entity.id 
_entity.type 
_entity.src_method 
_entity.pdbx_description 
_entity.formula_weight 
_entity.pdbx_number_of_molecules 
_entity.pdbx_ec 
_entity.pdbx_mutation 
_entity.pdbx_fragment 
_entity.details 
1 polymer man 'Uncharacterized protein Af_0446' 15424.122 1  ? 'K62A, K64A, L78I, I104V' ? ? 
2 water   nat water                             18.015    50 ? ?                         ? ? 
# 
_entity_poly.entity_id                      1 
_entity_poly.type                           'polypeptide(L)' 
_entity_poly.nstd_linkage                   no 
_entity_poly.nstd_monomer                   yes 
_entity_poly.pdbx_seq_one_letter_code       
;(MSE)SLESVKA(MSE)WGVVTDSQTEIVALAKVRNEDVVPIVVSGYHYTIE(MSE)NGVKVADGYENSPVTVKPASATT
LKFSLRLNNSFLREWWVTHIANGEKTKIRVAIKPTIEIGGRDVEVPVFLRESEFTTKLLSEGHHHHHH
;
_entity_poly.pdbx_seq_one_letter_code_can   
;MSLESVKAMWGVVTDSQTEIVALAKVRNEDVVPIVVSGYHYTIEMNGVKVADGYENSPVTVKPASATTLKFSLRLNNSFL
REWWVTHIANGEKTKIRVAIKPTIEIGGRDVEVPVFLRESEFTTKLLSEGHHHHHH
;
_entity_poly.pdbx_strand_id                 A 
_entity_poly.pdbx_target_identifier         NYSGXRC-10193b 
# 
_pdbx_entity_nonpoly.entity_id   2 
_pdbx_entity_nonpoly.name        water 
_pdbx_entity_nonpoly.comp_id     HOH 
# 
loop_
_entity_poly_seq.entity_id 
_entity_poly_seq.num 
_entity_poly_seq.mon_id 
_entity_poly_seq.hetero 
1 1   MSE n 
1 2   SER n 
1 3   LEU n 
1 4   GLU n 
1 5   SER n 
1 6   VAL n 
1 7   LYS n 
1 8   ALA n 
1 9   MSE n 
1 10  TRP n 
1 11  GLY n 
1 12  VAL n 
1 13  VAL n 
1 14  THR n 
1 15  ASP n 
1 16  SER n 
1 17  GLN n 
1 18  THR n 
1 19  GLU n 
1 20  ILE n 
1 21  VAL n 
1 22  ALA n 
1 23  LEU n 
1 24  ALA n 
1 25  LYS n 
1 26  VAL n 
1 27  ARG n 
1 28  ASN n 
1 29  GLU n 
1 30  ASP n 
1 31  VAL n 
1 32  VAL n 
1 33  PRO n 
1 34  ILE n 
1 35  VAL n 
1 36  VAL n 
1 37  SER n 
1 38  GLY n 
1 39  TYR n 
1 40  HIS n 
1 41  TYR n 
1 42  THR n 
1 43  ILE n 
1 44  GLU n 
1 45  MSE n 
1 46  ASN n 
1 47  GLY n 
1 48  VAL n 
1 49  LYS n 
1 50  VAL n 
1 51  ALA n 
1 52  ASP n 
1 53  GLY n 
1 54  TYR n 
1 55  GLU n 
1 56  ASN n 
1 57  SER n 
1 58  PRO n 
1 59  VAL n 
1 60  THR n 
1 61  VAL n 
1 62  LYS n 
1 63  PRO n 
1 64  ALA n 
1 65  SER n 
1 66  ALA n 
1 67  THR n 
1 68  THR n 
1 69  LEU n 
1 70  LYS n 
1 71  PHE n 
1 72  SER n 
1 73  LEU n 
1 74  ARG n 
1 75  LEU n 
1 76  ASN n 
1 77  ASN n 
1 78  SER n 
1 79  PHE n 
1 80  LEU n 
1 81  ARG n 
1 82  GLU n 
1 83  TRP n 
1 84  TRP n 
1 85  VAL n 
1 86  THR n 
1 87  HIS n 
1 88  ILE n 
1 89  ALA n 
1 90  ASN n 
1 91  GLY n 
1 92  GLU n 
1 93  LYS n 
1 94  THR n 
1 95  LYS n 
1 96  ILE n 
1 97  ARG n 
1 98  VAL n 
1 99  ALA n 
1 100 ILE n 
1 101 LYS n 
1 102 PRO n 
1 103 THR n 
1 104 ILE n 
1 105 GLU n 
1 106 ILE n 
1 107 GLY n 
1 108 GLY n 
1 109 ARG n 
1 110 ASP n 
1 111 VAL n 
1 112 GLU n 
1 113 VAL n 
1 114 PRO n 
1 115 VAL n 
1 116 PHE n 
1 117 LEU n 
1 118 ARG n 
1 119 GLU n 
1 120 SER n 
1 121 GLU n 
1 122 PHE n 
1 123 THR n 
1 124 THR n 
1 125 LYS n 
1 126 LEU n 
1 127 LEU n 
1 128 SER n 
1 129 GLU n 
1 130 GLY n 
1 131 HIS n 
1 132 HIS n 
1 133 HIS n 
1 134 HIS n 
1 135 HIS n 
1 136 HIS n 
# 
_entity_src_gen.entity_id                          1 
_entity_src_gen.pdbx_src_id                        1 
_entity_src_gen.pdbx_alt_source_flag               sample 
_entity_src_gen.pdbx_seq_type                      ? 
_entity_src_gen.pdbx_beg_seq_num                   ? 
_entity_src_gen.pdbx_end_seq_num                   ? 
_entity_src_gen.gene_src_common_name               ? 
_entity_src_gen.gene_src_genus                     Archaeoglobus 
_entity_src_gen.pdbx_gene_src_gene                 AF_0446 
_entity_src_gen.gene_src_species                   'Archaeoglobus fulgidus' 
_entity_src_gen.gene_src_strain                    'DSM 4304, VC-16, JCM 9628, NBRC 100126' 
_entity_src_gen.gene_src_tissue                    ? 
_entity_src_gen.gene_src_tissue_fraction           ? 
_entity_src_gen.gene_src_details                   ? 
_entity_src_gen.pdbx_gene_src_fragment             ? 
_entity_src_gen.pdbx_gene_src_scientific_name      'Archaeoglobus fulgidus DSM 4304' 
_entity_src_gen.pdbx_gene_src_ncbi_taxonomy_id     224325 
_entity_src_gen.pdbx_gene_src_variant              ? 
_entity_src_gen.pdbx_gene_src_cell_line            ? 
_entity_src_gen.pdbx_gene_src_atcc                 49558 
_entity_src_gen.pdbx_gene_src_organ                ? 
_entity_src_gen.pdbx_gene_src_organelle            ? 
_entity_src_gen.pdbx_gene_src_cell                 ? 
_entity_src_gen.pdbx_gene_src_cellular_location    ? 
_entity_src_gen.host_org_common_name               ? 
_entity_src_gen.pdbx_host_org_scientific_name      'Escherichia coli' 
_entity_src_gen.pdbx_host_org_ncbi_taxonomy_id     562 
_entity_src_gen.host_org_genus                     Escherichia 
_entity_src_gen.pdbx_host_org_gene                 ? 
_entity_src_gen.pdbx_host_org_organ                ? 
_entity_src_gen.host_org_species                   ? 
_entity_src_gen.pdbx_host_org_tissue               ? 
_entity_src_gen.pdbx_host_org_tissue_fraction      ? 
_entity_src_gen.pdbx_host_org_strain               ? 
_entity_src_gen.pdbx_host_org_variant              ? 
_entity_src_gen.pdbx_host_org_cell_line            ? 
_entity_src_gen.pdbx_host_org_atcc                 ? 
_entity_src_gen.pdbx_host_org_culture_collection   ? 
_entity_src_gen.pdbx_host_org_cell                 ? 
_entity_src_gen.pdbx_host_org_organelle            ? 
_entity_src_gen.pdbx_host_org_cellular_location    ? 
_entity_src_gen.pdbx_host_org_vector_type          Plasmid 
_entity_src_gen.pdbx_host_org_vector               pET 
_entity_src_gen.host_org_details                   ? 
_entity_src_gen.expression_system_id               ? 
_entity_src_gen.plasmid_name                       'BC-pSGX3(BC)' 
_entity_src_gen.plasmid_details                    ? 
_entity_src_gen.pdbx_description                   ? 
# 
loop_
_chem_comp.id 
_chem_comp.type 
_chem_comp.mon_nstd_flag 
_chem_comp.name 
_chem_comp.pdbx_synonyms 
_chem_comp.formula 
_chem_comp.formula_weight 
ALA 'L-peptide linking' y ALANINE          ? 'C3 H7 N O2'     89.093  
ARG 'L-peptide linking' y ARGININE         ? 'C6 H15 N4 O2 1' 175.209 
ASN 'L-peptide linking' y ASPARAGINE       ? 'C4 H8 N2 O3'    132.118 
ASP 'L-peptide linking' y 'ASPARTIC ACID'  ? 'C4 H7 N O4'     133.103 
GLN 'L-peptide linking' y GLUTAMINE        ? 'C5 H10 N2 O3'   146.144 
GLU 'L-peptide linking' y 'GLUTAMIC ACID'  ? 'C5 H9 N O4'     147.129 
GLY 'peptide linking'   y GLYCINE          ? 'C2 H5 N O2'     75.067  
HIS 'L-peptide linking' y HISTIDINE        ? 'C6 H10 N3 O2 1' 156.162 
HOH non-polymer         . WATER            ? 'H2 O'           18.015  
ILE 'L-peptide linking' y ISOLEUCINE       ? 'C6 H13 N O2'    131.173 
LEU 'L-peptide linking' y LEUCINE          ? 'C6 H13 N O2'    131.173 
LYS 'L-peptide linking' y LYSINE           ? 'C6 H15 N2 O2 1' 147.195 
MSE 'L-peptide linking' n SELENOMETHIONINE ? 'C5 H11 N O2 Se' 196.106 
PHE 'L-peptide linking' y PHENYLALANINE    ? 'C9 H11 N O2'    165.189 
PRO 'L-peptide linking' y PROLINE          ? 'C5 H9 N O2'     115.130 
SER 'L-peptide linking' y SERINE           ? 'C3 H7 N O3'     105.093 
THR 'L-peptide linking' y THREONINE        ? 'C4 H9 N O3'     119.119 
TRP 'L-peptide linking' y TRYPTOPHAN       ? 'C11 H12 N2 O2'  204.225 
TYR 'L-peptide linking' y TYROSINE         ? 'C9 H11 N O3'    181.189 
VAL 'L-peptide linking' y VALINE           ? 'C5 H11 N O2'    117.146 
# 
loop_
_pdbx_poly_seq_scheme.asym_id 
_pdbx_poly_seq_scheme.entity_id 
_pdbx_poly_seq_scheme.seq_id 
_pdbx_poly_seq_scheme.mon_id 
_pdbx_poly_seq_scheme.ndb_seq_num 
_pdbx_poly_seq_scheme.pdb_seq_num 
_pdbx_poly_seq_scheme.auth_seq_num 
_pdbx_poly_seq_scheme.pdb_mon_id 
_pdbx_poly_seq_scheme.auth_mon_id 
_pdbx_poly_seq_scheme.pdb_strand_id 
_pdbx_poly_seq_scheme.pdb_ins_code 
_pdbx_poly_seq_scheme.hetero 
A 1 1   MSE 1   -1  ?   ?   ?   A . n 
A 1 2   SER 2   0   0   SER SER A . n 
A 1 3   LEU 3   1   1   LEU LEU A . n 
A 1 4   GLU 4   2   2   GLU GLU A . n 
A 1 5   SER 5   3   3   SER SER A . n 
A 1 6   VAL 6   4   4   VAL VAL A . n 
A 1 7   LYS 7   5   5   LYS LYS A . n 
A 1 8   ALA 8   6   6   ALA ALA A . n 
A 1 9   MSE 9   7   7   MSE MSE A . n 
A 1 10  TRP 10  8   8   TRP TRP A . n 
A 1 11  GLY 11  9   9   GLY GLY A . n 
A 1 12  VAL 12  10  10  VAL VAL A . n 
A 1 13  VAL 13  11  11  VAL VAL A . n 
A 1 14  THR 14  12  12  THR THR A . n 
A 1 15  ASP 15  13  13  ASP ASP A . n 
A 1 16  SER 16  14  14  SER SER A . n 
A 1 17  GLN 17  15  15  GLN GLN A . n 
A 1 18  THR 18  16  16  THR THR A . n 
A 1 19  GLU 19  17  17  GLU GLU A . n 
A 1 20  ILE 20  18  18  ILE ILE A . n 
A 1 21  VAL 21  19  19  VAL VAL A . n 
A 1 22  ALA 22  20  20  ALA ALA A . n 
A 1 23  LEU 23  21  21  LEU LEU A . n 
A 1 24  ALA 24  22  22  ALA ALA A . n 
A 1 25  LYS 25  23  23  LYS LYS A . n 
A 1 26  VAL 26  24  24  VAL VAL A . n 
A 1 27  ARG 27  25  25  ARG ARG A . n 
A 1 28  ASN 28  26  26  ASN ASN A . n 
A 1 29  GLU 29  27  27  GLU GLU A . n 
A 1 30  ASP 30  28  28  ASP ASP A . n 
A 1 31  VAL 31  29  29  VAL VAL A . n 
A 1 32  VAL 32  30  30  VAL VAL A . n 
A 1 33  PRO 33  31  31  PRO PRO A . n 
A 1 34  ILE 34  32  32  ILE ILE A . n 
A 1 35  VAL 35  33  33  VAL VAL A . n 
A 1 36  VAL 36  34  34  VAL VAL A . n 
A 1 37  SER 37  35  35  SER SER A . n 
A 1 38  GLY 38  36  36  GLY GLY A . n 
A 1 39  TYR 39  37  37  TYR TYR A . n 
A 1 40  HIS 40  38  38  HIS HIS A . n 
A 1 41  TYR 41  39  39  TYR TYR A . n 
A 1 42  THR 42  40  40  THR THR A . n 
A 1 43  ILE 43  41  41  ILE ILE A . n 
A 1 44  GLU 44  42  42  GLU GLU A . n 
A 1 45  MSE 45  43  43  MSE MSE A . n 
A 1 46  ASN 46  44  44  ASN ASN A . n 
A 1 47  GLY 47  45  45  GLY GLY A . n 
A 1 48  VAL 48  46  46  VAL VAL A . n 
A 1 49  LYS 49  47  47  LYS LYS A . n 
A 1 50  VAL 50  48  48  VAL VAL A . n 
A 1 51  ALA 51  49  49  ALA ALA A . n 
A 1 52  ASP 52  50  50  ASP ASP A . n 
A 1 53  GLY 53  51  51  GLY GLY A . n 
A 1 54  TYR 54  52  52  TYR TYR A . n 
A 1 55  GLU 55  53  53  GLU GLU A . n 
A 1 56  ASN 56  54  54  ASN ASN A . n 
A 1 57  SER 57  55  55  SER SER A . n 
A 1 58  PRO 58  56  56  PRO PRO A . n 
A 1 59  VAL 59  57  57  VAL VAL A . n 
A 1 60  THR 60  58  58  THR THR A . n 
A 1 61  VAL 61  59  59  VAL VAL A . n 
A 1 62  LYS 62  60  60  LYS LYS A . n 
A 1 63  PRO 63  61  61  PRO PRO A . n 
A 1 64  ALA 64  62  62  ALA ALA A . n 
A 1 65  SER 65  63  63  SER SER A . n 
A 1 66  ALA 66  64  64  ALA ALA A . n 
A 1 67  THR 67  65  65  THR THR A . n 
A 1 68  THR 68  66  66  THR THR A . n 
A 1 69  LEU 69  67  67  LEU LEU A . n 
A 1 70  LYS 70  68  68  LYS LYS A . n 
A 1 71  PHE 71  69  69  PHE PHE A . n 
A 1 72  SER 72  70  70  SER SER A . n 
A 1 73  LEU 73  71  71  LEU LEU A . n 
A 1 74  ARG 74  72  72  ARG ARG A . n 
A 1 75  LEU 75  73  73  LEU LEU A . n 
A 1 76  ASN 76  74  74  ASN ASN A . n 
A 1 77  ASN 77  75  75  ASN ASN A . n 
A 1 78  SER 78  76  76  SER SER A . n 
A 1 79  PHE 79  77  77  PHE PHE A . n 
A 1 80  LEU 80  78  78  LEU LEU A . n 
A 1 81  ARG 81  79  79  ARG ARG A . n 
A 1 82  GLU 82  80  80  GLU GLU A . n 
A 1 83  TRP 83  81  81  TRP TRP A . n 
A 1 84  TRP 84  82  82  TRP TRP A . n 
A 1 85  VAL 85  83  83  VAL VAL A . n 
A 1 86  THR 86  84  84  THR THR A . n 
A 1 87  HIS 87  85  85  HIS HIS A . n 
A 1 88  ILE 88  86  86  ILE ILE A . n 
A 1 89  ALA 89  87  87  ALA ALA A . n 
A 1 90  ASN 90  88  88  ASN ASN A . n 
A 1 91  GLY 91  89  89  GLY GLY A . n 
A 1 92  GLU 92  90  90  GLU GLU A . n 
A 1 93  LYS 93  91  91  LYS LYS A . n 
A 1 94  THR 94  92  92  THR THR A . n 
A 1 95  LYS 95  93  93  LYS LYS A . n 
A 1 96  ILE 96  94  94  ILE ILE A . n 
A 1 97  ARG 97  95  95  ARG ARG A . n 
A 1 98  VAL 98  96  96  VAL VAL A . n 
A 1 99  ALA 99  97  97  ALA ALA A . n 
A 1 100 ILE 100 98  98  ILE ILE A . n 
A 1 101 LYS 101 99  99  LYS LYS A . n 
A 1 102 PRO 102 100 100 PRO PRO A . n 
A 1 103 THR 103 101 101 THR THR A . n 
A 1 104 ILE 104 102 102 ILE ILE A . n 
A 1 105 GLU 105 103 103 GLU GLU A . n 
A 1 106 ILE 106 104 104 ILE ILE A . n 
A 1 107 GLY 107 105 105 GLY GLY A . n 
A 1 108 GLY 108 106 ?   ?   ?   A . n 
A 1 109 ARG 109 107 107 ARG ARG A . n 
A 1 110 ASP 110 108 108 ASP ASP A . n 
A 1 111 VAL 111 109 109 VAL VAL A . n 
A 1 112 GLU 112 110 110 GLU GLU A . n 
A 1 113 VAL 113 111 111 VAL VAL A . n 
A 1 114 PRO 114 112 112 PRO PRO A . n 
A 1 115 VAL 115 113 113 VAL VAL A . n 
A 1 116 PHE 116 114 114 PHE PHE A . n 
A 1 117 LEU 117 115 115 LEU LEU A . n 
A 1 118 ARG 118 116 116 ARG ARG A . n 
A 1 119 GLU 119 117 117 GLU GLU A . n 
A 1 120 SER 120 118 118 SER SER A . n 
A 1 121 GLU 121 119 119 GLU GLU A . n 
A 1 122 PHE 122 120 120 PHE PHE A . n 
A 1 123 THR 123 121 121 THR THR A . n 
A 1 124 THR 124 122 122 THR THR A . n 
A 1 125 LYS 125 123 123 LYS LYS A . n 
A 1 126 LEU 126 124 124 LEU LEU A . n 
A 1 127 LEU 127 125 125 LEU LEU A . n 
A 1 128 SER 128 126 ?   ?   ?   A . n 
A 1 129 GLU 129 127 ?   ?   ?   A . n 
A 1 130 GLY 130 128 ?   ?   ?   A . n 
A 1 131 HIS 131 129 ?   ?   ?   A . n 
A 1 132 HIS 132 130 ?   ?   ?   A . n 
A 1 133 HIS 133 131 ?   ?   ?   A . n 
A 1 134 HIS 134 132 ?   ?   ?   A . n 
A 1 135 HIS 135 133 ?   ?   ?   A . n 
A 1 136 HIS 136 134 ?   ?   ?   A . n 
# 
loop_
_pdbx_nonpoly_scheme.asym_id 
_pdbx_nonpoly_scheme.entity_id 
_pdbx_nonpoly_scheme.mon_id 
_pdbx_nonpoly_scheme.ndb_seq_num 
_pdbx_nonpoly_scheme.pdb_seq_num 
_pdbx_nonpoly_scheme.auth_seq_num 
_pdbx_nonpoly_scheme.pdb_mon_id 
_pdbx_nonpoly_scheme.auth_mon_id 
_pdbx_nonpoly_scheme.pdb_strand_id 
_pdbx_nonpoly_scheme.pdb_ins_code 
B 2 HOH 1  135 5  HOH HOH A . 
B 2 HOH 2  136 6  HOH HOH A . 
B 2 HOH 3  137 7  HOH HOH A . 
B 2 HOH 4  138 8  HOH HOH A . 
B 2 HOH 5  139 9  HOH HOH A . 
B 2 HOH 6  140 10 HOH HOH A . 
B 2 HOH 7  141 11 HOH HOH A . 
B 2 HOH 8  142 12 HOH HOH A . 
B 2 HOH 9  143 13 HOH HOH A . 
B 2 HOH 10 144 15 HOH HOH A . 
B 2 HOH 11 145 16 HOH HOH A . 
B 2 HOH 12 146 17 HOH HOH A . 
B 2 HOH 13 147 19 HOH HOH A . 
B 2 HOH 14 148 20 HOH HOH A . 
B 2 HOH 15 149 25 HOH HOH A . 
B 2 HOH 16 150 26 HOH HOH A . 
B 2 HOH 17 151 28 HOH HOH A . 
B 2 HOH 18 152 29 HOH HOH A . 
B 2 HOH 19 153 30 HOH HOH A . 
B 2 HOH 20 154 31 HOH HOH A . 
B 2 HOH 21 155 32 HOH HOH A . 
B 2 HOH 22 156 33 HOH HOH A . 
B 2 HOH 23 157 34 HOH HOH A . 
B 2 HOH 24 158 35 HOH HOH A . 
B 2 HOH 25 159 36 HOH HOH A . 
B 2 HOH 26 160 37 HOH HOH A . 
B 2 HOH 27 161 38 HOH HOH A . 
B 2 HOH 28 162 39 HOH HOH A . 
B 2 HOH 29 163 40 HOH HOH A . 
B 2 HOH 30 164 41 HOH HOH A . 
B 2 HOH 31 165 42 HOH HOH A . 
B 2 HOH 32 166 43 HOH HOH A . 
B 2 HOH 33 167 44 HOH HOH A . 
B 2 HOH 34 168 45 HOH HOH A . 
B 2 HOH 35 169 46 HOH HOH A . 
B 2 HOH 36 170 47 HOH HOH A . 
B 2 HOH 37 171 48 HOH HOH A . 
B 2 HOH 38 172 49 HOH HOH A . 
B 2 HOH 39 173 50 HOH HOH A . 
B 2 HOH 40 174 51 HOH HOH A . 
B 2 HOH 41 175 52 HOH HOH A . 
B 2 HOH 42 176 2  HOH HOH A . 
B 2 HOH 43 177 3  HOH HOH A . 
B 2 HOH 44 178 5  HOH HOH A . 
B 2 HOH 45 179 6  HOH HOH A . 
B 2 HOH 46 180 8  HOH HOH A . 
B 2 HOH 47 181 10 HOH HOH A . 
B 2 HOH 48 182 11 HOH HOH A . 
B 2 HOH 49 183 12 HOH HOH A . 
B 2 HOH 50 184 13 HOH HOH A . 
# 
loop_
_software.name 
_software.classification 
_software.version 
_software.citation_id 
_software.pdbx_ordinal 
SHELX    'model building'  .        ? 1 
REFMAC   refinement        5.3.0034 ? 2 
MAR345   'data collection' CCD      ? 3 
HKL-2000 'data reduction'  .        ? 4 
HKL-2000 'data scaling'    .        ? 5 
SHELXD   phasing           .        ? 6 
# 
_cell.entry_id           3BUT 
_cell.length_a           131.050 
_cell.length_b           28.330 
_cell.length_c           29.510 
_cell.angle_alpha        90.00 
_cell.angle_beta         90.00 
_cell.angle_gamma        90.00 
_cell.Z_PDB              4 
_cell.pdbx_unique_axis   ? 
_cell.length_a_esd       ? 
_cell.length_b_esd       ? 
_cell.length_c_esd       ? 
_cell.angle_alpha_esd    ? 
_cell.angle_beta_esd     ? 
_cell.angle_gamma_esd    ? 
# 
_symmetry.entry_id                         3BUT 
_symmetry.space_group_name_H-M             'P 21 21 2' 
_symmetry.pdbx_full_space_group_name_H-M   ? 
_symmetry.cell_setting                     ? 
_symmetry.Int_Tables_number                18 
_symmetry.space_group_name_Hall            ? 
# 
_exptl.entry_id          3BUT 
_exptl.method            'X-RAY DIFFRACTION' 
_exptl.crystals_number   2 
# 
_exptl_crystal.id                    1 
_exptl_crystal.density_meas          ? 
_exptl_crystal.density_Matthews      1.82 
_exptl_crystal.density_percent_sol   32.10 
_exptl_crystal.description           ? 
_exptl_crystal.F_000                 ? 
_exptl_crystal.preparation           ? 
# 
_exptl_crystal_grow.crystal_id      1 
_exptl_crystal_grow.method          'VAPOR DIFFUSION, SITTING DROP' 
_exptl_crystal_grow.temp            294 
_exptl_crystal_grow.temp_details    ? 
_exptl_crystal_grow.pH              7.5 
_exptl_crystal_grow.pdbx_details    
'20% PEG 3350, 35mM Proline, 200mM Sodium formate, 10% Glycerol, pH 7.5, VAPOR DIFFUSION, SITTING DROP, temperature 294K' 
_exptl_crystal_grow.pdbx_pH_range   . 
# 
_diffrn.id                     1 
_diffrn.ambient_temp           77.0 
_diffrn.ambient_temp_details   ? 
_diffrn.crystal_id             1 
# 
_diffrn_detector.diffrn_id              1 
_diffrn_detector.detector               CCD 
_diffrn_detector.type                   'MAR CCD 165 mm' 
_diffrn_detector.pdbx_collection_date   2007-12-13 
_diffrn_detector.details                ? 
# 
_diffrn_radiation.diffrn_id                        1 
_diffrn_radiation.wavelength_id                    1 
_diffrn_radiation.pdbx_monochromatic_or_laue_m_l   M 
_diffrn_radiation.monochromator                    Diamond 
_diffrn_radiation.pdbx_diffrn_protocol             'SINGLE WAVELENGTH' 
_diffrn_radiation.pdbx_scattering_type             x-ray 
# 
_diffrn_radiation_wavelength.id           1 
_diffrn_radiation_wavelength.wavelength   0.97960 
_diffrn_radiation_wavelength.wt           1.0 
# 
_diffrn_source.diffrn_id                   1 
_diffrn_source.source                      SYNCHROTRON 
_diffrn_source.type                        'APS BEAMLINE 31-ID' 
_diffrn_source.pdbx_synchrotron_site       APS 
_diffrn_source.pdbx_synchrotron_beamline   31-ID 
_diffrn_source.pdbx_wavelength             ? 
_diffrn_source.pdbx_wavelength_list        0.97960 
# 
_reflns.entry_id                     3BUT 
_reflns.observed_criterion_sigma_I   -0.500 
_reflns.observed_criterion_sigma_F   ? 
_reflns.d_resolution_low             50.000 
_reflns.d_resolution_high            1.900 
_reflns.number_obs                   9264 
_reflns.number_all                   ? 
_reflns.percent_possible_obs         99.6 
_reflns.pdbx_Rmerge_I_obs            0.142 
_reflns.pdbx_Rsym_value              ? 
_reflns.pdbx_netI_over_sigmaI        4.4000 
_reflns.B_iso_Wilson_estimate        34.66 
_reflns.pdbx_redundancy              7.500 
_reflns.R_free_details               ? 
_reflns.limit_h_max                  ? 
_reflns.limit_h_min                  ? 
_reflns.limit_k_max                  ? 
_reflns.limit_k_min                  ? 
_reflns.limit_l_max                  ? 
_reflns.limit_l_min                  ? 
_reflns.observed_criterion_F_max     ? 
_reflns.observed_criterion_F_min     ? 
_reflns.pdbx_chi_squared             ? 
_reflns.pdbx_scaling_rejects         ? 
_reflns.pdbx_ordinal                 1 
_reflns.pdbx_diffrn_id               1 
# 
_reflns_shell.d_res_high             1.90 
_reflns_shell.d_res_low              1.97 
_reflns_shell.percent_possible_all   97.1 
_reflns_shell.Rmerge_I_obs           0.63 
_reflns_shell.pdbx_Rsym_value        ? 
_reflns_shell.meanI_over_sigI_obs    0.800 
_reflns_shell.pdbx_redundancy        3.40 
_reflns_shell.percent_possible_obs   ? 
_reflns_shell.number_unique_all      ? 
_reflns_shell.number_measured_all    ? 
_reflns_shell.number_measured_obs    ? 
_reflns_shell.number_unique_obs      ? 
_reflns_shell.pdbx_chi_squared       ? 
_reflns_shell.pdbx_ordinal           1 
_reflns_shell.pdbx_diffrn_id         1 
# 
_refine.entry_id                                 3BUT 
_refine.ls_number_reflns_obs                     7375 
_refine.ls_number_reflns_all                     ? 
_refine.pdbx_ls_sigma_I                          ? 
_refine.pdbx_ls_sigma_F                          ? 
_refine.pdbx_data_cutoff_high_absF               ? 
_refine.pdbx_data_cutoff_low_absF                ? 
_refine.pdbx_data_cutoff_high_rms_absF           ? 
_refine.ls_d_res_low                             20.00 
_refine.ls_d_res_high                            1.91 
_refine.ls_percent_reflns_obs                    83.01 
_refine.ls_R_factor_obs                          0.22816 
_refine.ls_R_factor_all                          ? 
_refine.ls_R_factor_R_work                       0.22606 
_refine.ls_R_factor_R_free                       0.29963 
_refine.ls_R_factor_R_free_error                 ? 
_refine.ls_R_factor_R_free_error_details         ? 
_refine.ls_percent_reflns_R_free                 3.0 
_refine.ls_number_reflns_R_free                  231 
_refine.ls_number_parameters                     ? 
_refine.ls_number_restraints                     ? 
_refine.occupancy_min                            ? 
_refine.occupancy_max                            ? 
_refine.correlation_coeff_Fo_to_Fc               0.950 
_refine.correlation_coeff_Fo_to_Fc_free          0.916 
_refine.B_iso_mean                               28.881 
_refine.aniso_B[1][1]                            0.55 
_refine.aniso_B[2][2]                            -0.16 
_refine.aniso_B[3][3]                            -0.40 
_refine.aniso_B[1][2]                            0.00 
_refine.aniso_B[1][3]                            0.00 
_refine.aniso_B[2][3]                            0.00 
_refine.solvent_model_details                    MASK 
_refine.solvent_model_param_ksol                 ? 
_refine.solvent_model_param_bsol                 ? 
_refine.pdbx_solvent_vdw_probe_radii             1.50 
_refine.pdbx_solvent_ion_probe_radii             0.80 
_refine.pdbx_solvent_shrinkage_radii             0.80 
_refine.pdbx_ls_cross_valid_method               THROUGHOUT 
_refine.details                                  
;1. HYDROGENS HAVE BEEN ADDED IN THE RIDING POSITIONS.  
 2. ANISOTROPY CORRECTION WAS APPLIED TO DIFFRACTION DATA.  
 3. UNDEFINED LIGAND OR COFACTOR IS BOUND INTO THE CENTRAL CAVITY,  
 A PART OF IT IS MOST LIKELY A LIPID. THIS LIGAND HAS NOT BEEN MODELED.
;
_refine.pdbx_starting_model                      ? 
_refine.pdbx_method_to_determine_struct          SAD 
_refine.pdbx_isotropic_thermal_model             ? 
_refine.pdbx_stereochemistry_target_values       'MAXIMUM LIKELIHOOD' 
_refine.pdbx_stereochem_target_val_spec_case     ? 
_refine.pdbx_R_Free_selection_details            RANDOM 
_refine.pdbx_overall_ESU_R                       0.278 
_refine.pdbx_overall_ESU_R_Free                  0.236 
_refine.overall_SU_ML                            0.162 
_refine.overall_SU_B                             12.517 
_refine.ls_redundancy_reflns_obs                 ? 
_refine.B_iso_min                                ? 
_refine.B_iso_max                                ? 
_refine.overall_SU_R_Cruickshank_DPI             ? 
_refine.overall_SU_R_free                        ? 
_refine.ls_wR_factor_R_free                      ? 
_refine.ls_wR_factor_R_work                      ? 
_refine.overall_FOM_free_R_set                   ? 
_refine.overall_FOM_work_R_set                   ? 
_refine.pdbx_refine_id                           'X-RAY DIFFRACTION' 
_refine.pdbx_TLS_residual_ADP_flag               'LIKELY RESIDUAL' 
_refine.pdbx_diffrn_id                           1 
_refine.pdbx_overall_phase_error                 ? 
_refine.pdbx_overall_SU_R_free_Cruickshank_DPI   ? 
_refine.pdbx_overall_SU_R_Blow_DPI               ? 
_refine.pdbx_overall_SU_R_free_Blow_DPI          ? 
# 
_refine_hist.pdbx_refine_id                   'X-RAY DIFFRACTION' 
_refine_hist.cycle_id                         LAST 
_refine_hist.pdbx_number_atoms_protein        985 
_refine_hist.pdbx_number_atoms_nucleic_acid   0 
_refine_hist.pdbx_number_atoms_ligand         0 
_refine_hist.number_atoms_solvent             50 
_refine_hist.number_atoms_total               1035 
_refine_hist.d_res_high                       1.91 
_refine_hist.d_res_low                        20.00 
# 
loop_
_refine_ls_restr.type 
_refine_ls_restr.dev_ideal 
_refine_ls_restr.dev_ideal_target 
_refine_ls_restr.weight 
_refine_ls_restr.number 
_refine_ls_restr.pdbx_refine_id 
_refine_ls_restr.pdbx_restraint_function 
r_bond_refined_d             0.007  0.022  ? 1064 'X-RAY DIFFRACTION' ? 
r_bond_other_d               ?      ?      ? ?    'X-RAY DIFFRACTION' ? 
r_angle_refined_deg          1.122  1.959  ? 1454 'X-RAY DIFFRACTION' ? 
r_angle_other_deg            ?      ?      ? ?    'X-RAY DIFFRACTION' ? 
r_dihedral_angle_1_deg       5.489  5.000  ? 140  'X-RAY DIFFRACTION' ? 
r_dihedral_angle_2_deg       36.760 24.091 ? 44   'X-RAY DIFFRACTION' ? 
r_dihedral_angle_3_deg       17.893 15.000 ? 203  'X-RAY DIFFRACTION' ? 
r_dihedral_angle_4_deg       25.339 15.000 ? 7    'X-RAY DIFFRACTION' ? 
r_chiral_restr               0.074  0.200  ? 174  'X-RAY DIFFRACTION' ? 
r_gen_planes_refined         0.003  0.020  ? 777  'X-RAY DIFFRACTION' ? 
r_gen_planes_other           ?      ?      ? ?    'X-RAY DIFFRACTION' ? 
r_nbd_refined                0.127  0.300  ? 363  'X-RAY DIFFRACTION' ? 
r_nbd_other                  ?      ?      ? ?    'X-RAY DIFFRACTION' ? 
r_nbtor_refined              0.299  0.500  ? 701  'X-RAY DIFFRACTION' ? 
r_nbtor_other                ?      ?      ? ?    'X-RAY DIFFRACTION' ? 
r_xyhbond_nbd_refined        0.145  0.500  ? 99   'X-RAY DIFFRACTION' ? 
r_xyhbond_nbd_other          ?      ?      ? ?    'X-RAY DIFFRACTION' ? 
r_metal_ion_refined          ?      ?      ? ?    'X-RAY DIFFRACTION' ? 
r_metal_ion_other            ?      ?      ? ?    'X-RAY DIFFRACTION' ? 
r_symmetry_vdw_refined       0.104  0.300  ? 64   'X-RAY DIFFRACTION' ? 
r_symmetry_vdw_other         ?      ?      ? ?    'X-RAY DIFFRACTION' ? 
r_symmetry_hbond_refined     0.159  0.500  ? 19   'X-RAY DIFFRACTION' ? 
r_symmetry_hbond_other       ?      ?      ? ?    'X-RAY DIFFRACTION' ? 
r_symmetry_metal_ion_refined ?      ?      ? ?    'X-RAY DIFFRACTION' ? 
r_symmetry_metal_ion_other   ?      ?      ? ?    'X-RAY DIFFRACTION' ? 
r_mcbond_it                  5.398  2.500  ? 669  'X-RAY DIFFRACTION' ? 
r_mcbond_other               ?      ?      ? ?    'X-RAY DIFFRACTION' ? 
r_mcangle_it                 6.871  3.000  ? 1073 'X-RAY DIFFRACTION' ? 
r_scbond_it                  10.757 3.500  ? 449  'X-RAY DIFFRACTION' ? 
r_scangle_it                 14.800 5.000  ? 372  'X-RAY DIFFRACTION' ? 
r_rigid_bond_restr           ?      ?      ? ?    'X-RAY DIFFRACTION' ? 
r_sphericity_free            ?      ?      ? ?    'X-RAY DIFFRACTION' ? 
r_sphericity_bonded          ?      ?      ? ?    'X-RAY DIFFRACTION' ? 
# 
_refine_ls_shell.pdbx_total_number_of_bins_used   20 
_refine_ls_shell.d_res_high                       1.91 
_refine_ls_shell.d_res_low                        1.96 
_refine_ls_shell.number_reflns_R_work             107 
_refine_ls_shell.R_factor_R_work                  0.287 
_refine_ls_shell.percent_reflns_obs               16.52 
_refine_ls_shell.R_factor_R_free                  0.36 
_refine_ls_shell.R_factor_R_free_error            ? 
_refine_ls_shell.percent_reflns_R_free            ? 
_refine_ls_shell.number_reflns_R_free             3 
_refine_ls_shell.number_reflns_all                ? 
_refine_ls_shell.R_factor_all                     ? 
_refine_ls_shell.number_reflns_obs                ? 
_refine_ls_shell.redundancy_reflns_obs            ? 
_refine_ls_shell.pdbx_refine_id                   'X-RAY DIFFRACTION' 
# 
_struct.entry_id                  3BUT 
_struct.title                     'Crystal structure of protein Af_0446 from Archaeoglobus fulgidus' 
_struct.pdbx_model_details        ? 
_struct.pdbx_CASP_flag            ? 
_struct.pdbx_model_type_details   ? 
# 
_struct_keywords.entry_id        3BUT 
_struct_keywords.pdbx_keywords   'STRUCTURAL GENOMICS, UNKNOWN FUNCTION' 
_struct_keywords.text            
;LIPID BINDING PROTEIN, BETA BARREL, PROTEIN STRUCTURE INITIATIVE, PSI-2, New York SGX Research Center for Structural Genomics, NYSGXRC, STRUCTURAL GENOMICS, UNKNOWN FUNCTION
;
# 
loop_
_struct_asym.id 
_struct_asym.pdbx_blank_PDB_chainid_flag 
_struct_asym.pdbx_modified 
_struct_asym.entity_id 
_struct_asym.details 
A N N 1 ? 
B N N 2 ? 
# 
_struct_ref.id                         1 
_struct_ref.db_name                    UNP 
_struct_ref.db_code                    O29803_ARCFU 
_struct_ref.pdbx_db_accession          O29803 
_struct_ref.entity_id                  1 
_struct_ref.pdbx_seq_one_letter_code   
;ESVKAMWGVVTDSQTEIVALAKVRNEDVVPIVVSGYHYTIEMNGVKVADGYENSPVTVKPKSKTTLKFSLRLNNSFIREW
WVTHIANGEKTKIRVAIKPTIEVGGRDVEVPVFLRESEFTTKLLS
;
_struct_ref.pdbx_align_begin           2 
_struct_ref.pdbx_db_isoform            ? 
# 
_struct_ref_seq.align_id                      1 
_struct_ref_seq.ref_id                        1 
_struct_ref_seq.pdbx_PDB_id_code              3BUT 
_struct_ref_seq.pdbx_strand_id                A 
_struct_ref_seq.seq_align_beg                 4 
_struct_ref_seq.pdbx_seq_align_beg_ins_code   ? 
_struct_ref_seq.seq_align_end                 128 
_struct_ref_seq.pdbx_seq_align_end_ins_code   ? 
_struct_ref_seq.pdbx_db_accession             O29803 
_struct_ref_seq.db_align_beg                  2 
_struct_ref_seq.pdbx_db_align_beg_ins_code    ? 
_struct_ref_seq.db_align_end                  126 
_struct_ref_seq.pdbx_db_align_end_ins_code    ? 
_struct_ref_seq.pdbx_auth_seq_align_beg       2 
_struct_ref_seq.pdbx_auth_seq_align_end       126 
# 
loop_
_struct_ref_seq_dif.align_id 
_struct_ref_seq_dif.pdbx_pdb_id_code 
_struct_ref_seq_dif.mon_id 
_struct_ref_seq_dif.pdbx_pdb_strand_id 
_struct_ref_seq_dif.seq_num 
_struct_ref_seq_dif.pdbx_pdb_ins_code 
_struct_ref_seq_dif.pdbx_seq_db_name 
_struct_ref_seq_dif.pdbx_seq_db_accession_code 
_struct_ref_seq_dif.db_mon_id 
_struct_ref_seq_dif.pdbx_seq_db_seq_num 
_struct_ref_seq_dif.details 
_struct_ref_seq_dif.pdbx_auth_seq_num 
_struct_ref_seq_dif.pdbx_ordinal 
1 3BUT MSE A 1   ? UNP O29803 ?   ?   'expression tag'      -1  1  
1 3BUT SER A 2   ? UNP O29803 ?   ?   'expression tag'      0   2  
1 3BUT LEU A 3   ? UNP O29803 ?   ?   'expression tag'      1   3  
1 3BUT ALA A 64  ? UNP O29803 LYS 62  'engineered mutation' 62  4  
1 3BUT ALA A 66  ? UNP O29803 LYS 64  'engineered mutation' 64  5  
1 3BUT LEU A 80  ? UNP O29803 ILE 78  'engineered mutation' 78  6  
1 3BUT ILE A 106 ? UNP O29803 VAL 104 'engineered mutation' 104 7  
1 3BUT GLU A 129 ? UNP O29803 ?   ?   'expression tag'      127 8  
1 3BUT GLY A 130 ? UNP O29803 ?   ?   'expression tag'      128 9  
1 3BUT HIS A 131 ? UNP O29803 ?   ?   'expression tag'      129 10 
1 3BUT HIS A 132 ? UNP O29803 ?   ?   'expression tag'      130 11 
1 3BUT HIS A 133 ? UNP O29803 ?   ?   'expression tag'      131 12 
1 3BUT HIS A 134 ? UNP O29803 ?   ?   'expression tag'      132 13 
1 3BUT HIS A 135 ? UNP O29803 ?   ?   'expression tag'      133 14 
1 3BUT HIS A 136 ? UNP O29803 ?   ?   'expression tag'      134 15 
# 
_pdbx_struct_assembly.id                   1 
_pdbx_struct_assembly.details              author_and_software_defined_assembly 
_pdbx_struct_assembly.method_details       PISA 
_pdbx_struct_assembly.oligomeric_details   dimeric 
_pdbx_struct_assembly.oligomeric_count     2 
# 
_pdbx_struct_assembly_prop.biol_id   1 
_pdbx_struct_assembly_prop.type      'ABSA (A^2)' 
_pdbx_struct_assembly_prop.value     1890 
_pdbx_struct_assembly_prop.details   ? 
# 
_pdbx_struct_assembly_gen.assembly_id       1 
_pdbx_struct_assembly_gen.oper_expression   1,2 
_pdbx_struct_assembly_gen.asym_id_list      A,B 
# 
loop_
_pdbx_struct_oper_list.id 
_pdbx_struct_oper_list.type 
_pdbx_struct_oper_list.name 
_pdbx_struct_oper_list.symmetry_operation 
_pdbx_struct_oper_list.matrix[1][1] 
_pdbx_struct_oper_list.matrix[1][2] 
_pdbx_struct_oper_list.matrix[1][3] 
_pdbx_struct_oper_list.vector[1] 
_pdbx_struct_oper_list.matrix[2][1] 
_pdbx_struct_oper_list.matrix[2][2] 
_pdbx_struct_oper_list.matrix[2][3] 
_pdbx_struct_oper_list.vector[2] 
_pdbx_struct_oper_list.matrix[3][1] 
_pdbx_struct_oper_list.matrix[3][2] 
_pdbx_struct_oper_list.matrix[3][3] 
_pdbx_struct_oper_list.vector[3] 
1 'identity operation'         1_555 x,y,z     1.0000000000  0.0000000000  0.0000000000  0.0000000000  0.0000000000  1.0000000000 0.0000000000 0.0000000000  0.0000000000  0.0000000000 1.0000000000  0.0000000000   
2 'crystal symmetry operation' 2_565 -x,-y+1,z -0.8425791553 -0.4612892683 -0.2779794561 31.6648656832 -0.4612892683 0.3517129162 0.8145613762 18.3600944030 -0.2779794561 0.8145613762 -0.5091337609 -12.5354753166 
# 
_struct_biol.id        1 
_struct_biol.details   
'AUTHORS STATE THAT THE DIMERIC ASSEMBLY OF THE BIOLOGICAL UNIT THAT IS SHOWN IN REMARK 350 IS PUTATIVE AT THE TIME OF DEPOSITION.' 
# 
loop_
_struct_conf.conf_type_id 
_struct_conf.id 
_struct_conf.pdbx_PDB_helix_id 
_struct_conf.beg_label_comp_id 
_struct_conf.beg_label_asym_id 
_struct_conf.beg_label_seq_id 
_struct_conf.pdbx_beg_PDB_ins_code 
_struct_conf.end_label_comp_id 
_struct_conf.end_label_asym_id 
_struct_conf.end_label_seq_id 
_struct_conf.pdbx_end_PDB_ins_code 
_struct_conf.beg_auth_comp_id 
_struct_conf.beg_auth_asym_id 
_struct_conf.beg_auth_seq_id 
_struct_conf.end_auth_comp_id 
_struct_conf.end_auth_asym_id 
_struct_conf.end_auth_seq_id 
_struct_conf.pdbx_PDB_helix_class 
_struct_conf.details 
_struct_conf.pdbx_PDB_helix_length 
HELX_P HELX_P1 1 ASN A 77 ? ARG A 81 ? ASN A 75 ARG A 79 1 ? 5 
HELX_P HELX_P2 2 GLU A 82 ? ASN A 90 ? GLU A 80 ASN A 88 1 ? 9 
# 
_struct_conf_type.id          HELX_P 
_struct_conf_type.criteria    ? 
_struct_conf_type.reference   ? 
# 
loop_
_struct_conn.id 
_struct_conn.conn_type_id 
_struct_conn.pdbx_leaving_atom_flag 
_struct_conn.pdbx_PDB_id 
_struct_conn.ptnr1_label_asym_id 
_struct_conn.ptnr1_label_comp_id 
_struct_conn.ptnr1_label_seq_id 
_struct_conn.ptnr1_label_atom_id 
_struct_conn.pdbx_ptnr1_label_alt_id 
_struct_conn.pdbx_ptnr1_PDB_ins_code 
_struct_conn.pdbx_ptnr1_standard_comp_id 
_struct_conn.ptnr1_symmetry 
_struct_conn.ptnr2_label_asym_id 
_struct_conn.ptnr2_label_comp_id 
_struct_conn.ptnr2_label_seq_id 
_struct_conn.ptnr2_label_atom_id 
_struct_conn.pdbx_ptnr2_label_alt_id 
_struct_conn.pdbx_ptnr2_PDB_ins_code 
_struct_conn.ptnr1_auth_asym_id 
_struct_conn.ptnr1_auth_comp_id 
_struct_conn.ptnr1_auth_seq_id 
_struct_conn.ptnr2_auth_asym_id 
_struct_conn.ptnr2_auth_comp_id 
_struct_conn.ptnr2_auth_seq_id 
_struct_conn.ptnr2_symmetry 
_struct_conn.pdbx_ptnr3_label_atom_id 
_struct_conn.pdbx_ptnr3_label_seq_id 
_struct_conn.pdbx_ptnr3_label_comp_id 
_struct_conn.pdbx_ptnr3_label_asym_id 
_struct_conn.pdbx_ptnr3_label_alt_id 
_struct_conn.pdbx_ptnr3_PDB_ins_code 
_struct_conn.details 
_struct_conn.pdbx_dist_value 
_struct_conn.pdbx_value_order 
_struct_conn.pdbx_role 
covale1 covale both ? A ALA 8  C ? ? ? 1_555 A MSE 9  N ? ? A ALA 6  A MSE 7  1_555 ? ? ? ? ? ? ? 1.327 ? ? 
covale2 covale both ? A MSE 9  C ? ? ? 1_555 A TRP 10 N ? ? A MSE 7  A TRP 8  1_555 ? ? ? ? ? ? ? 1.331 ? ? 
covale3 covale both ? A GLU 44 C ? ? ? 1_555 A MSE 45 N ? ? A GLU 42 A MSE 43 1_555 ? ? ? ? ? ? ? 1.329 ? ? 
covale4 covale both ? A MSE 45 C ? ? ? 1_555 A ASN 46 N ? ? A MSE 43 A ASN 44 1_555 ? ? ? ? ? ? ? 1.334 ? ? 
# 
_struct_conn_type.id          covale 
_struct_conn_type.criteria    ? 
_struct_conn_type.reference   ? 
# 
loop_
_pdbx_modification_feature.ordinal 
_pdbx_modification_feature.label_comp_id 
_pdbx_modification_feature.label_asym_id 
_pdbx_modification_feature.label_seq_id 
_pdbx_modification_feature.label_alt_id 
_pdbx_modification_feature.modified_residue_label_comp_id 
_pdbx_modification_feature.modified_residue_label_asym_id 
_pdbx_modification_feature.modified_residue_label_seq_id 
_pdbx_modification_feature.modified_residue_label_alt_id 
_pdbx_modification_feature.auth_comp_id 
_pdbx_modification_feature.auth_asym_id 
_pdbx_modification_feature.auth_seq_id 
_pdbx_modification_feature.PDB_ins_code 
_pdbx_modification_feature.symmetry 
_pdbx_modification_feature.modified_residue_auth_comp_id 
_pdbx_modification_feature.modified_residue_auth_asym_id 
_pdbx_modification_feature.modified_residue_auth_seq_id 
_pdbx_modification_feature.modified_residue_PDB_ins_code 
_pdbx_modification_feature.modified_residue_symmetry 
_pdbx_modification_feature.comp_id_linking_atom 
_pdbx_modification_feature.modified_residue_id_linking_atom 
_pdbx_modification_feature.modified_residue_id 
_pdbx_modification_feature.ref_pcm_id 
_pdbx_modification_feature.ref_comp_id 
_pdbx_modification_feature.type 
_pdbx_modification_feature.category 
1 MSE A 9  ? . . . . MSE A 7  ? 1_555 . . . . . . . MET 1 MSE Selenomethionine 'Named protein modification' 
2 MSE A 45 ? . . . . MSE A 43 ? 1_555 . . . . . . . MET 1 MSE Selenomethionine 'Named protein modification' 
# 
loop_
_struct_sheet.id 
_struct_sheet.type 
_struct_sheet.number_strands 
_struct_sheet.details 
A ? 3 ? 
B ? 4 ? 
C ? 4 ? 
# 
loop_
_struct_sheet_order.sheet_id 
_struct_sheet_order.range_id_1 
_struct_sheet_order.range_id_2 
_struct_sheet_order.offset 
_struct_sheet_order.sense 
A 1 2 ? anti-parallel 
A 2 3 ? anti-parallel 
B 1 2 ? anti-parallel 
B 2 3 ? anti-parallel 
B 3 4 ? anti-parallel 
C 1 2 ? anti-parallel 
C 2 3 ? anti-parallel 
C 3 4 ? anti-parallel 
# 
loop_
_struct_sheet_range.sheet_id 
_struct_sheet_range.id 
_struct_sheet_range.beg_label_comp_id 
_struct_sheet_range.beg_label_asym_id 
_struct_sheet_range.beg_label_seq_id 
_struct_sheet_range.pdbx_beg_PDB_ins_code 
_struct_sheet_range.end_label_comp_id 
_struct_sheet_range.end_label_asym_id 
_struct_sheet_range.end_label_seq_id 
_struct_sheet_range.pdbx_end_PDB_ins_code 
_struct_sheet_range.beg_auth_comp_id 
_struct_sheet_range.beg_auth_asym_id 
_struct_sheet_range.beg_auth_seq_id 
_struct_sheet_range.end_auth_comp_id 
_struct_sheet_range.end_auth_asym_id 
_struct_sheet_range.end_auth_seq_id 
A 1 LEU A 3   ? TRP A 10  ? LEU A 1   TRP A 8   
A 2 GLN A 17  ? ARG A 27  ? GLN A 15  ARG A 25  
A 3 ALA A 66  ? ASN A 76  ? ALA A 64  ASN A 74  
B 1 VAL A 48  ? GLU A 55  ? VAL A 46  GLU A 53  
B 2 ILE A 34  ? MSE A 45  ? ILE A 32  MSE A 43  
B 3 LYS A 93  ? GLU A 105 ? LYS A 91  GLU A 103 
B 4 VAL A 111 ? GLU A 112 ? VAL A 109 GLU A 110 
C 1 VAL A 59  ? VAL A 61  ? VAL A 57  VAL A 59  
C 2 ILE A 34  ? MSE A 45  ? ILE A 32  MSE A 43  
C 3 LYS A 93  ? GLU A 105 ? LYS A 91  GLU A 103 
C 4 PHE A 116 ? THR A 123 ? PHE A 114 THR A 121 
# 
loop_
_pdbx_struct_sheet_hbond.sheet_id 
_pdbx_struct_sheet_hbond.range_id_1 
_pdbx_struct_sheet_hbond.range_id_2 
_pdbx_struct_sheet_hbond.range_1_label_atom_id 
_pdbx_struct_sheet_hbond.range_1_label_comp_id 
_pdbx_struct_sheet_hbond.range_1_label_asym_id 
_pdbx_struct_sheet_hbond.range_1_label_seq_id 
_pdbx_struct_sheet_hbond.range_1_PDB_ins_code 
_pdbx_struct_sheet_hbond.range_1_auth_atom_id 
_pdbx_struct_sheet_hbond.range_1_auth_comp_id 
_pdbx_struct_sheet_hbond.range_1_auth_asym_id 
_pdbx_struct_sheet_hbond.range_1_auth_seq_id 
_pdbx_struct_sheet_hbond.range_2_label_atom_id 
_pdbx_struct_sheet_hbond.range_2_label_comp_id 
_pdbx_struct_sheet_hbond.range_2_label_asym_id 
_pdbx_struct_sheet_hbond.range_2_label_seq_id 
_pdbx_struct_sheet_hbond.range_2_PDB_ins_code 
_pdbx_struct_sheet_hbond.range_2_auth_atom_id 
_pdbx_struct_sheet_hbond.range_2_auth_comp_id 
_pdbx_struct_sheet_hbond.range_2_auth_asym_id 
_pdbx_struct_sheet_hbond.range_2_auth_seq_id 
A 1 2 N GLU A 4   ? N GLU A 2   O LYS A 25  ? O LYS A 23  
A 2 3 N ALA A 24  ? N ALA A 22  O LEU A 69  ? O LEU A 67  
B 1 2 O GLY A 53  ? O GLY A 51  N TYR A 41  ? N TYR A 39  
B 2 3 N HIS A 40  ? N HIS A 38  O LYS A 101 ? O LYS A 99  
B 3 4 N ILE A 104 ? N ILE A 102 O GLU A 112 ? O GLU A 110 
C 1 2 O VAL A 59  ? O VAL A 57  N VAL A 36  ? N VAL A 34  
C 2 3 N HIS A 40  ? N HIS A 38  O LYS A 101 ? O LYS A 99  
C 3 4 N VAL A 98  ? N VAL A 96  O ARG A 118 ? O ARG A 116 
# 
_pdbx_entry_details.entry_id                   3BUT 
_pdbx_entry_details.compound_details           ? 
_pdbx_entry_details.source_details             ? 
_pdbx_entry_details.nonpolymer_details         ? 
_pdbx_entry_details.sequence_details           ? 
_pdbx_entry_details.has_ligand_of_interest     ? 
_pdbx_entry_details.has_protein_modification   Y 
# 
_pdbx_validate_torsion.id              1 
_pdbx_validate_torsion.PDB_model_num   1 
_pdbx_validate_torsion.auth_comp_id    ASP 
_pdbx_validate_torsion.auth_asym_id    A 
_pdbx_validate_torsion.auth_seq_id     50 
_pdbx_validate_torsion.PDB_ins_code    ? 
_pdbx_validate_torsion.label_alt_id    ? 
_pdbx_validate_torsion.phi             -163.35 
_pdbx_validate_torsion.psi             97.77 
# 
_pdbx_SG_project.id                    1 
_pdbx_SG_project.project_name          'PSI, Protein Structure Initiative' 
_pdbx_SG_project.full_name_of_center   'New York SGX Research Center for Structural Genomics' 
_pdbx_SG_project.initial_of_center     NYSGXRC 
# 
loop_
_pdbx_struct_mod_residue.id 
_pdbx_struct_mod_residue.label_asym_id 
_pdbx_struct_mod_residue.label_comp_id 
_pdbx_struct_mod_residue.label_seq_id 
_pdbx_struct_mod_residue.auth_asym_id 
_pdbx_struct_mod_residue.auth_comp_id 
_pdbx_struct_mod_residue.auth_seq_id 
_pdbx_struct_mod_residue.PDB_ins_code 
_pdbx_struct_mod_residue.parent_comp_id 
_pdbx_struct_mod_residue.details 
1 A MSE 9  A MSE 7  ? MET SELENOMETHIONINE 
2 A MSE 45 A MSE 43 ? MET SELENOMETHIONINE 
# 
_pdbx_refine_tls.id               1 
_pdbx_refine_tls.details          ? 
_pdbx_refine_tls.method           refined 
_pdbx_refine_tls.origin_x         0.5269 
_pdbx_refine_tls.origin_y         0.4179 
_pdbx_refine_tls.origin_z         -0.0046 
_pdbx_refine_tls.T[1][1]          0.0493 
_pdbx_refine_tls.T[2][2]          -0.0687 
_pdbx_refine_tls.T[3][3]          -0.0310 
_pdbx_refine_tls.T[1][2]          0.0047 
_pdbx_refine_tls.T[1][3]          0.0067 
_pdbx_refine_tls.T[2][3]          0.0066 
_pdbx_refine_tls.L[1][1]          9.6113 
_pdbx_refine_tls.L[2][2]          1.5876 
_pdbx_refine_tls.L[3][3]          1.4953 
_pdbx_refine_tls.L[1][2]          3.5043 
_pdbx_refine_tls.L[1][3]          -0.7401 
_pdbx_refine_tls.L[2][3]          -0.8173 
_pdbx_refine_tls.S[1][1]          0.0672 
_pdbx_refine_tls.S[1][2]          -0.1902 
_pdbx_refine_tls.S[1][3]          0.1394 
_pdbx_refine_tls.S[2][1]          0.0624 
_pdbx_refine_tls.S[2][2]          -0.1123 
_pdbx_refine_tls.S[2][3]          0.0248 
_pdbx_refine_tls.S[3][1]          -0.1923 
_pdbx_refine_tls.S[3][2]          0.1179 
_pdbx_refine_tls.S[3][3]          0.0450 
_pdbx_refine_tls.pdbx_refine_id   'X-RAY DIFFRACTION' 
# 
_pdbx_refine_tls_group.id                  1 
_pdbx_refine_tls_group.refine_tls_id       1 
_pdbx_refine_tls_group.beg_auth_asym_id    A 
_pdbx_refine_tls_group.beg_auth_seq_id     0 
_pdbx_refine_tls_group.beg_label_asym_id   A 
_pdbx_refine_tls_group.beg_label_seq_id    2 
_pdbx_refine_tls_group.end_auth_asym_id    A 
_pdbx_refine_tls_group.end_auth_seq_id     125 
_pdbx_refine_tls_group.end_label_asym_id   A 
_pdbx_refine_tls_group.end_label_seq_id    127 
_pdbx_refine_tls_group.selection           ? 
_pdbx_refine_tls_group.pdbx_refine_id      'X-RAY DIFFRACTION' 
_pdbx_refine_tls_group.selection_details   ? 
# 
loop_
_pdbx_unobs_or_zero_occ_residues.id 
_pdbx_unobs_or_zero_occ_residues.PDB_model_num 
_pdbx_unobs_or_zero_occ_residues.polymer_flag 
_pdbx_unobs_or_zero_occ_residues.occupancy_flag 
_pdbx_unobs_or_zero_occ_residues.auth_asym_id 
_pdbx_unobs_or_zero_occ_residues.auth_comp_id 
_pdbx_unobs_or_zero_occ_residues.auth_seq_id 
_pdbx_unobs_or_zero_occ_residues.PDB_ins_code 
_pdbx_unobs_or_zero_occ_residues.label_asym_id 
_pdbx_unobs_or_zero_occ_residues.label_comp_id 
_pdbx_unobs_or_zero_occ_residues.label_seq_id 
1  1 Y 1 A MSE -1  ? A MSE 1   
2  1 Y 1 A GLY 106 ? A GLY 108 
3  1 Y 1 A SER 126 ? A SER 128 
4  1 Y 1 A GLU 127 ? A GLU 129 
5  1 Y 1 A GLY 128 ? A GLY 130 
6  1 Y 1 A HIS 129 ? A HIS 131 
7  1 Y 1 A HIS 130 ? A HIS 132 
8  1 Y 1 A HIS 131 ? A HIS 133 
9  1 Y 1 A HIS 132 ? A HIS 134 
10 1 Y 1 A HIS 133 ? A HIS 135 
11 1 Y 1 A HIS 134 ? A HIS 136 
# 
loop_
_chem_comp_atom.comp_id 
_chem_comp_atom.atom_id 
_chem_comp_atom.type_symbol 
_chem_comp_atom.pdbx_aromatic_flag 
_chem_comp_atom.pdbx_stereo_config 
_chem_comp_atom.pdbx_ordinal 
ALA N    N  N N 1   
ALA CA   C  N S 2   
ALA C    C  N N 3   
ALA O    O  N N 4   
ALA CB   C  N N 5   
ALA OXT  O  N N 6   
ALA H    H  N N 7   
ALA H2   H  N N 8   
ALA HA   H  N N 9   
ALA HB1  H  N N 10  
ALA HB2  H  N N 11  
ALA HB3  H  N N 12  
ALA HXT  H  N N 13  
ARG N    N  N N 14  
ARG CA   C  N S 15  
ARG C    C  N N 16  
ARG O    O  N N 17  
ARG CB   C  N N 18  
ARG CG   C  N N 19  
ARG CD   C  N N 20  
ARG NE   N  N N 21  
ARG CZ   C  N N 22  
ARG NH1  N  N N 23  
ARG NH2  N  N N 24  
ARG OXT  O  N N 25  
ARG H    H  N N 26  
ARG H2   H  N N 27  
ARG HA   H  N N 28  
ARG HB2  H  N N 29  
ARG HB3  H  N N 30  
ARG HG2  H  N N 31  
ARG HG3  H  N N 32  
ARG HD2  H  N N 33  
ARG HD3  H  N N 34  
ARG HE   H  N N 35  
ARG HH11 H  N N 36  
ARG HH12 H  N N 37  
ARG HH21 H  N N 38  
ARG HH22 H  N N 39  
ARG HXT  H  N N 40  
ASN N    N  N N 41  
ASN CA   C  N S 42  
ASN C    C  N N 43  
ASN O    O  N N 44  
ASN CB   C  N N 45  
ASN CG   C  N N 46  
ASN OD1  O  N N 47  
ASN ND2  N  N N 48  
ASN OXT  O  N N 49  
ASN H    H  N N 50  
ASN H2   H  N N 51  
ASN HA   H  N N 52  
ASN HB2  H  N N 53  
ASN HB3  H  N N 54  
ASN HD21 H  N N 55  
ASN HD22 H  N N 56  
ASN HXT  H  N N 57  
ASP N    N  N N 58  
ASP CA   C  N S 59  
ASP C    C  N N 60  
ASP O    O  N N 61  
ASP CB   C  N N 62  
ASP CG   C  N N 63  
ASP OD1  O  N N 64  
ASP OD2  O  N N 65  
ASP OXT  O  N N 66  
ASP H    H  N N 67  
ASP H2   H  N N 68  
ASP HA   H  N N 69  
ASP HB2  H  N N 70  
ASP HB3  H  N N 71  
ASP HD2  H  N N 72  
ASP HXT  H  N N 73  
GLN N    N  N N 74  
GLN CA   C  N S 75  
GLN C    C  N N 76  
GLN O    O  N N 77  
GLN CB   C  N N 78  
GLN CG   C  N N 79  
GLN CD   C  N N 80  
GLN OE1  O  N N 81  
GLN NE2  N  N N 82  
GLN OXT  O  N N 83  
GLN H    H  N N 84  
GLN H2   H  N N 85  
GLN HA   H  N N 86  
GLN HB2  H  N N 87  
GLN HB3  H  N N 88  
GLN HG2  H  N N 89  
GLN HG3  H  N N 90  
GLN HE21 H  N N 91  
GLN HE22 H  N N 92  
GLN HXT  H  N N 93  
GLU N    N  N N 94  
GLU CA   C  N S 95  
GLU C    C  N N 96  
GLU O    O  N N 97  
GLU CB   C  N N 98  
GLU CG   C  N N 99  
GLU CD   C  N N 100 
GLU OE1  O  N N 101 
GLU OE2  O  N N 102 
GLU OXT  O  N N 103 
GLU H    H  N N 104 
GLU H2   H  N N 105 
GLU HA   H  N N 106 
GLU HB2  H  N N 107 
GLU HB3  H  N N 108 
GLU HG2  H  N N 109 
GLU HG3  H  N N 110 
GLU HE2  H  N N 111 
GLU HXT  H  N N 112 
GLY N    N  N N 113 
GLY CA   C  N N 114 
GLY C    C  N N 115 
GLY O    O  N N 116 
GLY OXT  O  N N 117 
GLY H    H  N N 118 
GLY H2   H  N N 119 
GLY HA2  H  N N 120 
GLY HA3  H  N N 121 
GLY HXT  H  N N 122 
HIS N    N  N N 123 
HIS CA   C  N S 124 
HIS C    C  N N 125 
HIS O    O  N N 126 
HIS CB   C  N N 127 
HIS CG   C  Y N 128 
HIS ND1  N  Y N 129 
HIS CD2  C  Y N 130 
HIS CE1  C  Y N 131 
HIS NE2  N  Y N 132 
HIS OXT  O  N N 133 
HIS H    H  N N 134 
HIS H2   H  N N 135 
HIS HA   H  N N 136 
HIS HB2  H  N N 137 
HIS HB3  H  N N 138 
HIS HD1  H  N N 139 
HIS HD2  H  N N 140 
HIS HE1  H  N N 141 
HIS HE2  H  N N 142 
HIS HXT  H  N N 143 
HOH O    O  N N 144 
HOH H1   H  N N 145 
HOH H2   H  N N 146 
ILE N    N  N N 147 
ILE CA   C  N S 148 
ILE C    C  N N 149 
ILE O    O  N N 150 
ILE CB   C  N S 151 
ILE CG1  C  N N 152 
ILE CG2  C  N N 153 
ILE CD1  C  N N 154 
ILE OXT  O  N N 155 
ILE H    H  N N 156 
ILE H2   H  N N 157 
ILE HA   H  N N 158 
ILE HB   H  N N 159 
ILE HG12 H  N N 160 
ILE HG13 H  N N 161 
ILE HG21 H  N N 162 
ILE HG22 H  N N 163 
ILE HG23 H  N N 164 
ILE HD11 H  N N 165 
ILE HD12 H  N N 166 
ILE HD13 H  N N 167 
ILE HXT  H  N N 168 
LEU N    N  N N 169 
LEU CA   C  N S 170 
LEU C    C  N N 171 
LEU O    O  N N 172 
LEU CB   C  N N 173 
LEU CG   C  N N 174 
LEU CD1  C  N N 175 
LEU CD2  C  N N 176 
LEU OXT  O  N N 177 
LEU H    H  N N 178 
LEU H2   H  N N 179 
LEU HA   H  N N 180 
LEU HB2  H  N N 181 
LEU HB3  H  N N 182 
LEU HG   H  N N 183 
LEU HD11 H  N N 184 
LEU HD12 H  N N 185 
LEU HD13 H  N N 186 
LEU HD21 H  N N 187 
LEU HD22 H  N N 188 
LEU HD23 H  N N 189 
LEU HXT  H  N N 190 
LYS N    N  N N 191 
LYS CA   C  N S 192 
LYS C    C  N N 193 
LYS O    O  N N 194 
LYS CB   C  N N 195 
LYS CG   C  N N 196 
LYS CD   C  N N 197 
LYS CE   C  N N 198 
LYS NZ   N  N N 199 
LYS OXT  O  N N 200 
LYS H    H  N N 201 
LYS H2   H  N N 202 
LYS HA   H  N N 203 
LYS HB2  H  N N 204 
LYS HB3  H  N N 205 
LYS HG2  H  N N 206 
LYS HG3  H  N N 207 
LYS HD2  H  N N 208 
LYS HD3  H  N N 209 
LYS HE2  H  N N 210 
LYS HE3  H  N N 211 
LYS HZ1  H  N N 212 
LYS HZ2  H  N N 213 
LYS HZ3  H  N N 214 
LYS HXT  H  N N 215 
MSE N    N  N N 216 
MSE CA   C  N S 217 
MSE C    C  N N 218 
MSE O    O  N N 219 
MSE OXT  O  N N 220 
MSE CB   C  N N 221 
MSE CG   C  N N 222 
MSE SE   SE N N 223 
MSE CE   C  N N 224 
MSE H    H  N N 225 
MSE H2   H  N N 226 
MSE HA   H  N N 227 
MSE HXT  H  N N 228 
MSE HB2  H  N N 229 
MSE HB3  H  N N 230 
MSE HG2  H  N N 231 
MSE HG3  H  N N 232 
MSE HE1  H  N N 233 
MSE HE2  H  N N 234 
MSE HE3  H  N N 235 
PHE N    N  N N 236 
PHE CA   C  N S 237 
PHE C    C  N N 238 
PHE O    O  N N 239 
PHE CB   C  N N 240 
PHE CG   C  Y N 241 
PHE CD1  C  Y N 242 
PHE CD2  C  Y N 243 
PHE CE1  C  Y N 244 
PHE CE2  C  Y N 245 
PHE CZ   C  Y N 246 
PHE OXT  O  N N 247 
PHE H    H  N N 248 
PHE H2   H  N N 249 
PHE HA   H  N N 250 
PHE HB2  H  N N 251 
PHE HB3  H  N N 252 
PHE HD1  H  N N 253 
PHE HD2  H  N N 254 
PHE HE1  H  N N 255 
PHE HE2  H  N N 256 
PHE HZ   H  N N 257 
PHE HXT  H  N N 258 
PRO N    N  N N 259 
PRO CA   C  N S 260 
PRO C    C  N N 261 
PRO O    O  N N 262 
PRO CB   C  N N 263 
PRO CG   C  N N 264 
PRO CD   C  N N 265 
PRO OXT  O  N N 266 
PRO H    H  N N 267 
PRO HA   H  N N 268 
PRO HB2  H  N N 269 
PRO HB3  H  N N 270 
PRO HG2  H  N N 271 
PRO HG3  H  N N 272 
PRO HD2  H  N N 273 
PRO HD3  H  N N 274 
PRO HXT  H  N N 275 
SER N    N  N N 276 
SER CA   C  N S 277 
SER C    C  N N 278 
SER O    O  N N 279 
SER CB   C  N N 280 
SER OG   O  N N 281 
SER OXT  O  N N 282 
SER H    H  N N 283 
SER H2   H  N N 284 
SER HA   H  N N 285 
SER HB2  H  N N 286 
SER HB3  H  N N 287 
SER HG   H  N N 288 
SER HXT  H  N N 289 
THR N    N  N N 290 
THR CA   C  N S 291 
THR C    C  N N 292 
THR O    O  N N 293 
THR CB   C  N R 294 
THR OG1  O  N N 295 
THR CG2  C  N N 296 
THR OXT  O  N N 297 
THR H    H  N N 298 
THR H2   H  N N 299 
THR HA   H  N N 300 
THR HB   H  N N 301 
THR HG1  H  N N 302 
THR HG21 H  N N 303 
THR HG22 H  N N 304 
THR HG23 H  N N 305 
THR HXT  H  N N 306 
TRP N    N  N N 307 
TRP CA   C  N S 308 
TRP C    C  N N 309 
TRP O    O  N N 310 
TRP CB   C  N N 311 
TRP CG   C  Y N 312 
TRP CD1  C  Y N 313 
TRP CD2  C  Y N 314 
TRP NE1  N  Y N 315 
TRP CE2  C  Y N 316 
TRP CE3  C  Y N 317 
TRP CZ2  C  Y N 318 
TRP CZ3  C  Y N 319 
TRP CH2  C  Y N 320 
TRP OXT  O  N N 321 
TRP H    H  N N 322 
TRP H2   H  N N 323 
TRP HA   H  N N 324 
TRP HB2  H  N N 325 
TRP HB3  H  N N 326 
TRP HD1  H  N N 327 
TRP HE1  H  N N 328 
TRP HE3  H  N N 329 
TRP HZ2  H  N N 330 
TRP HZ3  H  N N 331 
TRP HH2  H  N N 332 
TRP HXT  H  N N 333 
TYR N    N  N N 334 
TYR CA   C  N S 335 
TYR C    C  N N 336 
TYR O    O  N N 337 
TYR CB   C  N N 338 
TYR CG   C  Y N 339 
TYR CD1  C  Y N 340 
TYR CD2  C  Y N 341 
TYR CE1  C  Y N 342 
TYR CE2  C  Y N 343 
TYR CZ   C  Y N 344 
TYR OH   O  N N 345 
TYR OXT  O  N N 346 
TYR H    H  N N 347 
TYR H2   H  N N 348 
TYR HA   H  N N 349 
TYR HB2  H  N N 350 
TYR HB3  H  N N 351 
TYR HD1  H  N N 352 
TYR HD2  H  N N 353 
TYR HE1  H  N N 354 
TYR HE2  H  N N 355 
TYR HH   H  N N 356 
TYR HXT  H  N N 357 
VAL N    N  N N 358 
VAL CA   C  N S 359 
VAL C    C  N N 360 
VAL O    O  N N 361 
VAL CB   C  N N 362 
VAL CG1  C  N N 363 
VAL CG2  C  N N 364 
VAL OXT  O  N N 365 
VAL H    H  N N 366 
VAL H2   H  N N 367 
VAL HA   H  N N 368 
VAL HB   H  N N 369 
VAL HG11 H  N N 370 
VAL HG12 H  N N 371 
VAL HG13 H  N N 372 
VAL HG21 H  N N 373 
VAL HG22 H  N N 374 
VAL HG23 H  N N 375 
VAL HXT  H  N N 376 
# 
loop_
_chem_comp_bond.comp_id 
_chem_comp_bond.atom_id_1 
_chem_comp_bond.atom_id_2 
_chem_comp_bond.value_order 
_chem_comp_bond.pdbx_aromatic_flag 
_chem_comp_bond.pdbx_stereo_config 
_chem_comp_bond.pdbx_ordinal 
ALA N   CA   sing N N 1   
ALA N   H    sing N N 2   
ALA N   H2   sing N N 3   
ALA CA  C    sing N N 4   
ALA CA  CB   sing N N 5   
ALA CA  HA   sing N N 6   
ALA C   O    doub N N 7   
ALA C   OXT  sing N N 8   
ALA CB  HB1  sing N N 9   
ALA CB  HB2  sing N N 10  
ALA CB  HB3  sing N N 11  
ALA OXT HXT  sing N N 12  
ARG N   CA   sing N N 13  
ARG N   H    sing N N 14  
ARG N   H2   sing N N 15  
ARG CA  C    sing N N 16  
ARG CA  CB   sing N N 17  
ARG CA  HA   sing N N 18  
ARG C   O    doub N N 19  
ARG C   OXT  sing N N 20  
ARG CB  CG   sing N N 21  
ARG CB  HB2  sing N N 22  
ARG CB  HB3  sing N N 23  
ARG CG  CD   sing N N 24  
ARG CG  HG2  sing N N 25  
ARG CG  HG3  sing N N 26  
ARG CD  NE   sing N N 27  
ARG CD  HD2  sing N N 28  
ARG CD  HD3  sing N N 29  
ARG NE  CZ   sing N N 30  
ARG NE  HE   sing N N 31  
ARG CZ  NH1  sing N N 32  
ARG CZ  NH2  doub N N 33  
ARG NH1 HH11 sing N N 34  
ARG NH1 HH12 sing N N 35  
ARG NH2 HH21 sing N N 36  
ARG NH2 HH22 sing N N 37  
ARG OXT HXT  sing N N 38  
ASN N   CA   sing N N 39  
ASN N   H    sing N N 40  
ASN N   H2   sing N N 41  
ASN CA  C    sing N N 42  
ASN CA  CB   sing N N 43  
ASN CA  HA   sing N N 44  
ASN C   O    doub N N 45  
ASN C   OXT  sing N N 46  
ASN CB  CG   sing N N 47  
ASN CB  HB2  sing N N 48  
ASN CB  HB3  sing N N 49  
ASN CG  OD1  doub N N 50  
ASN CG  ND2  sing N N 51  
ASN ND2 HD21 sing N N 52  
ASN ND2 HD22 sing N N 53  
ASN OXT HXT  sing N N 54  
ASP N   CA   sing N N 55  
ASP N   H    sing N N 56  
ASP N   H2   sing N N 57  
ASP CA  C    sing N N 58  
ASP CA  CB   sing N N 59  
ASP CA  HA   sing N N 60  
ASP C   O    doub N N 61  
ASP C   OXT  sing N N 62  
ASP CB  CG   sing N N 63  
ASP CB  HB2  sing N N 64  
ASP CB  HB3  sing N N 65  
ASP CG  OD1  doub N N 66  
ASP CG  OD2  sing N N 67  
ASP OD2 HD2  sing N N 68  
ASP OXT HXT  sing N N 69  
GLN N   CA   sing N N 70  
GLN N   H    sing N N 71  
GLN N   H2   sing N N 72  
GLN CA  C    sing N N 73  
GLN CA  CB   sing N N 74  
GLN CA  HA   sing N N 75  
GLN C   O    doub N N 76  
GLN C   OXT  sing N N 77  
GLN CB  CG   sing N N 78  
GLN CB  HB2  sing N N 79  
GLN CB  HB3  sing N N 80  
GLN CG  CD   sing N N 81  
GLN CG  HG2  sing N N 82  
GLN CG  HG3  sing N N 83  
GLN CD  OE1  doub N N 84  
GLN CD  NE2  sing N N 85  
GLN NE2 HE21 sing N N 86  
GLN NE2 HE22 sing N N 87  
GLN OXT HXT  sing N N 88  
GLU N   CA   sing N N 89  
GLU N   H    sing N N 90  
GLU N   H2   sing N N 91  
GLU CA  C    sing N N 92  
GLU CA  CB   sing N N 93  
GLU CA  HA   sing N N 94  
GLU C   O    doub N N 95  
GLU C   OXT  sing N N 96  
GLU CB  CG   sing N N 97  
GLU CB  HB2  sing N N 98  
GLU CB  HB3  sing N N 99  
GLU CG  CD   sing N N 100 
GLU CG  HG2  sing N N 101 
GLU CG  HG3  sing N N 102 
GLU CD  OE1  doub N N 103 
GLU CD  OE2  sing N N 104 
GLU OE2 HE2  sing N N 105 
GLU OXT HXT  sing N N 106 
GLY N   CA   sing N N 107 
GLY N   H    sing N N 108 
GLY N   H2   sing N N 109 
GLY CA  C    sing N N 110 
GLY CA  HA2  sing N N 111 
GLY CA  HA3  sing N N 112 
GLY C   O    doub N N 113 
GLY C   OXT  sing N N 114 
GLY OXT HXT  sing N N 115 
HIS N   CA   sing N N 116 
HIS N   H    sing N N 117 
HIS N   H2   sing N N 118 
HIS CA  C    sing N N 119 
HIS CA  CB   sing N N 120 
HIS CA  HA   sing N N 121 
HIS C   O    doub N N 122 
HIS C   OXT  sing N N 123 
HIS CB  CG   sing N N 124 
HIS CB  HB2  sing N N 125 
HIS CB  HB3  sing N N 126 
HIS CG  ND1  sing Y N 127 
HIS CG  CD2  doub Y N 128 
HIS ND1 CE1  doub Y N 129 
HIS ND1 HD1  sing N N 130 
HIS CD2 NE2  sing Y N 131 
HIS CD2 HD2  sing N N 132 
HIS CE1 NE2  sing Y N 133 
HIS CE1 HE1  sing N N 134 
HIS NE2 HE2  sing N N 135 
HIS OXT HXT  sing N N 136 
HOH O   H1   sing N N 137 
HOH O   H2   sing N N 138 
ILE N   CA   sing N N 139 
ILE N   H    sing N N 140 
ILE N   H2   sing N N 141 
ILE CA  C    sing N N 142 
ILE CA  CB   sing N N 143 
ILE CA  HA   sing N N 144 
ILE C   O    doub N N 145 
ILE C   OXT  sing N N 146 
ILE CB  CG1  sing N N 147 
ILE CB  CG2  sing N N 148 
ILE CB  HB   sing N N 149 
ILE CG1 CD1  sing N N 150 
ILE CG1 HG12 sing N N 151 
ILE CG1 HG13 sing N N 152 
ILE CG2 HG21 sing N N 153 
ILE CG2 HG22 sing N N 154 
ILE CG2 HG23 sing N N 155 
ILE CD1 HD11 sing N N 156 
ILE CD1 HD12 sing N N 157 
ILE CD1 HD13 sing N N 158 
ILE OXT HXT  sing N N 159 
LEU N   CA   sing N N 160 
LEU N   H    sing N N 161 
LEU N   H2   sing N N 162 
LEU CA  C    sing N N 163 
LEU CA  CB   sing N N 164 
LEU CA  HA   sing N N 165 
LEU C   O    doub N N 166 
LEU C   OXT  sing N N 167 
LEU CB  CG   sing N N 168 
LEU CB  HB2  sing N N 169 
LEU CB  HB3  sing N N 170 
LEU CG  CD1  sing N N 171 
LEU CG  CD2  sing N N 172 
LEU CG  HG   sing N N 173 
LEU CD1 HD11 sing N N 174 
LEU CD1 HD12 sing N N 175 
LEU CD1 HD13 sing N N 176 
LEU CD2 HD21 sing N N 177 
LEU CD2 HD22 sing N N 178 
LEU CD2 HD23 sing N N 179 
LEU OXT HXT  sing N N 180 
LYS N   CA   sing N N 181 
LYS N   H    sing N N 182 
LYS N   H2   sing N N 183 
LYS CA  C    sing N N 184 
LYS CA  CB   sing N N 185 
LYS CA  HA   sing N N 186 
LYS C   O    doub N N 187 
LYS C   OXT  sing N N 188 
LYS CB  CG   sing N N 189 
LYS CB  HB2  sing N N 190 
LYS CB  HB3  sing N N 191 
LYS CG  CD   sing N N 192 
LYS CG  HG2  sing N N 193 
LYS CG  HG3  sing N N 194 
LYS CD  CE   sing N N 195 
LYS CD  HD2  sing N N 196 
LYS CD  HD3  sing N N 197 
LYS CE  NZ   sing N N 198 
LYS CE  HE2  sing N N 199 
LYS CE  HE3  sing N N 200 
LYS NZ  HZ1  sing N N 201 
LYS NZ  HZ2  sing N N 202 
LYS NZ  HZ3  sing N N 203 
LYS OXT HXT  sing N N 204 
MSE N   CA   sing N N 205 
MSE N   H    sing N N 206 
MSE N   H2   sing N N 207 
MSE CA  C    sing N N 208 
MSE CA  CB   sing N N 209 
MSE CA  HA   sing N N 210 
MSE C   O    doub N N 211 
MSE C   OXT  sing N N 212 
MSE OXT HXT  sing N N 213 
MSE CB  CG   sing N N 214 
MSE CB  HB2  sing N N 215 
MSE CB  HB3  sing N N 216 
MSE CG  SE   sing N N 217 
MSE CG  HG2  sing N N 218 
MSE CG  HG3  sing N N 219 
MSE SE  CE   sing N N 220 
MSE CE  HE1  sing N N 221 
MSE CE  HE2  sing N N 222 
MSE CE  HE3  sing N N 223 
PHE N   CA   sing N N 224 
PHE N   H    sing N N 225 
PHE N   H2   sing N N 226 
PHE CA  C    sing N N 227 
PHE CA  CB   sing N N 228 
PHE CA  HA   sing N N 229 
PHE C   O    doub N N 230 
PHE C   OXT  sing N N 231 
PHE CB  CG   sing N N 232 
PHE CB  HB2  sing N N 233 
PHE CB  HB3  sing N N 234 
PHE CG  CD1  doub Y N 235 
PHE CG  CD2  sing Y N 236 
PHE CD1 CE1  sing Y N 237 
PHE CD1 HD1  sing N N 238 
PHE CD2 CE2  doub Y N 239 
PHE CD2 HD2  sing N N 240 
PHE CE1 CZ   doub Y N 241 
PHE CE1 HE1  sing N N 242 
PHE CE2 CZ   sing Y N 243 
PHE CE2 HE2  sing N N 244 
PHE CZ  HZ   sing N N 245 
PHE OXT HXT  sing N N 246 
PRO N   CA   sing N N 247 
PRO N   CD   sing N N 248 
PRO N   H    sing N N 249 
PRO CA  C    sing N N 250 
PRO CA  CB   sing N N 251 
PRO CA  HA   sing N N 252 
PRO C   O    doub N N 253 
PRO C   OXT  sing N N 254 
PRO CB  CG   sing N N 255 
PRO CB  HB2  sing N N 256 
PRO CB  HB3  sing N N 257 
PRO CG  CD   sing N N 258 
PRO CG  HG2  sing N N 259 
PRO CG  HG3  sing N N 260 
PRO CD  HD2  sing N N 261 
PRO CD  HD3  sing N N 262 
PRO OXT HXT  sing N N 263 
SER N   CA   sing N N 264 
SER N   H    sing N N 265 
SER N   H2   sing N N 266 
SER CA  C    sing N N 267 
SER CA  CB   sing N N 268 
SER CA  HA   sing N N 269 
SER C   O    doub N N 270 
SER C   OXT  sing N N 271 
SER CB  OG   sing N N 272 
SER CB  HB2  sing N N 273 
SER CB  HB3  sing N N 274 
SER OG  HG   sing N N 275 
SER OXT HXT  sing N N 276 
THR N   CA   sing N N 277 
THR N   H    sing N N 278 
THR N   H2   sing N N 279 
THR CA  C    sing N N 280 
THR CA  CB   sing N N 281 
THR CA  HA   sing N N 282 
THR C   O    doub N N 283 
THR C   OXT  sing N N 284 
THR CB  OG1  sing N N 285 
THR CB  CG2  sing N N 286 
THR CB  HB   sing N N 287 
THR OG1 HG1  sing N N 288 
THR CG2 HG21 sing N N 289 
THR CG2 HG22 sing N N 290 
THR CG2 HG23 sing N N 291 
THR OXT HXT  sing N N 292 
TRP N   CA   sing N N 293 
TRP N   H    sing N N 294 
TRP N   H2   sing N N 295 
TRP CA  C    sing N N 296 
TRP CA  CB   sing N N 297 
TRP CA  HA   sing N N 298 
TRP C   O    doub N N 299 
TRP C   OXT  sing N N 300 
TRP CB  CG   sing N N 301 
TRP CB  HB2  sing N N 302 
TRP CB  HB3  sing N N 303 
TRP CG  CD1  doub Y N 304 
TRP CG  CD2  sing Y N 305 
TRP CD1 NE1  sing Y N 306 
TRP CD1 HD1  sing N N 307 
TRP CD2 CE2  doub Y N 308 
TRP CD2 CE3  sing Y N 309 
TRP NE1 CE2  sing Y N 310 
TRP NE1 HE1  sing N N 311 
TRP CE2 CZ2  sing Y N 312 
TRP CE3 CZ3  doub Y N 313 
TRP CE3 HE3  sing N N 314 
TRP CZ2 CH2  doub Y N 315 
TRP CZ2 HZ2  sing N N 316 
TRP CZ3 CH2  sing Y N 317 
TRP CZ3 HZ3  sing N N 318 
TRP CH2 HH2  sing N N 319 
TRP OXT HXT  sing N N 320 
TYR N   CA   sing N N 321 
TYR N   H    sing N N 322 
TYR N   H2   sing N N 323 
TYR CA  C    sing N N 324 
TYR CA  CB   sing N N 325 
TYR CA  HA   sing N N 326 
TYR C   O    doub N N 327 
TYR C   OXT  sing N N 328 
TYR CB  CG   sing N N 329 
TYR CB  HB2  sing N N 330 
TYR CB  HB3  sing N N 331 
TYR CG  CD1  doub Y N 332 
TYR CG  CD2  sing Y N 333 
TYR CD1 CE1  sing Y N 334 
TYR CD1 HD1  sing N N 335 
TYR CD2 CE2  doub Y N 336 
TYR CD2 HD2  sing N N 337 
TYR CE1 CZ   doub Y N 338 
TYR CE1 HE1  sing N N 339 
TYR CE2 CZ   sing Y N 340 
TYR CE2 HE2  sing N N 341 
TYR CZ  OH   sing N N 342 
TYR OH  HH   sing N N 343 
TYR OXT HXT  sing N N 344 
VAL N   CA   sing N N 345 
VAL N   H    sing N N 346 
VAL N   H2   sing N N 347 
VAL CA  C    sing N N 348 
VAL CA  CB   sing N N 349 
VAL CA  HA   sing N N 350 
VAL C   O    doub N N 351 
VAL C   OXT  sing N N 352 
VAL CB  CG1  sing N N 353 
VAL CB  CG2  sing N N 354 
VAL CB  HB   sing N N 355 
VAL CG1 HG11 sing N N 356 
VAL CG1 HG12 sing N N 357 
VAL CG1 HG13 sing N N 358 
VAL CG2 HG21 sing N N 359 
VAL CG2 HG22 sing N N 360 
VAL CG2 HG23 sing N N 361 
VAL OXT HXT  sing N N 362 
# 
_atom_sites.entry_id                    3BUT 
_atom_sites.fract_transf_matrix[1][1]   0.00456789 
_atom_sites.fract_transf_matrix[1][2]   0.00422247 
_atom_sites.fract_transf_matrix[1][3]   -0.00442011 
_atom_sites.fract_transf_matrix[2][1]   0.02648461 
_atom_sites.fract_transf_matrix[2][2]   -0.00473157 
_atom_sites.fract_transf_matrix[2][3]   0.02285008 
_atom_sites.fract_transf_matrix[3][1]   0.00950713 
_atom_sites.fract_transf_matrix[3][2]   -0.02785867 
_atom_sites.fract_transf_matrix[3][3]   -0.01678803 
_atom_sites.fract_transf_vector[1]      -0.138787 
_atom_sites.fract_transf_vector[2]      0.267335 
_atom_sites.fract_transf_vector[3]      -0.264742 
# 
loop_
_atom_type.symbol 
C  
N  
O  
SE 
# 
loop_
_atom_site.group_PDB 
_atom_site.id 
_atom_site.type_symbol 
_atom_site.label_atom_id 
_atom_site.label_alt_id 
_atom_site.label_comp_id 
_atom_site.label_asym_id 
_atom_site.label_entity_id 
_atom_site.label_seq_id 
_atom_site.pdbx_PDB_ins_code 
_atom_site.Cartn_x 
_atom_site.Cartn_y 
_atom_site.Cartn_z 
_atom_site.occupancy 
_atom_site.B_iso_or_equiv 
_atom_site.pdbx_formal_charge 
_atom_site.auth_seq_id 
_atom_site.auth_comp_id 
_atom_site.auth_asym_id 
_atom_site.auth_atom_id 
_atom_site.pdbx_PDB_model_num 
ATOM   1    N  N   . SER A 1 2   ? -11.311 -13.568 -1.239  1.00 31.21 ? 0   SER A N   1 
ATOM   2    C  CA  A SER A 1 2   ? -9.994  -14.011 -1.775  0.50 24.22 ? 0   SER A CA  1 
ATOM   3    C  CA  B SER A 1 2   ? -9.981  -13.996 -1.751  0.50 22.85 ? 0   SER A CA  1 
ATOM   4    C  C   . SER A 1 2   ? -9.374  -12.942 -2.668  1.00 20.26 ? 0   SER A C   1 
ATOM   5    O  O   . SER A 1 2   ? -10.071 -12.290 -3.435  1.00 26.55 ? 0   SER A O   1 
ATOM   6    C  CB  A SER A 1 2   ? -10.156 -15.315 -2.558  0.50 26.13 ? 0   SER A CB  1 
ATOM   7    C  CB  B SER A 1 2   ? -10.090 -15.330 -2.489  0.50 25.01 ? 0   SER A CB  1 
ATOM   8    O  OG  A SER A 1 2   ? -8.912  -15.773 -3.060  0.50 32.69 ? 0   SER A OG  1 
ATOM   9    O  OG  B SER A 1 2   ? -10.692 -15.167 -3.760  0.50 24.46 ? 0   SER A OG  1 
ATOM   10   N  N   . LEU A 1 3   ? -8.064  -12.781 -2.575  1.00 16.29 ? 1   LEU A N   1 
ATOM   11   C  CA  . LEU A 1 3   ? -7.347  -11.836 -3.417  1.00 17.97 ? 1   LEU A CA  1 
ATOM   12   C  C   . LEU A 1 3   ? -6.988  -12.523 -4.726  1.00 16.24 ? 1   LEU A C   1 
ATOM   13   O  O   . LEU A 1 3   ? -6.327  -13.564 -4.718  1.00 22.53 ? 1   LEU A O   1 
ATOM   14   C  CB  . LEU A 1 3   ? -6.090  -11.366 -2.690  1.00 20.12 ? 1   LEU A CB  1 
ATOM   15   C  CG  . LEU A 1 3   ? -5.122  -10.380 -3.329  1.00 18.20 ? 1   LEU A CG  1 
ATOM   16   C  CD1 . LEU A 1 3   ? -5.819  -9.055  -3.581  1.00 19.16 ? 1   LEU A CD1 1 
ATOM   17   C  CD2 . LEU A 1 3   ? -3.971  -10.201 -2.382  1.00 18.20 ? 1   LEU A CD2 1 
ATOM   18   N  N   . GLU A 1 4   ? -7.429  -11.957 -5.848  1.00 13.99 ? 2   GLU A N   1 
ATOM   19   C  CA  . GLU A 1 4   ? -7.193  -12.581 -7.157  1.00 19.29 ? 2   GLU A CA  1 
ATOM   20   C  C   . GLU A 1 4   ? -5.907  -12.090 -7.841  1.00 18.71 ? 2   GLU A C   1 
ATOM   21   O  O   . GLU A 1 4   ? -5.157  -12.891 -8.410  1.00 17.28 ? 2   GLU A O   1 
ATOM   22   C  CB  . GLU A 1 4   ? -8.402  -12.393 -8.083  1.00 25.68 ? 2   GLU A CB  1 
ATOM   23   C  CG  . GLU A 1 4   ? -9.769  -12.754 -7.476  1.00 24.28 ? 2   GLU A CG  1 
ATOM   24   C  CD  . GLU A 1 4   ? -10.151 -14.210 -7.653  1.00 43.84 ? 2   GLU A CD  1 
ATOM   25   O  OE1 . GLU A 1 4   ? -9.473  -15.089 -7.076  1.00 55.80 ? 2   GLU A OE1 1 
ATOM   26   O  OE2 . GLU A 1 4   ? -11.149 -14.474 -8.356  1.00 65.56 ? 2   GLU A OE2 1 
ATOM   27   N  N   . SER A 1 5   ? -5.665  -10.780 -7.782  1.00 13.38 ? 3   SER A N   1 
ATOM   28   C  CA  . SER A 1 5   ? -4.474  -10.151 -8.364  1.00 15.43 ? 3   SER A CA  1 
ATOM   29   C  C   . SER A 1 5   ? -4.216  -8.786  -7.733  1.00 19.78 ? 3   SER A C   1 
ATOM   30   O  O   . SER A 1 5   ? -5.140  -8.149  -7.236  1.00 19.06 ? 3   SER A O   1 
ATOM   31   C  CB  . SER A 1 5   ? -4.638  -9.978  -9.876  1.00 24.45 ? 3   SER A CB  1 
ATOM   32   O  OG  . SER A 1 5   ? -5.576  -8.957  -10.173 1.00 30.36 ? 3   SER A OG  1 
ATOM   33   N  N   . VAL A 1 6   ? -2.955  -8.355  -7.743  1.00 21.76 ? 4   VAL A N   1 
ATOM   34   C  CA  . VAL A 1 6   ? -2.570  -6.997  -7.347  1.00 19.10 ? 4   VAL A CA  1 
ATOM   35   C  C   . VAL A 1 6   ? -1.674  -6.420  -8.433  1.00 21.52 ? 4   VAL A C   1 
ATOM   36   O  O   . VAL A 1 6   ? -0.721  -7.068  -8.870  1.00 24.14 ? 4   VAL A O   1 
ATOM   37   C  CB  . VAL A 1 6   ? -1.780  -6.926  -6.006  1.00 23.24 ? 4   VAL A CB  1 
ATOM   38   C  CG1 . VAL A 1 6   ? -1.830  -5.510  -5.439  1.00 30.38 ? 4   VAL A CG1 1 
ATOM   39   C  CG2 . VAL A 1 6   ? -2.304  -7.908  -4.977  1.00 21.42 ? 4   VAL A CG2 1 
ATOM   40   N  N   . LYS A 1 7   ? -1.994  -5.209  -8.874  1.00 21.77 ? 5   LYS A N   1 
ATOM   41   C  CA  . LYS A 1 7   ? -1.207  -4.507  -9.888  1.00 22.40 ? 5   LYS A CA  1 
ATOM   42   C  C   . LYS A 1 7   ? -0.855  -3.101  -9.423  1.00 25.81 ? 5   LYS A C   1 
ATOM   43   O  O   . LYS A 1 7   ? -1.735  -2.314  -9.063  1.00 32.45 ? 5   LYS A O   1 
ATOM   44   C  CB  . LYS A 1 7   ? -1.955  -4.455  -11.225 1.00 19.87 ? 5   LYS A CB  1 
ATOM   45   C  CG  . LYS A 1 7   ? -1.555  -5.538  -12.230 1.00 44.38 ? 5   LYS A CG  1 
ATOM   46   C  CD  . LYS A 1 7   ? -2.264  -6.869  -11.980 1.00 73.81 ? 5   LYS A CD  1 
ATOM   47   C  CE  . LYS A 1 7   ? -1.869  -7.911  -13.020 1.00 78.24 ? 5   LYS A CE  1 
ATOM   48   N  NZ  . LYS A 1 7   ? -2.495  -9.236  -12.754 1.00 76.04 ? 5   LYS A NZ  1 
ATOM   49   N  N   . ALA A 1 8   ? 0.440   -2.795  -9.427  1.00 30.96 ? 6   ALA A N   1 
ATOM   50   C  CA  . ALA A 1 8   ? 0.927   -1.475  -9.048  1.00 19.63 ? 6   ALA A CA  1 
ATOM   51   C  C   . ALA A 1 8   ? 1.178   -0.616  -10.276 1.00 22.16 ? 6   ALA A C   1 
ATOM   52   O  O   . ALA A 1 8   ? 1.603   -1.114  -11.320 1.00 21.55 ? 6   ALA A O   1 
ATOM   53   C  CB  . ALA A 1 8   ? 2.196   -1.592  -8.212  1.00 26.75 ? 6   ALA A CB  1 
HETATM 54   N  N   . MSE A 1 9   ? 0.895   0.674   -10.140 1.00 14.38 ? 7   MSE A N   1 
HETATM 55   C  CA  . MSE A 1 9   ? 1.191   1.657   -11.174 1.00 18.71 ? 7   MSE A CA  1 
HETATM 56   C  C   . MSE A 1 9   ? 1.454   2.999   -10.513 1.00 17.34 ? 7   MSE A C   1 
HETATM 57   O  O   . MSE A 1 9   ? 1.100   3.198   -9.351  1.00 17.99 ? 7   MSE A O   1 
HETATM 58   C  CB  . MSE A 1 9   ? 0.040   1.771   -12.174 1.00 13.23 ? 7   MSE A CB  1 
HETATM 59   C  CG  . MSE A 1 9   ? -1.330  1.680   -11.555 1.00 37.08 ? 7   MSE A CG  1 
HETATM 60   SE SE  . MSE A 1 9   ? -2.729  1.988   -12.844 1.00 43.74 ? 7   MSE A SE  1 
HETATM 61   C  CE  . MSE A 1 9   ? -1.927  1.154   -14.421 1.00 64.59 ? 7   MSE A CE  1 
ATOM   62   N  N   . TRP A 1 10  ? 2.093   3.910   -11.244 1.00 13.50 ? 8   TRP A N   1 
ATOM   63   C  CA  . TRP A 1 10  ? 2.306   5.260   -10.741 1.00 19.87 ? 8   TRP A CA  1 
ATOM   64   C  C   . TRP A 1 10  ? 0.999   6.037   -10.818 1.00 19.93 ? 8   TRP A C   1 
ATOM   65   O  O   . TRP A 1 10  ? 0.197   5.829   -11.727 1.00 18.23 ? 8   TRP A O   1 
ATOM   66   C  CB  . TRP A 1 10  ? 3.411   5.987   -11.522 1.00 17.25 ? 8   TRP A CB  1 
ATOM   67   C  CG  . TRP A 1 10  ? 4.771   5.355   -11.379 1.00 15.37 ? 8   TRP A CG  1 
ATOM   68   C  CD1 . TRP A 1 10  ? 5.435   4.628   -12.322 1.00 8.84  ? 8   TRP A CD1 1 
ATOM   69   C  CD2 . TRP A 1 10  ? 5.618   5.387   -10.228 1.00 10.38 ? 8   TRP A CD2 1 
ATOM   70   N  NE1 . TRP A 1 10  ? 6.645   4.211   -11.833 1.00 10.94 ? 8   TRP A NE1 1 
ATOM   71   C  CE2 . TRP A 1 10  ? 6.783   4.660   -10.548 1.00 13.50 ? 8   TRP A CE2 1 
ATOM   72   C  CE3 . TRP A 1 10  ? 5.506   5.959   -8.954  1.00 14.47 ? 8   TRP A CE3 1 
ATOM   73   C  CZ2 . TRP A 1 10  ? 7.828   4.489   -9.643  1.00 20.40 ? 8   TRP A CZ2 1 
ATOM   74   C  CZ3 . TRP A 1 10  ? 6.545   5.792   -8.059  1.00 18.14 ? 8   TRP A CZ3 1 
ATOM   75   C  CH2 . TRP A 1 10  ? 7.692   5.061   -8.407  1.00 20.43 ? 8   TRP A CH2 1 
ATOM   76   N  N   . GLY A 1 11  ? 0.785   6.917   -9.847  1.00 24.69 ? 9   GLY A N   1 
ATOM   77   C  CA  . GLY A 1 11  ? -0.375  7.799   -9.852  1.00 22.66 ? 9   GLY A CA  1 
ATOM   78   C  C   . GLY A 1 11  ? 0.045   9.215   -10.159 1.00 27.25 ? 9   GLY A C   1 
ATOM   79   O  O   . GLY A 1 11  ? 1.050   9.433   -10.839 1.00 30.88 ? 9   GLY A O   1 
ATOM   80   N  N   . VAL A 1 12  ? -0.733  10.179  -9.669  1.00 34.54 ? 10  VAL A N   1 
ATOM   81   C  CA  . VAL A 1 12  ? -0.420  11.590  -9.869  1.00 32.11 ? 10  VAL A CA  1 
ATOM   82   C  C   . VAL A 1 12  ? 0.833   11.931  -9.076  1.00 32.43 ? 10  VAL A C   1 
ATOM   83   O  O   . VAL A 1 12  ? 0.859   11.828  -7.853  1.00 32.28 ? 10  VAL A O   1 
ATOM   84   C  CB  . VAL A 1 12  ? -1.580  12.531  -9.456  1.00 37.64 ? 10  VAL A CB  1 
ATOM   85   C  CG1 . VAL A 1 12  ? -1.244  13.982  -9.806  1.00 26.90 ? 10  VAL A CG1 1 
ATOM   86   C  CG2 . VAL A 1 12  ? -2.890  12.113  -10.116 1.00 26.04 ? 10  VAL A CG2 1 
ATOM   87   N  N   . VAL A 1 13  ? 1.882   12.306  -9.797  1.00 32.23 ? 11  VAL A N   1 
ATOM   88   C  CA  . VAL A 1 13  ? 3.143   12.661  -9.178  1.00 26.74 ? 11  VAL A CA  1 
ATOM   89   C  C   . VAL A 1 13  ? 3.433   14.132  -9.428  1.00 28.82 ? 11  VAL A C   1 
ATOM   90   O  O   . VAL A 1 13  ? 3.416   14.601  -10.568 1.00 29.12 ? 11  VAL A O   1 
ATOM   91   C  CB  . VAL A 1 13  ? 4.279   11.754  -9.673  1.00 26.11 ? 11  VAL A CB  1 
ATOM   92   C  CG1 . VAL A 1 13  ? 5.640   12.226  -9.158  1.00 29.83 ? 11  VAL A CG1 1 
ATOM   93   C  CG2 . VAL A 1 13  ? 4.011   10.315  -9.239  1.00 29.67 ? 11  VAL A CG2 1 
ATOM   94   N  N   . THR A 1 14  ? 3.648   14.856  -8.335  1.00 32.71 ? 12  THR A N   1 
ATOM   95   C  CA  . THR A 1 14  ? 3.984   16.272  -8.377  1.00 25.20 ? 12  THR A CA  1 
ATOM   96   C  C   . THR A 1 14  ? 5.391   16.447  -7.818  1.00 28.73 ? 12  THR A C   1 
ATOM   97   O  O   . THR A 1 14  ? 6.077   15.460  -7.533  1.00 30.25 ? 12  THR A O   1 
ATOM   98   C  CB  . THR A 1 14  ? 3.000   17.103  -7.537  1.00 24.10 ? 12  THR A CB  1 
ATOM   99   O  OG1 . THR A 1 14  ? 3.038   16.650  -6.177  1.00 27.34 ? 12  THR A OG1 1 
ATOM   100  C  CG2 . THR A 1 14  ? 1.580   16.969  -8.076  1.00 24.10 ? 12  THR A CG2 1 
ATOM   101  N  N   . ASP A 1 15  ? 5.816   17.697  -7.652  1.00 35.88 ? 13  ASP A N   1 
ATOM   102  C  CA  . ASP A 1 15  ? 7.113   17.983  -7.043  1.00 42.86 ? 13  ASP A CA  1 
ATOM   103  C  C   . ASP A 1 15  ? 7.097   17.851  -5.510  1.00 43.62 ? 13  ASP A C   1 
ATOM   104  O  O   . ASP A 1 15  ? 8.153   17.708  -4.888  1.00 39.63 ? 13  ASP A O   1 
ATOM   105  C  CB  . ASP A 1 15  ? 7.640   19.357  -7.484  1.00 45.56 ? 13  ASP A CB  1 
ATOM   106  C  CG  . ASP A 1 15  ? 6.768   20.512  -7.012  1.00 52.53 ? 13  ASP A CG  1 
ATOM   107  O  OD1 . ASP A 1 15  ? 5.553   20.317  -6.793  1.00 46.75 ? 13  ASP A OD1 1 
ATOM   108  O  OD2 . ASP A 1 15  ? 7.310   21.629  -6.873  1.00 62.32 ? 13  ASP A OD2 1 
ATOM   109  N  N   . SER A 1 16  ? 5.899   17.880  -4.920  1.00 44.29 ? 14  SER A N   1 
ATOM   110  C  CA  . SER A 1 16  ? 5.730   17.788  -3.464  1.00 45.75 ? 14  SER A CA  1 
ATOM   111  C  C   . SER A 1 16  ? 5.342   16.389  -2.966  1.00 46.96 ? 14  SER A C   1 
ATOM   112  O  O   . SER A 1 16  ? 5.692   16.008  -1.847  1.00 55.26 ? 14  SER A O   1 
ATOM   113  C  CB  . SER A 1 16  ? 4.701   18.810  -2.974  1.00 41.67 ? 14  SER A CB  1 
ATOM   114  O  OG  . SER A 1 16  ? 3.385   18.405  -3.306  1.00 40.00 ? 14  SER A OG  1 
ATOM   115  N  N   . GLN A 1 17  ? 4.613   15.634  -3.783  1.00 36.45 ? 15  GLN A N   1 
ATOM   116  C  CA  . GLN A 1 17  ? 4.148   14.318  -3.366  1.00 27.54 ? 15  GLN A CA  1 
ATOM   117  C  C   . GLN A 1 17  ? 4.145   13.312  -4.513  1.00 27.98 ? 15  GLN A C   1 
ATOM   118  O  O   . GLN A 1 17  ? 3.855   13.661  -5.660  1.00 33.49 ? 15  GLN A O   1 
ATOM   119  C  CB  . GLN A 1 17  ? 2.760   14.420  -2.727  1.00 27.38 ? 15  GLN A CB  1 
ATOM   120  C  CG  . GLN A 1 17  ? 2.542   13.451  -1.570  1.00 39.24 ? 15  GLN A CG  1 
ATOM   121  C  CD  . GLN A 1 17  ? 1.243   13.692  -0.815  1.00 41.29 ? 15  GLN A CD  1 
ATOM   122  O  OE1 . GLN A 1 17  ? 0.178   13.834  -1.414  1.00 57.26 ? 15  GLN A OE1 1 
ATOM   123  N  NE2 . GLN A 1 17  ? 1.328   13.721  0.510   1.00 35.37 ? 15  GLN A NE2 1 
ATOM   124  N  N   . THR A 1 18  ? 4.481   12.067  -4.185  1.00 26.55 ? 16  THR A N   1 
ATOM   125  C  CA  . THR A 1 18  ? 4.523   10.963  -5.148  1.00 20.73 ? 16  THR A CA  1 
ATOM   126  C  C   . THR A 1 18  ? 3.463   9.934   -4.763  1.00 18.64 ? 16  THR A C   1 
ATOM   127  O  O   . THR A 1 18  ? 3.406   9.509   -3.613  1.00 24.48 ? 16  THR A O   1 
ATOM   128  C  CB  . THR A 1 18  ? 5.926   10.289  -5.162  1.00 24.88 ? 16  THR A CB  1 
ATOM   129  O  OG1 . THR A 1 18  ? 6.934   11.265  -5.453  1.00 33.53 ? 16  THR A OG1 1 
ATOM   130  C  CG2 . THR A 1 18  ? 6.002   9.155   -6.187  1.00 30.65 ? 16  THR A CG2 1 
ATOM   131  N  N   . GLU A 1 19  ? 2.633   9.534   -5.725  1.00 21.27 ? 17  GLU A N   1 
ATOM   132  C  CA  . GLU A 1 19  ? 1.588   8.539   -5.481  1.00 21.25 ? 17  GLU A CA  1 
ATOM   133  C  C   . GLU A 1 19  ? 1.877   7.227   -6.193  1.00 17.52 ? 17  GLU A C   1 
ATOM   134  O  O   . GLU A 1 19  ? 2.277   7.207   -7.351  1.00 21.08 ? 17  GLU A O   1 
ATOM   135  C  CB  . GLU A 1 19  ? 0.220   9.080   -5.912  1.00 22.91 ? 17  GLU A CB  1 
ATOM   136  C  CG  . GLU A 1 19  ? -0.969  8.153   -5.623  1.00 15.32 ? 17  GLU A CG  1 
ATOM   137  C  CD  . GLU A 1 19  ? -2.244  8.602   -6.313  1.00 25.08 ? 17  GLU A CD  1 
ATOM   138  O  OE1 . GLU A 1 19  ? -2.207  9.601   -7.059  1.00 31.66 ? 17  GLU A OE1 1 
ATOM   139  O  OE2 . GLU A 1 19  ? -3.288  7.951   -6.115  1.00 27.69 ? 17  GLU A OE2 1 
ATOM   140  N  N   . ILE A 1 20  ? 1.689   6.134   -5.468  1.00 19.85 ? 18  ILE A N   1 
ATOM   141  C  CA  . ILE A 1 20  ? 1.693   4.808   -6.047  1.00 24.45 ? 18  ILE A CA  1 
ATOM   142  C  C   . ILE A 1 20  ? 0.272   4.287   -5.884  1.00 24.06 ? 18  ILE A C   1 
ATOM   143  O  O   . ILE A 1 20  ? -0.329  4.460   -4.827  1.00 24.71 ? 18  ILE A O   1 
ATOM   144  C  CB  . ILE A 1 20  ? 2.717   3.886   -5.348  1.00 17.79 ? 18  ILE A CB  1 
ATOM   145  C  CG1 . ILE A 1 20  ? 4.128   4.472   -5.482  1.00 21.09 ? 18  ILE A CG1 1 
ATOM   146  C  CG2 . ILE A 1 20  ? 2.675   2.476   -5.941  1.00 29.89 ? 18  ILE A CG2 1 
ATOM   147  C  CD1 . ILE A 1 20  ? 5.167   3.857   -4.545  1.00 30.75 ? 18  ILE A CD1 1 
ATOM   148  N  N   . VAL A 1 21  ? -0.272  3.686   -6.940  1.00 23.39 ? 19  VAL A N   1 
ATOM   149  C  CA  . VAL A 1 21  ? -1.621  3.144   -6.905  1.00 18.28 ? 19  VAL A CA  1 
ATOM   150  C  C   . VAL A 1 21  ? -1.554  1.631   -7.021  1.00 22.87 ? 19  VAL A C   1 
ATOM   151  O  O   . VAL A 1 21  ? -1.020  1.103   -7.994  1.00 18.60 ? 19  VAL A O   1 
ATOM   152  C  CB  . VAL A 1 21  ? -2.512  3.714   -8.043  1.00 22.36 ? 19  VAL A CB  1 
ATOM   153  C  CG1 . VAL A 1 21  ? -3.952  3.226   -7.901  1.00 24.52 ? 19  VAL A CG1 1 
ATOM   154  C  CG2 . VAL A 1 21  ? -2.480  5.229   -8.055  1.00 19.95 ? 19  VAL A CG2 1 
ATOM   155  N  N   . ALA A 1 22  ? -2.085  0.945   -6.013  1.00 20.48 ? 20  ALA A N   1 
ATOM   156  C  CA  . ALA A 1 22  ? -2.230  -0.501  -6.045  1.00 21.86 ? 20  ALA A CA  1 
ATOM   157  C  C   . ALA A 1 22  ? -3.676  -0.828  -6.389  1.00 24.92 ? 20  ALA A C   1 
ATOM   158  O  O   . ALA A 1 22  ? -4.593  -0.229  -5.833  1.00 23.28 ? 20  ALA A O   1 
ATOM   159  C  CB  . ALA A 1 22  ? -1.847  -1.102  -4.698  1.00 21.60 ? 20  ALA A CB  1 
ATOM   160  N  N   . LEU A 1 23  ? -3.872  -1.753  -7.326  1.00 25.20 ? 21  LEU A N   1 
ATOM   161  C  CA  . LEU A 1 23  ? -5.209  -2.209  -7.696  1.00 27.67 ? 21  LEU A CA  1 
ATOM   162  C  C   . LEU A 1 23  ? -5.375  -3.685  -7.377  1.00 28.58 ? 21  LEU A C   1 
ATOM   163  O  O   . LEU A 1 23  ? -4.796  -4.539  -8.048  1.00 39.70 ? 21  LEU A O   1 
ATOM   164  C  CB  . LEU A 1 23  ? -5.502  -1.964  -9.179  1.00 21.44 ? 21  LEU A CB  1 
ATOM   165  C  CG  . LEU A 1 23  ? -5.523  -0.535  -9.726  1.00 28.07 ? 21  LEU A CG  1 
ATOM   166  C  CD1 . LEU A 1 23  ? -6.006  -0.554  -11.161 1.00 34.03 ? 21  LEU A CD1 1 
ATOM   167  C  CD2 . LEU A 1 23  ? -6.387  0.392   -8.882  1.00 32.42 ? 21  LEU A CD2 1 
ATOM   168  N  N   . ALA A 1 24  ? -6.172  -3.977  -6.353  1.00 25.60 ? 22  ALA A N   1 
ATOM   169  C  CA  . ALA A 1 24  ? -6.395  -5.349  -5.901  1.00 23.34 ? 22  ALA A CA  1 
ATOM   170  C  C   . ALA A 1 24  ? -7.768  -5.868  -6.309  1.00 21.52 ? 22  ALA A C   1 
ATOM   171  O  O   . ALA A 1 24  ? -8.789  -5.307  -5.920  1.00 19.12 ? 22  ALA A O   1 
ATOM   172  C  CB  . ALA A 1 24  ? -6.224  -5.441  -4.388  1.00 24.25 ? 22  ALA A CB  1 
ATOM   173  N  N   . LYS A 1 25  ? -7.779  -6.940  -7.097  1.00 13.30 ? 23  LYS A N   1 
ATOM   174  C  CA  . LYS A 1 25  ? -9.009  -7.628  -7.450  1.00 16.13 ? 23  LYS A CA  1 
ATOM   175  C  C   . LYS A 1 25  ? -9.375  -8.613  -6.339  1.00 15.30 ? 23  LYS A C   1 
ATOM   176  O  O   . LYS A 1 25  ? -8.667  -9.591  -6.113  1.00 17.38 ? 23  LYS A O   1 
ATOM   177  C  CB  . LYS A 1 25  ? -8.846  -8.355  -8.790  1.00 15.39 ? 23  LYS A CB  1 
ATOM   178  C  CG  . LYS A 1 25  ? -10.120 -9.009  -9.358  1.00 20.50 ? 23  LYS A CG  1 
ATOM   179  C  CD  . LYS A 1 25  ? -11.085 -7.996  -9.976  1.00 47.74 ? 23  LYS A CD  1 
ATOM   180  C  CE  . LYS A 1 25  ? -12.162 -8.687  -10.810 1.00 51.80 ? 23  LYS A CE  1 
ATOM   181  N  NZ  . LYS A 1 25  ? -13.220 -7.749  -11.290 1.00 48.06 ? 23  LYS A NZ  1 
ATOM   182  N  N   . VAL A 1 26  ? -10.472 -8.337  -5.640  1.00 15.23 ? 24  VAL A N   1 
ATOM   183  C  CA  . VAL A 1 26  ? -10.937 -9.212  -4.569  1.00 14.33 ? 24  VAL A CA  1 
ATOM   184  C  C   . VAL A 1 26  ? -12.260 -9.874  -4.923  1.00 19.24 ? 24  VAL A C   1 
ATOM   185  O  O   . VAL A 1 26  ? -13.133 -9.254  -5.513  1.00 19.41 ? 24  VAL A O   1 
ATOM   186  C  CB  . VAL A 1 26  ? -11.055 -8.488  -3.203  1.00 17.50 ? 24  VAL A CB  1 
ATOM   187  C  CG1 . VAL A 1 26  ? -9.691  -8.023  -2.720  1.00 16.71 ? 24  VAL A CG1 1 
ATOM   188  C  CG2 . VAL A 1 26  ? -12.017 -7.319  -3.272  1.00 29.73 ? 24  VAL A CG2 1 
ATOM   189  N  N   . ARG A 1 27  ? -12.385 -11.149 -4.580  1.00 19.15 ? 25  ARG A N   1 
ATOM   190  C  CA  . ARG A 1 27  ? -13.633 -11.869 -4.721  1.00 26.18 ? 25  ARG A CA  1 
ATOM   191  C  C   . ARG A 1 27  ? -14.195 -12.161 -3.329  1.00 17.41 ? 25  ARG A C   1 
ATOM   192  O  O   . ARG A 1 27  ? -13.495 -12.691 -2.470  1.00 24.57 ? 25  ARG A O   1 
ATOM   193  C  CB  . ARG A 1 27  ? -13.416 -13.154 -5.528  1.00 14.82 ? 25  ARG A CB  1 
ATOM   194  C  CG  . ARG A 1 27  ? -14.672 -13.996 -5.710  1.00 31.83 ? 25  ARG A CG  1 
ATOM   195  C  CD  . ARG A 1 27  ? -14.599 -14.838 -6.968  1.00 47.27 ? 25  ARG A CD  1 
ATOM   196  N  NE  . ARG A 1 27  ? -14.916 -14.057 -8.161  1.00 43.76 ? 25  ARG A NE  1 
ATOM   197  C  CZ  . ARG A 1 27  ? -16.121 -13.994 -8.723  1.00 42.05 ? 25  ARG A CZ  1 
ATOM   198  N  NH1 . ARG A 1 27  ? -17.144 -14.671 -8.214  1.00 48.87 ? 25  ARG A NH1 1 
ATOM   199  N  NH2 . ARG A 1 27  ? -16.302 -13.251 -9.806  1.00 59.32 ? 25  ARG A NH2 1 
ATOM   200  N  N   . ASN A 1 28  ? -15.453 -11.797 -3.111  1.00 15.20 ? 26  ASN A N   1 
ATOM   201  C  CA  . ASN A 1 28  ? -16.133 -12.085 -1.858  1.00 18.23 ? 26  ASN A CA  1 
ATOM   202  C  C   . ASN A 1 28  ? -16.678 -13.512 -1.845  1.00 16.61 ? 26  ASN A C   1 
ATOM   203  O  O   . ASN A 1 28  ? -17.587 -13.844 -2.607  1.00 19.84 ? 26  ASN A O   1 
ATOM   204  C  CB  . ASN A 1 28  ? -17.259 -11.071 -1.630  1.00 18.49 ? 26  ASN A CB  1 
ATOM   205  C  CG  . ASN A 1 28  ? -17.864 -11.157 -0.245  1.00 20.70 ? 26  ASN A CG  1 
ATOM   206  O  OD1 . ASN A 1 28  ? -17.464 -11.975 0.577   1.00 21.55 ? 26  ASN A OD1 1 
ATOM   207  N  ND2 . ASN A 1 28  ? -18.828 -10.288 0.027   1.00 21.34 ? 26  ASN A ND2 1 
ATOM   208  N  N   . GLU A 1 29  ? -16.134 -14.335 -0.949  1.00 20.12 ? 27  GLU A N   1 
ATOM   209  C  CA  A GLU A 1 29  ? -16.521 -15.741 -0.862  0.50 16.73 ? 27  GLU A CA  1 
ATOM   210  C  CA  B GLU A 1 29  ? -16.496 -15.749 -0.841  0.50 17.68 ? 27  GLU A CA  1 
ATOM   211  C  C   . GLU A 1 29  ? -17.416 -16.020 0.347   1.00 20.29 ? 27  GLU A C   1 
ATOM   212  O  O   . GLU A 1 29  ? -17.591 -17.170 0.764   1.00 25.31 ? 27  GLU A O   1 
ATOM   213  C  CB  A GLU A 1 29  ? -15.278 -16.634 -0.866  0.50 14.93 ? 27  GLU A CB  1 
ATOM   214  C  CB  B GLU A 1 29  ? -15.239 -16.610 -0.726  0.50 16.23 ? 27  GLU A CB  1 
ATOM   215  C  CG  A GLU A 1 29  ? -14.374 -16.384 -2.068  0.50 11.59 ? 27  GLU A CG  1 
ATOM   216  C  CG  B GLU A 1 29  ? -14.347 -16.587 -1.953  0.50 17.50 ? 27  GLU A CG  1 
ATOM   217  C  CD  A GLU A 1 29  ? -13.279 -17.416 -2.230  0.50 27.55 ? 27  GLU A CD  1 
ATOM   218  C  CD  B GLU A 1 29  ? -12.941 -17.055 -1.652  0.50 36.66 ? 27  GLU A CD  1 
ATOM   219  O  OE1 A GLU A 1 29  ? -13.263 -18.409 -1.474  0.50 7.58  ? 27  GLU A OE1 1 
ATOM   220  O  OE1 B GLU A 1 29  ? -12.388 -16.640 -0.611  0.50 23.97 ? 27  GLU A OE1 1 
ATOM   221  O  OE2 A GLU A 1 29  ? -12.429 -17.232 -3.127  0.50 43.63 ? 27  GLU A OE2 1 
ATOM   222  O  OE2 B GLU A 1 29  ? -12.386 -17.833 -2.456  0.50 55.20 ? 27  GLU A OE2 1 
ATOM   223  N  N   . ASP A 1 30  ? -17.994 -14.961 0.898   1.00 24.76 ? 28  ASP A N   1 
ATOM   224  C  CA  . ASP A 1 30  ? -18.963 -15.092 1.976   1.00 19.20 ? 28  ASP A CA  1 
ATOM   225  C  C   . ASP A 1 30  ? -20.364 -14.870 1.402   1.00 24.89 ? 28  ASP A C   1 
ATOM   226  O  O   . ASP A 1 30  ? -20.518 -14.502 0.237   1.00 26.69 ? 28  ASP A O   1 
ATOM   227  C  CB  . ASP A 1 30  ? -18.660 -14.087 3.089   1.00 27.13 ? 28  ASP A CB  1 
ATOM   228  C  CG  . ASP A 1 30  ? -18.972 -14.633 4.478   1.00 50.59 ? 28  ASP A CG  1 
ATOM   229  O  OD1 . ASP A 1 30  ? -19.974 -15.369 4.630   1.00 66.29 ? 28  ASP A OD1 1 
ATOM   230  O  OD2 . ASP A 1 30  ? -18.214 -14.322 5.423   1.00 49.23 ? 28  ASP A OD2 1 
ATOM   231  N  N   . VAL A 1 31  ? -21.387 -15.107 2.207   1.00 23.66 ? 29  VAL A N   1 
ATOM   232  C  CA  . VAL A 1 31  ? -22.758 -14.897 1.752   1.00 21.60 ? 29  VAL A CA  1 
ATOM   233  C  C   . VAL A 1 31  ? -23.258 -13.496 2.132   1.00 17.42 ? 29  VAL A C   1 
ATOM   234  O  O   . VAL A 1 31  ? -24.369 -13.106 1.779   1.00 22.89 ? 29  VAL A O   1 
ATOM   235  C  CB  . VAL A 1 31  ? -23.721 -16.021 2.250   1.00 25.56 ? 29  VAL A CB  1 
ATOM   236  C  CG1 . VAL A 1 31  ? -23.347 -17.369 1.620   1.00 15.01 ? 29  VAL A CG1 1 
ATOM   237  C  CG2 . VAL A 1 31  ? -23.718 -16.122 3.779   1.00 22.34 ? 29  VAL A CG2 1 
ATOM   238  N  N   . VAL A 1 32  ? -22.424 -12.751 2.852   1.00 20.52 ? 30  VAL A N   1 
ATOM   239  C  CA  . VAL A 1 32  ? -22.729 -11.370 3.249   1.00 22.66 ? 30  VAL A CA  1 
ATOM   240  C  C   . VAL A 1 32  ? -21.714 -10.421 2.585   1.00 20.03 ? 30  VAL A C   1 
ATOM   241  O  O   . VAL A 1 32  ? -20.667 -10.881 2.125   1.00 17.13 ? 30  VAL A O   1 
ATOM   242  C  CB  . VAL A 1 32  ? -22.739 -11.202 4.799   1.00 12.30 ? 30  VAL A CB  1 
ATOM   243  C  CG1 . VAL A 1 32  ? -23.880 -11.998 5.413   1.00 19.86 ? 30  VAL A CG1 1 
ATOM   244  C  CG2 . VAL A 1 32  ? -21.409 -11.602 5.404   1.00 30.32 ? 30  VAL A CG2 1 
ATOM   245  N  N   . PRO A 1 33  ? -22.029 -9.108  2.494   1.00 17.08 ? 31  PRO A N   1 
ATOM   246  C  CA  . PRO A 1 33  ? -21.057 -8.232  1.842   1.00 23.27 ? 31  PRO A CA  1 
ATOM   247  C  C   . PRO A 1 33  ? -19.883 -7.848  2.733   1.00 26.18 ? 31  PRO A C   1 
ATOM   248  O  O   . PRO A 1 33  ? -20.030 -7.765  3.952   1.00 29.57 ? 31  PRO A O   1 
ATOM   249  C  CB  . PRO A 1 33  ? -21.880 -6.994  1.491   1.00 26.73 ? 31  PRO A CB  1 
ATOM   250  C  CG  . PRO A 1 33  ? -22.924 -6.941  2.520   1.00 27.45 ? 31  PRO A CG  1 
ATOM   251  C  CD  . PRO A 1 33  ? -23.232 -8.363  2.911   1.00 27.57 ? 31  PRO A CD  1 
ATOM   252  N  N   . ILE A 1 34  ? -18.728 -7.639  2.109   1.00 28.06 ? 32  ILE A N   1 
ATOM   253  C  CA  . ILE A 1 34  ? -17.536 -7.151  2.788   1.00 27.56 ? 32  ILE A CA  1 
ATOM   254  C  C   . ILE A 1 34  ? -17.557 -5.640  2.633   1.00 24.73 ? 32  ILE A C   1 
ATOM   255  O  O   . ILE A 1 34  ? -17.853 -5.136  1.551   1.00 23.37 ? 32  ILE A O   1 
ATOM   256  C  CB  . ILE A 1 34  ? -16.256 -7.723  2.136   1.00 25.80 ? 32  ILE A CB  1 
ATOM   257  C  CG1 . ILE A 1 34  ? -16.170 -9.237  2.341   1.00 40.33 ? 32  ILE A CG1 1 
ATOM   258  C  CG2 . ILE A 1 34  ? -14.992 -7.046  2.677   1.00 40.83 ? 32  ILE A CG2 1 
ATOM   259  C  CD1 . ILE A 1 34  ? -15.025 -9.891  1.571   1.00 43.25 ? 32  ILE A CD1 1 
ATOM   260  N  N   . VAL A 1 35  ? -17.293 -4.912  3.712   1.00 18.71 ? 33  VAL A N   1 
ATOM   261  C  CA  . VAL A 1 35  ? -17.028 -3.478  3.595   1.00 21.78 ? 33  VAL A CA  1 
ATOM   262  C  C   . VAL A 1 35  ? -15.565 -3.213  3.949   1.00 19.50 ? 33  VAL A C   1 
ATOM   263  O  O   . VAL A 1 35  ? -15.107 -3.606  5.014   1.00 25.63 ? 33  VAL A O   1 
ATOM   264  C  CB  . VAL A 1 35  ? -17.959 -2.619  4.486   1.00 23.70 ? 33  VAL A CB  1 
ATOM   265  C  CG1 . VAL A 1 35  ? -17.829 -1.136  4.122   1.00 18.89 ? 33  VAL A CG1 1 
ATOM   266  C  CG2 . VAL A 1 35  ? -19.399 -3.071  4.355   1.00 24.69 ? 33  VAL A CG2 1 
ATOM   267  N  N   . VAL A 1 36  ? -14.834 -2.583  3.035   1.00 20.85 ? 34  VAL A N   1 
ATOM   268  C  CA  . VAL A 1 36  ? -13.499 -2.081  3.331   1.00 17.29 ? 34  VAL A CA  1 
ATOM   269  C  C   . VAL A 1 36  ? -13.678 -0.594  3.597   1.00 13.87 ? 34  VAL A C   1 
ATOM   270  O  O   . VAL A 1 36  ? -13.792 0.194   2.661   1.00 22.84 ? 34  VAL A O   1 
ATOM   271  C  CB  . VAL A 1 36  ? -12.503 -2.300  2.157   1.00 18.71 ? 34  VAL A CB  1 
ATOM   272  C  CG1 . VAL A 1 36  ? -11.094 -1.889  2.567   1.00 32.59 ? 34  VAL A CG1 1 
ATOM   273  C  CG2 . VAL A 1 36  ? -12.500 -3.749  1.699   1.00 20.18 ? 34  VAL A CG2 1 
ATOM   274  N  N   . SER A 1 37  ? -13.731 -0.217  4.870   1.00 12.54 ? 35  SER A N   1 
ATOM   275  C  CA  . SER A 1 37  ? -14.006 1.177   5.252   1.00 12.00 ? 35  SER A CA  1 
ATOM   276  C  C   . SER A 1 37  ? -12.821 2.113   4.986   1.00 15.29 ? 35  SER A C   1 
ATOM   277  O  O   . SER A 1 37  ? -12.987 3.323   4.838   1.00 18.32 ? 35  SER A O   1 
ATOM   278  C  CB  . SER A 1 37  ? -14.423 1.255   6.715   1.00 12.27 ? 35  SER A CB  1 
ATOM   279  O  OG  . SER A 1 37  ? -13.417 0.693   7.536   1.00 26.29 ? 35  SER A OG  1 
ATOM   280  N  N   . GLY A 1 38  ? -11.629 1.536   4.928   1.00 13.31 ? 36  GLY A N   1 
ATOM   281  C  CA  . GLY A 1 38  ? -10.423 2.285   4.654   1.00 7.56  ? 36  GLY A CA  1 
ATOM   282  C  C   . GLY A 1 38  ? -9.225  1.393   4.835   1.00 7.18  ? 36  GLY A C   1 
ATOM   283  O  O   . GLY A 1 38  ? -9.363  0.178   4.925   1.00 19.91 ? 36  GLY A O   1 
ATOM   284  N  N   . TYR A 1 39  ? -8.046  2.011   4.897   1.00 22.59 ? 37  TYR A N   1 
ATOM   285  C  CA  . TYR A 1 39  ? -6.785  1.288   4.999   1.00 14.09 ? 37  TYR A CA  1 
ATOM   286  C  C   . TYR A 1 39  ? -5.698  2.180   5.561   1.00 11.01 ? 37  TYR A C   1 
ATOM   287  O  O   . TYR A 1 39  ? -5.677  3.383   5.311   1.00 14.74 ? 37  TYR A O   1 
ATOM   288  C  CB  . TYR A 1 39  ? -6.357  0.736   3.631   1.00 12.85 ? 37  TYR A CB  1 
ATOM   289  C  CG  . TYR A 1 39  ? -6.259  1.790   2.531   1.00 16.14 ? 37  TYR A CG  1 
ATOM   290  C  CD1 . TYR A 1 39  ? -7.392  2.210   1.832   1.00 21.07 ? 37  TYR A CD1 1 
ATOM   291  C  CD2 . TYR A 1 39  ? -5.029  2.352   2.183   1.00 17.73 ? 37  TYR A CD2 1 
ATOM   292  C  CE1 . TYR A 1 39  ? -7.310  3.176   0.835   1.00 26.22 ? 37  TYR A CE1 1 
ATOM   293  C  CE2 . TYR A 1 39  ? -4.936  3.317   1.182   1.00 17.09 ? 37  TYR A CE2 1 
ATOM   294  C  CZ  . TYR A 1 39  ? -6.076  3.716   0.509   1.00 20.67 ? 37  TYR A CZ  1 
ATOM   295  O  OH  . TYR A 1 39  ? -5.995  4.675   -0.477  1.00 29.89 ? 37  TYR A OH  1 
ATOM   296  N  N   . HIS A 1 40  ? -4.800  1.572   6.322   1.00 19.69 ? 38  HIS A N   1 
ATOM   297  C  CA  . HIS A 1 40  ? -3.564  2.216   6.730   1.00 13.18 ? 38  HIS A CA  1 
ATOM   298  C  C   . HIS A 1 40  ? -2.435  1.707   5.844   1.00 10.41 ? 38  HIS A C   1 
ATOM   299  O  O   . HIS A 1 40  ? -2.398  0.525   5.484   1.00 19.25 ? 38  HIS A O   1 
ATOM   300  C  CB  . HIS A 1 40  ? -3.261  1.931   8.200   1.00 18.84 ? 38  HIS A CB  1 
ATOM   301  C  CG  . HIS A 1 40  ? -2.116  2.728   8.742   1.00 33.11 ? 38  HIS A CG  1 
ATOM   302  N  ND1 . HIS A 1 40  ? -2.294  3.899   9.449   1.00 53.90 ? 38  HIS A ND1 1 
ATOM   303  C  CD2 . HIS A 1 40  ? -0.778  2.532   8.670   1.00 17.52 ? 38  HIS A CD2 1 
ATOM   304  C  CE1 . HIS A 1 40  ? -1.114  4.388   9.791   1.00 49.58 ? 38  HIS A CE1 1 
ATOM   305  N  NE2 . HIS A 1 40  ? -0.178  3.579   9.327   1.00 32.29 ? 38  HIS A NE2 1 
ATOM   306  N  N   . TYR A 1 41  ? -1.518  2.597   5.478   1.00 11.89 ? 39  TYR A N   1 
ATOM   307  C  CA  . TYR A 1 41  ? -0.351  2.183   4.706   1.00 16.52 ? 39  TYR A CA  1 
ATOM   308  C  C   . TYR A 1 41  ? 0.940   2.725   5.264   1.00 12.09 ? 39  TYR A C   1 
ATOM   309  O  O   . TYR A 1 41  ? 0.963   3.805   5.850   1.00 12.53 ? 39  TYR A O   1 
ATOM   310  C  CB  . TYR A 1 41  ? -0.497  2.545   3.223   1.00 14.14 ? 39  TYR A CB  1 
ATOM   311  C  CG  . TYR A 1 41  ? -0.571  4.021   2.940   1.00 16.63 ? 39  TYR A CG  1 
ATOM   312  C  CD1 . TYR A 1 41  ? -1.782  4.701   3.005   1.00 17.49 ? 39  TYR A CD1 1 
ATOM   313  C  CD2 . TYR A 1 41  ? 0.570   4.742   2.594   1.00 19.70 ? 39  TYR A CD2 1 
ATOM   314  C  CE1 . TYR A 1 41  ? -1.854  6.057   2.748   1.00 15.18 ? 39  TYR A CE1 1 
ATOM   315  C  CE2 . TYR A 1 41  ? 0.506   6.097   2.335   1.00 20.83 ? 39  TYR A CE2 1 
ATOM   316  C  CZ  . TYR A 1 41  ? -0.706  6.748   2.412   1.00 15.13 ? 39  TYR A CZ  1 
ATOM   317  O  OH  . TYR A 1 41  ? -0.770  8.098   2.156   1.00 25.03 ? 39  TYR A OH  1 
ATOM   318  N  N   . THR A 1 42  ? 2.010   1.949   5.102   1.00 17.98 ? 40  THR A N   1 
ATOM   319  C  CA  . THR A 1 42  ? 3.367   2.385   5.432   1.00 18.10 ? 40  THR A CA  1 
ATOM   320  C  C   . THR A 1 42  ? 4.332   1.984   4.329   1.00 19.26 ? 40  THR A C   1 
ATOM   321  O  O   . THR A 1 42  ? 4.193   0.915   3.733   1.00 26.63 ? 40  THR A O   1 
ATOM   322  C  CB  . THR A 1 42  ? 3.914   1.813   6.791   1.00 19.42 ? 40  THR A CB  1 
ATOM   323  O  OG1 . THR A 1 42  ? 3.992   0.383   6.737   1.00 34.55 ? 40  THR A OG1 1 
ATOM   324  C  CG2 . THR A 1 42  ? 3.062   2.221   7.974   1.00 17.14 ? 40  THR A CG2 1 
ATOM   325  N  N   . ILE A 1 43  ? 5.300   2.850   4.047   1.00 20.34 ? 41  ILE A N   1 
ATOM   326  C  CA  . ILE A 1 43  ? 6.430   2.493   3.190   1.00 16.96 ? 41  ILE A CA  1 
ATOM   327  C  C   . ILE A 1 43  ? 7.734   2.798   3.926   1.00 19.29 ? 41  ILE A C   1 
ATOM   328  O  O   . ILE A 1 43  ? 7.974   3.933   4.326   1.00 27.07 ? 41  ILE A O   1 
ATOM   329  C  CB  . ILE A 1 43  ? 6.403   3.222   1.827   1.00 17.69 ? 41  ILE A CB  1 
ATOM   330  C  CG1 . ILE A 1 43  ? 5.108   2.894   1.060   1.00 22.78 ? 41  ILE A CG1 1 
ATOM   331  C  CG2 . ILE A 1 43  ? 7.633   2.839   0.993   1.00 31.40 ? 41  ILE A CG2 1 
ATOM   332  C  CD1 . ILE A 1 43  ? 4.918   3.680   -0.220  1.00 21.99 ? 41  ILE A CD1 1 
ATOM   333  N  N   . GLU A 1 44  ? 8.552   1.772   4.137   1.00 23.75 ? 42  GLU A N   1 
ATOM   334  C  CA  . GLU A 1 44  ? 9.864   1.945   4.746   1.00 18.10 ? 42  GLU A CA  1 
ATOM   335  C  C   . GLU A 1 44  ? 10.938  1.640   3.725   1.00 19.62 ? 42  GLU A C   1 
ATOM   336  O  O   . GLU A 1 44  ? 10.821  0.694   2.951   1.00 21.42 ? 42  GLU A O   1 
ATOM   337  C  CB  . GLU A 1 44  ? 10.035  1.060   5.988   1.00 15.68 ? 42  GLU A CB  1 
ATOM   338  C  CG  . GLU A 1 44  ? 9.194   1.485   7.177   1.00 28.42 ? 42  GLU A CG  1 
ATOM   339  C  CD  . GLU A 1 44  ? 9.662   0.888   8.493   1.00 54.28 ? 42  GLU A CD  1 
ATOM   340  O  OE1 . GLU A 1 44  ? 10.868  0.587   8.633   1.00 64.02 ? 42  GLU A OE1 1 
ATOM   341  O  OE2 . GLU A 1 44  ? 8.817   0.733   9.399   1.00 60.54 ? 42  GLU A OE2 1 
HETATM 342  N  N   . MSE A 1 45  ? 11.971  2.476   3.713   1.00 19.80 ? 43  MSE A N   1 
HETATM 343  C  CA  . MSE A 1 45  ? 13.109  2.323   2.817   1.00 20.19 ? 43  MSE A CA  1 
HETATM 344  C  C   . MSE A 1 45  ? 14.377  2.459   3.665   1.00 18.87 ? 43  MSE A C   1 
HETATM 345  O  O   . MSE A 1 45  ? 14.648  3.531   4.207   1.00 26.78 ? 43  MSE A O   1 
HETATM 346  C  CB  . MSE A 1 45  ? 13.060  3.382   1.710   1.00 16.34 ? 43  MSE A CB  1 
HETATM 347  C  CG  . MSE A 1 45  ? 11.810  3.321   0.827   1.00 21.38 ? 43  MSE A CG  1 
HETATM 348  SE SE  . MSE A 1 45  ? 11.662  4.772   -0.458  1.00 44.25 ? 43  MSE A SE  1 
HETATM 349  C  CE  . MSE A 1 45  ? 12.845  4.092   -1.850  1.00 26.46 ? 43  MSE A CE  1 
ATOM   350  N  N   . ASN A 1 46  ? 15.123  1.360   3.791   1.00 21.19 ? 44  ASN A N   1 
ATOM   351  C  CA  . ASN A 1 46  ? 16.260  1.223   4.733   1.00 21.98 ? 44  ASN A CA  1 
ATOM   352  C  C   . ASN A 1 46  ? 15.997  1.664   6.180   1.00 18.89 ? 44  ASN A C   1 
ATOM   353  O  O   . ASN A 1 46  ? 16.875  2.235   6.828   1.00 33.68 ? 44  ASN A O   1 
ATOM   354  C  CB  . ASN A 1 46  ? 17.509  1.938   4.212   1.00 17.04 ? 44  ASN A CB  1 
ATOM   355  C  CG  . ASN A 1 46  ? 17.972  1.422   2.874   1.00 21.87 ? 44  ASN A CG  1 
ATOM   356  O  OD1 . ASN A 1 46  ? 17.846  0.233   2.565   1.00 18.92 ? 44  ASN A OD1 1 
ATOM   357  N  ND2 . ASN A 1 46  ? 18.541  2.315   2.072   1.00 21.26 ? 44  ASN A ND2 1 
ATOM   358  N  N   . GLY A 1 47  ? 14.796  1.403   6.681   1.00 21.68 ? 45  GLY A N   1 
ATOM   359  C  CA  . GLY A 1 47  ? 14.432  1.828   8.028   1.00 26.09 ? 45  GLY A CA  1 
ATOM   360  C  C   . GLY A 1 47  ? 14.066  3.298   8.172   1.00 28.75 ? 45  GLY A C   1 
ATOM   361  O  O   . GLY A 1 47  ? 13.851  3.774   9.282   1.00 35.64 ? 45  GLY A O   1 
ATOM   362  N  N   . VAL A 1 48  ? 14.010  4.029   7.061   1.00 21.75 ? 46  VAL A N   1 
ATOM   363  C  CA  . VAL A 1 48  ? 13.399  5.356   7.054   1.00 23.94 ? 46  VAL A CA  1 
ATOM   364  C  C   . VAL A 1 48  ? 11.931  5.183   6.665   1.00 20.97 ? 46  VAL A C   1 
ATOM   365  O  O   . VAL A 1 48  ? 11.629  4.612   5.618   1.00 24.04 ? 46  VAL A O   1 
ATOM   366  C  CB  . VAL A 1 48  ? 14.094  6.319   6.058   1.00 27.62 ? 46  VAL A CB  1 
ATOM   367  C  CG1 . VAL A 1 48  ? 13.445  7.698   6.090   1.00 31.57 ? 46  VAL A CG1 1 
ATOM   368  C  CG2 . VAL A 1 48  ? 15.581  6.429   6.356   1.00 24.11 ? 46  VAL A CG2 1 
ATOM   369  N  N   . LYS A 1 49  ? 11.024  5.657   7.511   1.00 16.41 ? 47  LYS A N   1 
ATOM   370  C  CA  . LYS A 1 49  ? 9.593   5.574   7.224   1.00 20.20 ? 47  LYS A CA  1 
ATOM   371  C  C   . LYS A 1 49  ? 9.157   6.743   6.344   1.00 21.00 ? 47  LYS A C   1 
ATOM   372  O  O   . LYS A 1 49  ? 8.822   7.819   6.842   1.00 29.09 ? 47  LYS A O   1 
ATOM   373  C  CB  . LYS A 1 49  ? 8.782   5.522   8.520   1.00 20.65 ? 47  LYS A CB  1 
ATOM   374  C  CG  . LYS A 1 49  ? 7.337   5.085   8.330   1.00 20.52 ? 47  LYS A CG  1 
ATOM   375  C  CD  . LYS A 1 49  ? 6.738   4.505   9.609   1.00 26.75 ? 47  LYS A CD  1 
ATOM   376  C  CE  . LYS A 1 49  ? 6.443   5.578   10.651  1.00 31.42 ? 47  LYS A CE  1 
ATOM   377  N  NZ  . LYS A 1 49  ? 5.776   4.991   11.850  1.00 51.73 ? 47  LYS A NZ  1 
ATOM   378  N  N   . VAL A 1 50  ? 9.158   6.509   5.035   1.00 25.86 ? 48  VAL A N   1 
ATOM   379  C  CA  . VAL A 1 50  ? 8.920   7.562   4.042   1.00 17.85 ? 48  VAL A CA  1 
ATOM   380  C  C   . VAL A 1 50  ? 7.432   7.826   3.762   1.00 23.69 ? 48  VAL A C   1 
ATOM   381  O  O   . VAL A 1 50  ? 7.079   8.861   3.191   1.00 24.76 ? 48  VAL A O   1 
ATOM   382  C  CB  . VAL A 1 50  ? 9.689   7.299   2.714   1.00 21.00 ? 48  VAL A CB  1 
ATOM   383  C  CG1 . VAL A 1 50  ? 11.185  7.237   2.957   1.00 21.09 ? 48  VAL A CG1 1 
ATOM   384  C  CG2 . VAL A 1 50  ? 9.221   6.022   2.066   1.00 21.18 ? 48  VAL A CG2 1 
ATOM   385  N  N   . ALA A 1 51  ? 6.574   6.885   4.159   1.00 20.89 ? 49  ALA A N   1 
ATOM   386  C  CA  . ALA A 1 51  ? 5.121   7.037   4.063   1.00 18.85 ? 49  ALA A CA  1 
ATOM   387  C  C   . ALA A 1 51  ? 4.435   6.331   5.228   1.00 18.72 ? 49  ALA A C   1 
ATOM   388  O  O   . ALA A 1 51  ? 4.848   5.245   5.640   1.00 19.61 ? 49  ALA A O   1 
ATOM   389  C  CB  . ALA A 1 51  ? 4.605   6.492   2.740   1.00 22.47 ? 49  ALA A CB  1 
ATOM   390  N  N   . ASP A 1 52  ? 3.383   6.961   5.742   1.00 16.36 ? 50  ASP A N   1 
ATOM   391  C  CA  . ASP A 1 52  ? 2.632   6.474   6.889   1.00 13.57 ? 50  ASP A CA  1 
ATOM   392  C  C   . ASP A 1 52  ? 1.301   7.210   6.911   1.00 19.67 ? 50  ASP A C   1 
ATOM   393  O  O   . ASP A 1 52  ? 1.218   8.342   7.395   1.00 27.56 ? 50  ASP A O   1 
ATOM   394  C  CB  . ASP A 1 52  ? 3.416   6.752   8.179   1.00 28.06 ? 50  ASP A CB  1 
ATOM   395  C  CG  . ASP A 1 52  ? 2.700   6.275   9.426   1.00 36.95 ? 50  ASP A CG  1 
ATOM   396  O  OD1 . ASP A 1 52  ? 2.169   5.146   9.422   1.00 67.39 ? 50  ASP A OD1 1 
ATOM   397  O  OD2 . ASP A 1 52  ? 2.683   7.031   10.422  1.00 72.73 ? 50  ASP A OD2 1 
ATOM   398  N  N   . GLY A 1 53  ? 0.255   6.584   6.384   1.00 12.44 ? 51  GLY A N   1 
ATOM   399  C  CA  . GLY A 1 53  ? -1.028  7.266   6.288   1.00 5.96  ? 51  GLY A CA  1 
ATOM   400  C  C   . GLY A 1 53  ? -2.255  6.394   6.403   1.00 11.98 ? 51  GLY A C   1 
ATOM   401  O  O   . GLY A 1 53  ? -2.179  5.175   6.261   1.00 9.26  ? 51  GLY A O   1 
ATOM   402  N  N   . TYR A 1 54  ? -3.387  7.041   6.673   1.00 8.82  ? 52  TYR A N   1 
ATOM   403  C  CA  . TYR A 1 54  ? -4.693  6.392   6.654   1.00 15.39 ? 52  TYR A CA  1 
ATOM   404  C  C   . TYR A 1 54  ? -5.636  7.107   5.695   1.00 13.12 ? 52  TYR A C   1 
ATOM   405  O  O   . TYR A 1 54  ? -5.790  8.325   5.763   1.00 13.33 ? 52  TYR A O   1 
ATOM   406  C  CB  . TYR A 1 54  ? -5.329  6.367   8.054   1.00 9.55  ? 52  TYR A CB  1 
ATOM   407  C  CG  . TYR A 1 54  ? -6.502  5.416   8.142   1.00 21.49 ? 52  TYR A CG  1 
ATOM   408  C  CD1 . TYR A 1 54  ? -6.307  4.076   8.481   1.00 22.35 ? 52  TYR A CD1 1 
ATOM   409  C  CD2 . TYR A 1 54  ? -7.806  5.845   7.870   1.00 22.19 ? 52  TYR A CD2 1 
ATOM   410  C  CE1 . TYR A 1 54  ? -7.374  3.190   8.552   1.00 20.04 ? 52  TYR A CE1 1 
ATOM   411  C  CE2 . TYR A 1 54  ? -8.882  4.961   7.926   1.00 15.06 ? 52  TYR A CE2 1 
ATOM   412  C  CZ  . TYR A 1 54  ? -8.657  3.637   8.270   1.00 11.51 ? 52  TYR A CZ  1 
ATOM   413  O  OH  . TYR A 1 54  ? -9.712  2.758   8.354   1.00 27.36 ? 52  TYR A OH  1 
ATOM   414  N  N   . GLU A 1 55  ? -6.283  6.350   4.807   1.00 18.06 ? 53  GLU A N   1 
ATOM   415  C  CA  A GLU A 1 55  ? -7.300  6.826   3.845   0.50 20.70 ? 53  GLU A CA  1 
ATOM   416  C  CA  B GLU A 1 55  ? -7.276  6.873   3.900   0.50 20.18 ? 53  GLU A CA  1 
ATOM   417  C  C   . GLU A 1 55  ? -8.698  6.333   4.236   1.00 17.88 ? 53  GLU A C   1 
ATOM   418  O  O   . GLU A 1 55  ? -8.934  5.191   4.460   1.00 16.47 ? 53  GLU A O   1 
ATOM   419  C  CB  A GLU A 1 55  ? -7.003  6.409   2.391   0.50 18.63 ? 53  GLU A CB  1 
ATOM   420  C  CB  B GLU A 1 55  ? -6.896  6.531   2.454   0.50 17.62 ? 53  GLU A CB  1 
ATOM   421  C  CG  A GLU A 1 55  ? -6.832  7.503   1.343   0.50 36.50 ? 53  GLU A CG  1 
ATOM   422  C  CG  B GLU A 1 55  ? -7.874  7.032   1.397   0.50 33.32 ? 53  GLU A CG  1 
ATOM   423  C  CD  A GLU A 1 55  ? -8.008  7.644   0.353   0.50 53.17 ? 53  GLU A CD  1 
ATOM   424  C  CD  B GLU A 1 55  ? -7.184  7.638   0.191   0.50 46.17 ? 53  GLU A CD  1 
ATOM   425  O  OE1 A GLU A 1 55  ? -9.015  8.253   0.726   0.50 53.85 ? 53  GLU A OE1 1 
ATOM   426  O  OE1 B GLU A 1 55  ? -7.672  7.429   -0.941  0.50 39.78 ? 53  GLU A OE1 1 
ATOM   427  O  OE2 A GLU A 1 55  ? -7.949  7.200   -0.816  0.50 46.63 ? 53  GLU A OE2 1 
ATOM   428  O  OE2 B GLU A 1 55  ? -6.161  8.330   0.378   0.50 25.89 ? 53  GLU A OE2 1 
ATOM   429  N  N   . ASN A 1 56  ? -9.637  7.249   4.328   1.00 17.97 ? 54  ASN A N   1 
ATOM   430  C  CA  . ASN A 1 56  ? -11.004 6.870   4.646   1.00 25.88 ? 54  ASN A CA  1 
ATOM   431  C  C   . ASN A 1 56  ? -11.876 6.852   3.386   1.00 23.51 ? 54  ASN A C   1 
ATOM   432  O  O   . ASN A 1 56  ? -12.438 7.877   2.995   1.00 35.45 ? 54  ASN A O   1 
ATOM   433  C  CB  . ASN A 1 56  ? -11.566 7.814   5.718   1.00 21.38 ? 54  ASN A CB  1 
ATOM   434  C  CG  . ASN A 1 56  ? -12.972 7.447   6.159   1.00 40.06 ? 54  ASN A CG  1 
ATOM   435  O  OD1 . ASN A 1 56  ? -13.791 8.328   6.423   1.00 39.51 ? 54  ASN A OD1 1 
ATOM   436  N  ND2 . ASN A 1 56  ? -13.260 6.152   6.245   1.00 39.35 ? 54  ASN A ND2 1 
ATOM   437  N  N   . SER A 1 57  ? -11.968 5.686   2.745   1.00 25.56 ? 55  SER A N   1 
ATOM   438  C  CA  . SER A 1 57  ? -12.785 5.527   1.538   1.00 29.39 ? 55  SER A CA  1 
ATOM   439  C  C   . SER A 1 57  ? -13.519 4.185   1.538   1.00 19.36 ? 55  SER A C   1 
ATOM   440  O  O   . SER A 1 57  ? -12.966 3.171   1.100   1.00 21.90 ? 55  SER A O   1 
ATOM   441  C  CB  . SER A 1 57  ? -11.931 5.691   0.273   1.00 32.60 ? 55  SER A CB  1 
ATOM   442  O  OG  . SER A 1 57  ? -11.110 4.557   0.048   1.00 42.83 ? 55  SER A OG  1 
ATOM   443  N  N   . PRO A 1 58  ? -14.765 4.170   2.042   1.00 16.70 ? 56  PRO A N   1 
ATOM   444  C  CA  . PRO A 1 58  ? -15.490 2.911   2.204   1.00 19.90 ? 56  PRO A CA  1 
ATOM   445  C  C   . PRO A 1 58  ? -15.985 2.319   0.883   1.00 20.46 ? 56  PRO A C   1 
ATOM   446  O  O   . PRO A 1 58  ? -16.510 3.044   0.042   1.00 25.96 ? 56  PRO A O   1 
ATOM   447  C  CB  . PRO A 1 58  ? -16.652 3.283   3.136   1.00 22.95 ? 56  PRO A CB  1 
ATOM   448  C  CG  . PRO A 1 58  ? -16.369 4.697   3.601   1.00 19.13 ? 56  PRO A CG  1 
ATOM   449  C  CD  . PRO A 1 58  ? -15.567 5.312   2.511   1.00 23.49 ? 56  PRO A CD  1 
ATOM   450  N  N   . VAL A 1 59  ? -15.771 1.014   0.707   1.00 20.15 ? 57  VAL A N   1 
ATOM   451  C  CA  . VAL A 1 59  ? -16.139 0.283   -0.512  1.00 20.95 ? 57  VAL A CA  1 
ATOM   452  C  C   . VAL A 1 59  ? -16.763 -1.057  -0.122  1.00 17.28 ? 57  VAL A C   1 
ATOM   453  O  O   . VAL A 1 59  ? -16.203 -1.773  0.701   1.00 22.22 ? 57  VAL A O   1 
ATOM   454  C  CB  . VAL A 1 59  ? -14.888 0.015   -1.421  1.00 25.68 ? 57  VAL A CB  1 
ATOM   455  C  CG1 . VAL A 1 59  ? -15.197 -0.981  -2.526  1.00 34.94 ? 57  VAL A CG1 1 
ATOM   456  C  CG2 . VAL A 1 59  ? -14.364 1.298   -2.038  1.00 33.82 ? 57  VAL A CG2 1 
ATOM   457  N  N   . THR A 1 60  ? -17.921 -1.394  -0.695  1.00 21.89 ? 58  THR A N   1 
ATOM   458  C  CA  . THR A 1 60  ? -18.500 -2.735  -0.514  1.00 25.04 ? 58  THR A CA  1 
ATOM   459  C  C   . THR A 1 60  ? -18.149 -3.703  -1.628  1.00 26.98 ? 58  THR A C   1 
ATOM   460  O  O   . THR A 1 60  ? -18.044 -3.316  -2.786  1.00 40.29 ? 58  THR A O   1 
ATOM   461  C  CB  . THR A 1 60  ? -20.039 -2.749  -0.423  1.00 29.76 ? 58  THR A CB  1 
ATOM   462  O  OG1 . THR A 1 60  ? -20.602 -1.865  -1.399  1.00 38.87 ? 58  THR A OG1 1 
ATOM   463  C  CG2 . THR A 1 60  ? -20.501 -2.370  0.947   1.00 48.18 ? 58  THR A CG2 1 
ATOM   464  N  N   . VAL A 1 61  ? -17.972 -4.967  -1.260  1.00 22.60 ? 59  VAL A N   1 
ATOM   465  C  CA  . VAL A 1 61  ? -17.941 -6.057  -2.222  1.00 18.03 ? 59  VAL A CA  1 
ATOM   466  C  C   . VAL A 1 61  ? -19.181 -6.907  -1.937  1.00 21.11 ? 59  VAL A C   1 
ATOM   467  O  O   . VAL A 1 61  ? -19.338 -7.415  -0.831  1.00 19.88 ? 59  VAL A O   1 
ATOM   468  C  CB  . VAL A 1 61  ? -16.652 -6.907  -2.114  1.00 20.82 ? 59  VAL A CB  1 
ATOM   469  C  CG1 . VAL A 1 61  ? -16.514 -7.823  -3.322  1.00 18.35 ? 59  VAL A CG1 1 
ATOM   470  C  CG2 . VAL A 1 61  ? -15.417 -6.016  -1.998  1.00 29.24 ? 59  VAL A CG2 1 
ATOM   471  N  N   . LYS A 1 62  ? -20.058 -7.029  -2.934  1.00 23.46 ? 60  LYS A N   1 
ATOM   472  C  CA  A LYS A 1 62  ? -21.301 -7.789  -2.790  0.50 22.31 ? 60  LYS A CA  1 
ATOM   473  C  CA  B LYS A 1 62  ? -21.305 -7.785  -2.823  0.50 22.98 ? 60  LYS A CA  1 
ATOM   474  C  C   . LYS A 1 62  ? -20.992 -9.281  -2.686  1.00 19.14 ? 60  LYS A C   1 
ATOM   475  O  O   . LYS A 1 62  ? -19.970 -9.732  -3.205  1.00 22.97 ? 60  LYS A O   1 
ATOM   476  C  CB  A LYS A 1 62  ? -22.260 -7.500  -3.953  0.50 25.72 ? 60  LYS A CB  1 
ATOM   477  C  CB  B LYS A 1 62  ? -22.146 -7.509  -4.073  0.50 27.62 ? 60  LYS A CB  1 
ATOM   478  C  CG  A LYS A 1 62  ? -23.055 -6.197  -3.807  0.50 33.82 ? 60  LYS A CG  1 
ATOM   479  C  CG  B LYS A 1 62  ? -23.611 -7.194  -3.810  0.50 38.00 ? 60  LYS A CG  1 
ATOM   480  C  CD  A LYS A 1 62  ? -24.468 -6.308  -4.395  0.50 45.42 ? 60  LYS A CD  1 
ATOM   481  C  CD  B LYS A 1 62  ? -24.064 -5.946  -4.563  0.50 39.26 ? 60  LYS A CD  1 
ATOM   482  C  CE  A LYS A 1 62  ? -24.523 -6.079  -5.906  0.50 27.93 ? 60  LYS A CE  1 
ATOM   483  C  CE  B LYS A 1 62  ? -24.261 -4.753  -3.624  0.50 47.36 ? 60  LYS A CE  1 
ATOM   484  N  NZ  A LYS A 1 62  ? -24.468 -4.637  -6.283  0.50 25.46 ? 60  LYS A NZ  1 
ATOM   485  N  NZ  B LYS A 1 62  ? -23.086 -4.447  -2.752  0.50 37.27 ? 60  LYS A NZ  1 
ATOM   486  N  N   . PRO A 1 63  ? -21.855 -10.061 -1.970  1.00 20.21 ? 61  PRO A N   1 
ATOM   487  C  CA  . PRO A 1 63  ? -21.599 -11.509 -1.848  1.00 15.12 ? 61  PRO A CA  1 
ATOM   488  C  C   . PRO A 1 63  ? -21.449 -12.191 -3.198  1.00 15.00 ? 61  PRO A C   1 
ATOM   489  O  O   . PRO A 1 63  ? -22.216 -11.888 -4.108  1.00 19.95 ? 61  PRO A O   1 
ATOM   490  C  CB  . PRO A 1 63  ? -22.861 -12.048 -1.173  1.00 19.51 ? 61  PRO A CB  1 
ATOM   491  C  CG  . PRO A 1 63  ? -23.528 -10.901 -0.564  1.00 22.12 ? 61  PRO A CG  1 
ATOM   492  C  CD  . PRO A 1 63  ? -23.061 -9.656  -1.218  1.00 15.71 ? 61  PRO A CD  1 
ATOM   493  N  N   . ALA A 1 64  ? -20.451 -13.073 -3.320  1.00 14.60 ? 62  ALA A N   1 
ATOM   494  C  CA  . ALA A 1 64  ? -20.123 -13.812 -4.562  1.00 16.06 ? 62  ALA A CA  1 
ATOM   495  C  C   . ALA A 1 64  ? -19.622 -12.968 -5.750  1.00 19.42 ? 62  ALA A C   1 
ATOM   496  O  O   . ALA A 1 64  ? -19.363 -13.501 -6.832  1.00 25.21 ? 62  ALA A O   1 
ATOM   497  C  CB  . ALA A 1 64  ? -21.283 -14.753 -4.987  1.00 15.04 ? 62  ALA A CB  1 
ATOM   498  N  N   . SER A 1 65  ? -19.474 -11.663 -5.539  1.00 23.56 ? 63  SER A N   1 
ATOM   499  C  CA  . SER A 1 65  ? -19.003 -10.745 -6.577  1.00 20.07 ? 63  SER A CA  1 
ATOM   500  C  C   . SER A 1 65  ? -17.517 -10.468 -6.430  1.00 16.49 ? 63  SER A C   1 
ATOM   501  O  O   . SER A 1 65  ? -16.946 -10.674 -5.361  1.00 16.89 ? 63  SER A O   1 
ATOM   502  C  CB  . SER A 1 65  ? -19.769 -9.422  -6.520  1.00 17.62 ? 63  SER A CB  1 
ATOM   503  O  OG  . SER A 1 65  ? -20.908 -9.452  -7.351  1.00 40.05 ? 63  SER A OG  1 
ATOM   504  N  N   . ALA A 1 66  ? -16.909 -10.007 -7.523  1.00 25.65 ? 64  ALA A N   1 
ATOM   505  C  CA  . ALA A 1 66  ? -15.516 -9.568  -7.542  1.00 26.04 ? 64  ALA A CA  1 
ATOM   506  C  C   . ALA A 1 66  ? -15.429 -8.066  -7.806  1.00 24.29 ? 64  ALA A C   1 
ATOM   507  O  O   . ALA A 1 66  ? -16.190 -7.526  -8.608  1.00 39.02 ? 64  ALA A O   1 
ATOM   508  C  CB  . ALA A 1 66  ? -14.723 -10.350 -8.575  1.00 19.84 ? 64  ALA A CB  1 
ATOM   509  N  N   . THR A 1 67  ? -14.500 -7.402  -7.122  1.00 31.57 ? 65  THR A N   1 
ATOM   510  C  CA  . THR A 1 67  ? -14.360 -5.941  -7.154  1.00 31.22 ? 65  THR A CA  1 
ATOM   511  C  C   . THR A 1 67  ? -12.881 -5.557  -7.181  1.00 24.92 ? 65  THR A C   1 
ATOM   512  O  O   . THR A 1 67  ? -12.080 -6.133  -6.454  1.00 25.87 ? 65  THR A O   1 
ATOM   513  C  CB  . THR A 1 67  ? -15.035 -5.307  -5.904  1.00 23.15 ? 65  THR A CB  1 
ATOM   514  O  OG1 . THR A 1 67  ? -16.434 -5.607  -5.914  1.00 56.61 ? 65  THR A OG1 1 
ATOM   515  C  CG2 . THR A 1 67  ? -14.870 -3.792  -5.865  1.00 36.40 ? 65  THR A CG2 1 
ATOM   516  N  N   . THR A 1 68  ? -12.517 -4.594  -8.022  1.00 20.69 ? 66  THR A N   1 
ATOM   517  C  CA  . THR A 1 68  ? -11.179 -4.020  -7.959  1.00 17.88 ? 66  THR A CA  1 
ATOM   518  C  C   . THR A 1 68  ? -11.151 -2.922  -6.897  1.00 21.00 ? 66  THR A C   1 
ATOM   519  O  O   . THR A 1 68  ? -11.920 -1.968  -6.959  1.00 29.01 ? 66  THR A O   1 
ATOM   520  C  CB  . THR A 1 68  ? -10.707 -3.507  -9.333  1.00 21.48 ? 66  THR A CB  1 
ATOM   521  O  OG1 . THR A 1 68  ? -10.662 -4.605  -10.248 1.00 33.89 ? 66  THR A OG1 1 
ATOM   522  C  CG2 . THR A 1 68  ? -9.309  -2.881  -9.252  1.00 18.66 ? 66  THR A CG2 1 
ATOM   523  N  N   . LEU A 1 69  ? -10.281 -3.097  -5.906  1.00 19.42 ? 67  LEU A N   1 
ATOM   524  C  CA  . LEU A 1 69  ? -10.047 -2.096  -4.871  1.00 22.83 ? 67  LEU A CA  1 
ATOM   525  C  C   . LEU A 1 69  ? -8.809  -1.270  -5.198  1.00 19.03 ? 67  LEU A C   1 
ATOM   526  O  O   . LEU A 1 69  ? -7.817  -1.812  -5.672  1.00 19.45 ? 67  LEU A O   1 
ATOM   527  C  CB  . LEU A 1 69  ? -9.838  -2.760  -3.509  1.00 24.27 ? 67  LEU A CB  1 
ATOM   528  C  CG  . LEU A 1 69  ? -10.810 -3.797  -2.942  1.00 22.95 ? 67  LEU A CG  1 
ATOM   529  C  CD1 . LEU A 1 69  ? -10.384 -4.144  -1.530  1.00 27.33 ? 67  LEU A CD1 1 
ATOM   530  C  CD2 . LEU A 1 69  ? -12.248 -3.322  -2.969  1.00 29.88 ? 67  LEU A CD2 1 
ATOM   531  N  N   . LYS A 1 70  ? -8.884  0.030   -4.909  1.00 22.18 ? 68  LYS A N   1 
ATOM   532  C  CA  A LYS A 1 70  ? -7.800  0.976   -5.183  0.70 23.04 ? 68  LYS A CA  1 
ATOM   533  C  CA  B LYS A 1 70  ? -7.804  0.975   -5.181  0.30 23.53 ? 68  LYS A CA  1 
ATOM   534  C  C   . LYS A 1 70  ? -7.190  1.503   -3.882  1.00 26.47 ? 68  LYS A C   1 
ATOM   535  O  O   . LYS A 1 70  ? -7.896  2.042   -3.016  1.00 28.53 ? 68  LYS A O   1 
ATOM   536  C  CB  A LYS A 1 70  ? -8.314  2.136   -6.055  0.70 17.64 ? 68  LYS A CB  1 
ATOM   537  C  CB  B LYS A 1 70  ? -8.326  2.132   -6.044  0.30 22.44 ? 68  LYS A CB  1 
ATOM   538  C  CG  A LYS A 1 70  ? -7.399  3.361   -6.143  0.70 29.49 ? 68  LYS A CG  1 
ATOM   539  C  CG  B LYS A 1 70  ? -7.397  3.334   -6.150  0.30 29.17 ? 68  LYS A CG  1 
ATOM   540  C  CD  A LYS A 1 70  ? -8.134  4.555   -6.749  0.70 30.07 ? 68  LYS A CD  1 
ATOM   541  C  CD  B LYS A 1 70  ? -8.124  4.542   -6.717  0.30 35.00 ? 68  LYS A CD  1 
ATOM   542  C  CE  A LYS A 1 70  ? -7.677  5.882   -6.139  0.70 45.46 ? 68  LYS A CE  1 
ATOM   543  C  CE  B LYS A 1 70  ? -7.490  5.841   -6.242  0.30 41.36 ? 68  LYS A CE  1 
ATOM   544  N  NZ  A LYS A 1 70  ? -6.366  6.378   -6.660  0.70 28.12 ? 68  LYS A NZ  1 
ATOM   545  N  NZ  B LYS A 1 70  ? -7.895  6.205   -4.856  0.30 30.73 ? 68  LYS A NZ  1 
ATOM   546  N  N   . PHE A 1 71  ? -5.877  1.340   -3.759  1.00 22.57 ? 69  PHE A N   1 
ATOM   547  C  CA  . PHE A 1 71  ? -5.114  1.830   -2.621  1.00 23.03 ? 69  PHE A CA  1 
ATOM   548  C  C   . PHE A 1 71  ? -4.130  2.903   -3.100  1.00 26.09 ? 69  PHE A C   1 
ATOM   549  O  O   . PHE A 1 71  ? -3.241  2.639   -3.910  1.00 26.28 ? 69  PHE A O   1 
ATOM   550  C  CB  . PHE A 1 71  ? -4.387  0.673   -1.920  1.00 25.50 ? 69  PHE A CB  1 
ATOM   551  C  CG  . PHE A 1 71  ? -5.303  -0.436  -1.461  1.00 22.50 ? 69  PHE A CG  1 
ATOM   552  C  CD1 . PHE A 1 71  ? -5.994  -0.336  -0.259  1.00 19.79 ? 69  PHE A CD1 1 
ATOM   553  C  CD2 . PHE A 1 71  ? -5.473  -1.579  -2.232  1.00 25.98 ? 69  PHE A CD2 1 
ATOM   554  C  CE1 . PHE A 1 71  ? -6.850  -1.350  0.168   1.00 18.66 ? 69  PHE A CE1 1 
ATOM   555  C  CE2 . PHE A 1 71  ? -6.322  -2.595  -1.818  1.00 22.17 ? 69  PHE A CE2 1 
ATOM   556  C  CZ  . PHE A 1 71  ? -7.009  -2.485  -0.610  1.00 29.43 ? 69  PHE A CZ  1 
ATOM   557  N  N   . SER A 1 72  ? -4.324  4.124   -2.615  1.00 19.83 ? 70  SER A N   1 
ATOM   558  C  CA  . SER A 1 72  ? -3.472  5.242   -2.967  1.00 12.02 ? 70  SER A CA  1 
ATOM   559  C  C   . SER A 1 72  ? -2.408  5.410   -1.898  1.00 19.97 ? 70  SER A C   1 
ATOM   560  O  O   . SER A 1 72  ? -2.712  5.765   -0.761  1.00 32.00 ? 70  SER A O   1 
ATOM   561  C  CB  . SER A 1 72  ? -4.309  6.515   -3.097  1.00 22.01 ? 70  SER A CB  1 
ATOM   562  O  OG  . SER A 1 72  ? -3.493  7.632   -3.395  1.00 41.42 ? 70  SER A OG  1 
ATOM   563  N  N   . LEU A 1 73  ? -1.161  5.147   -2.266  1.00 20.50 ? 71  LEU A N   1 
ATOM   564  C  CA  . LEU A 1 73  ? -0.052  5.232   -1.331  1.00 19.33 ? 71  LEU A CA  1 
ATOM   565  C  C   . LEU A 1 73  ? 0.762   6.467   -1.650  1.00 22.60 ? 71  LEU A C   1 
ATOM   566  O  O   . LEU A 1 73  ? 1.426   6.522   -2.683  1.00 27.57 ? 71  LEU A O   1 
ATOM   567  C  CB  . LEU A 1 73  ? 0.825   3.982   -1.426  1.00 22.38 ? 71  LEU A CB  1 
ATOM   568  C  CG  . LEU A 1 73  ? 0.146   2.624   -1.642  1.00 33.48 ? 71  LEU A CG  1 
ATOM   569  C  CD1 . LEU A 1 73  ? 1.179   1.562   -1.965  1.00 41.04 ? 71  LEU A CD1 1 
ATOM   570  C  CD2 . LEU A 1 73  ? -0.684  2.208   -0.441  1.00 38.64 ? 71  LEU A CD2 1 
ATOM   571  N  N   . ARG A 1 74  ? 0.707   7.459   -0.765  1.00 20.71 ? 72  ARG A N   1 
ATOM   572  C  CA  . ARG A 1 74  ? 1.375   8.735   -0.998  1.00 25.24 ? 72  ARG A CA  1 
ATOM   573  C  C   . ARG A 1 74  ? 2.653   8.888   -0.185  1.00 25.29 ? 72  ARG A C   1 
ATOM   574  O  O   . ARG A 1 74  ? 2.684   8.589   1.004   1.00 23.57 ? 72  ARG A O   1 
ATOM   575  C  CB  . ARG A 1 74  ? 0.430   9.907   -0.728  1.00 25.37 ? 72  ARG A CB  1 
ATOM   576  C  CG  . ARG A 1 74  ? -0.743  10.000  -1.700  1.00 38.14 ? 72  ARG A CG  1 
ATOM   577  C  CD  . ARG A 1 74  ? -1.777  11.014  -1.225  1.00 48.34 ? 72  ARG A CD  1 
ATOM   578  N  NE  . ARG A 1 74  ? -3.091  10.770  -1.816  1.00 45.50 ? 72  ARG A NE  1 
ATOM   579  C  CZ  . ARG A 1 74  ? -3.999  9.930   -1.324  1.00 58.97 ? 72  ARG A CZ  1 
ATOM   580  N  NH1 . ARG A 1 74  ? -5.163  9.779   -1.944  1.00 46.00 ? 72  ARG A NH1 1 
ATOM   581  N  NH2 . ARG A 1 74  ? -3.750  9.231   -0.220  1.00 51.99 ? 72  ARG A NH2 1 
ATOM   582  N  N   . LEU A 1 75  ? 3.701   9.367   -0.847  1.00 28.86 ? 73  LEU A N   1 
ATOM   583  C  CA  . LEU A 1 75  ? 4.989   9.603   -0.211  1.00 28.75 ? 73  LEU A CA  1 
ATOM   584  C  C   . LEU A 1 75  ? 5.284   11.092  -0.134  1.00 26.57 ? 73  LEU A C   1 
ATOM   585  O  O   . LEU A 1 75  ? 5.400   11.765  -1.160  1.00 35.26 ? 73  LEU A O   1 
ATOM   586  C  CB  . LEU A 1 75  ? 6.119   8.905   -0.975  1.00 29.10 ? 73  LEU A CB  1 
ATOM   587  C  CG  . LEU A 1 75  ? 6.117   7.389   -1.143  1.00 19.47 ? 73  LEU A CG  1 
ATOM   588  C  CD1 . LEU A 1 75  ? 5.470   7.001   -2.447  1.00 34.39 ? 73  LEU A CD1 1 
ATOM   589  C  CD2 . LEU A 1 75  ? 7.545   6.908   -1.125  1.00 37.19 ? 73  LEU A CD2 1 
ATOM   590  N  N   . ASN A 1 76  ? 5.392   11.595  1.092   1.00 35.78 ? 74  ASN A N   1 
ATOM   591  C  CA  . ASN A 1 76  ? 5.905   12.933  1.354   1.00 42.45 ? 74  ASN A CA  1 
ATOM   592  C  C   . ASN A 1 76  ? 7.405   12.933  1.056   1.00 44.13 ? 74  ASN A C   1 
ATOM   593  O  O   . ASN A 1 76  ? 8.155   12.123  1.617   1.00 45.65 ? 74  ASN A O   1 
ATOM   594  C  CB  . ASN A 1 76  ? 5.616   13.323  2.812   1.00 51.44 ? 74  ASN A CB  1 
ATOM   595  C  CG  . ASN A 1 76  ? 6.251   14.651  3.216   1.00 60.52 ? 74  ASN A CG  1 
ATOM   596  O  OD1 . ASN A 1 76  ? 6.976   14.720  4.208   1.00 55.81 ? 74  ASN A OD1 1 
ATOM   597  N  ND2 . ASN A 1 76  ? 5.974   15.709  2.455   1.00 61.36 ? 74  ASN A ND2 1 
ATOM   598  N  N   . ASN A 1 77  ? 7.835   13.834  0.179   1.00 47.76 ? 75  ASN A N   1 
ATOM   599  C  CA  A ASN A 1 77  ? 9.215   13.848  -0.291  0.50 43.90 ? 75  ASN A CA  1 
ATOM   600  C  CA  B ASN A 1 77  ? 9.214   13.841  -0.310  0.50 44.98 ? 75  ASN A CA  1 
ATOM   601  C  C   . ASN A 1 77  ? 10.243  14.272  0.752   1.00 42.16 ? 75  ASN A C   1 
ATOM   602  O  O   . ASN A 1 77  ? 11.425  13.941  0.644   1.00 44.44 ? 75  ASN A O   1 
ATOM   603  C  CB  A ASN A 1 77  ? 9.347   14.718  -1.543  0.50 40.07 ? 75  ASN A CB  1 
ATOM   604  C  CB  B ASN A 1 77  ? 9.354   14.619  -1.624  0.50 41.85 ? 75  ASN A CB  1 
ATOM   605  C  CG  A ASN A 1 77  ? 8.340   14.350  -2.616  0.50 32.55 ? 75  ASN A CG  1 
ATOM   606  C  CG  B ASN A 1 77  ? 10.364  13.980  -2.580  0.50 39.69 ? 75  ASN A CG  1 
ATOM   607  O  OD1 A ASN A 1 77  ? 8.150   13.175  -2.929  0.50 22.02 ? 75  ASN A OD1 1 
ATOM   608  O  OD1 B ASN A 1 77  ? 9.989   13.461  -3.630  0.50 40.79 ? 75  ASN A OD1 1 
ATOM   609  N  ND2 A ASN A 1 77  ? 7.688   15.356  -3.186  0.50 36.83 ? 75  ASN A ND2 1 
ATOM   610  N  ND2 B ASN A 1 77  ? 11.646  14.010  -2.213  0.50 2.00  ? 75  ASN A ND2 1 
ATOM   611  N  N   . SER A 1 78  ? 9.787   15.007  1.761   1.00 41.38 ? 76  SER A N   1 
ATOM   612  C  CA  . SER A 1 78  ? 10.661  15.439  2.859   1.00 42.78 ? 76  SER A CA  1 
ATOM   613  C  C   . SER A 1 78  ? 11.226  14.250  3.650   1.00 44.66 ? 76  SER A C   1 
ATOM   614  O  O   . SER A 1 78  ? 12.378  14.275  4.093   1.00 43.81 ? 76  SER A O   1 
ATOM   615  C  CB  . SER A 1 78  ? 9.919   16.398  3.793   1.00 41.55 ? 76  SER A CB  1 
ATOM   616  O  OG  . SER A 1 78  ? 10.772  16.870  4.820   1.00 43.56 ? 76  SER A OG  1 
ATOM   617  N  N   . PHE A 1 79  ? 10.407  13.214  3.822   1.00 45.86 ? 77  PHE A N   1 
ATOM   618  C  CA  . PHE A 1 79  ? 10.862  11.946  4.382   1.00 38.85 ? 77  PHE A CA  1 
ATOM   619  C  C   . PHE A 1 79  ? 11.650  11.126  3.356   1.00 42.60 ? 77  PHE A C   1 
ATOM   620  O  O   . PHE A 1 79  ? 12.456  10.275  3.732   1.00 43.01 ? 77  PHE A O   1 
ATOM   621  C  CB  . PHE A 1 79  ? 9.678   11.129  4.907   1.00 46.31 ? 77  PHE A CB  1 
ATOM   622  C  CG  . PHE A 1 79  ? 9.528   11.149  6.406   1.00 49.39 ? 77  PHE A CG  1 
ATOM   623  C  CD1 . PHE A 1 79  ? 10.497  10.573  7.227   1.00 59.49 ? 77  PHE A CD1 1 
ATOM   624  C  CD2 . PHE A 1 79  ? 8.405   11.718  6.996   1.00 65.84 ? 77  PHE A CD2 1 
ATOM   625  C  CE1 . PHE A 1 79  ? 10.357  10.578  8.614   1.00 61.67 ? 77  PHE A CE1 1 
ATOM   626  C  CE2 . PHE A 1 79  ? 8.254   11.730  8.384   1.00 71.93 ? 77  PHE A CE2 1 
ATOM   627  C  CZ  . PHE A 1 79  ? 9.233   11.158  9.193   1.00 68.35 ? 77  PHE A CZ  1 
ATOM   628  N  N   . LEU A 1 80  ? 11.413  11.376  2.067   1.00 39.28 ? 78  LEU A N   1 
ATOM   629  C  CA  . LEU A 1 80  ? 12.159  10.705  1.001   1.00 25.05 ? 78  LEU A CA  1 
ATOM   630  C  C   . LEU A 1 80  ? 13.567  11.249  0.850   1.00 20.13 ? 78  LEU A C   1 
ATOM   631  O  O   . LEU A 1 80  ? 14.454  10.528  0.401   1.00 21.66 ? 78  LEU A O   1 
ATOM   632  C  CB  . LEU A 1 80  ? 11.435  10.800  -0.338  1.00 25.96 ? 78  LEU A CB  1 
ATOM   633  C  CG  . LEU A 1 80  ? 10.669  9.578   -0.832  1.00 26.44 ? 78  LEU A CG  1 
ATOM   634  C  CD1 . LEU A 1 80  ? 9.693   10.001  -1.911  1.00 41.25 ? 78  LEU A CD1 1 
ATOM   635  C  CD2 . LEU A 1 80  ? 11.633  8.524   -1.362  1.00 35.36 ? 78  LEU A CD2 1 
ATOM   636  N  N   . ARG A 1 81  ? 13.772  12.509  1.234   1.00 23.70 ? 79  ARG A N   1 
ATOM   637  C  CA  . ARG A 1 81  ? 15.095  13.142  1.155   1.00 22.96 ? 79  ARG A CA  1 
ATOM   638  C  C   . ARG A 1 81  ? 16.069  12.655  2.232   1.00 10.84 ? 79  ARG A C   1 
ATOM   639  O  O   . ARG A 1 81  ? 17.282  12.875  2.122   1.00 17.75 ? 79  ARG A O   1 
ATOM   640  C  CB  . ARG A 1 81  ? 14.990  14.668  1.218   1.00 21.58 ? 79  ARG A CB  1 
ATOM   641  C  CG  . ARG A 1 81  ? 14.430  15.331  -0.034  1.00 30.66 ? 79  ARG A CG  1 
ATOM   642  C  CD  . ARG A 1 81  ? 14.381  16.858  0.102   1.00 43.50 ? 79  ARG A CD  1 
ATOM   643  N  NE  . ARG A 1 81  ? 13.557  17.318  1.225   1.00 57.02 ? 79  ARG A NE  1 
ATOM   644  C  CZ  . ARG A 1 81  ? 14.032  17.850  2.350   1.00 49.16 ? 79  ARG A CZ  1 
ATOM   645  N  NH1 . ARG A 1 81  ? 15.339  18.001  2.529   1.00 46.27 ? 79  ARG A NH1 1 
ATOM   646  N  NH2 . ARG A 1 81  ? 13.195  18.232  3.306   1.00 47.86 ? 79  ARG A NH2 1 
ATOM   647  N  N   . GLU A 1 82  ? 15.552  12.021  3.280   1.00 20.52 ? 80  GLU A N   1 
ATOM   648  C  CA  . GLU A 1 82  ? 16.436  11.451  4.289   1.00 27.76 ? 80  GLU A CA  1 
ATOM   649  C  C   . GLU A 1 82  ? 16.679  9.966   4.050   1.00 14.90 ? 80  GLU A C   1 
ATOM   650  O  O   . GLU A 1 82  ? 17.494  9.351   4.728   1.00 25.28 ? 80  GLU A O   1 
ATOM   651  C  CB  . GLU A 1 82  ? 15.971  11.758  5.719   1.00 36.23 ? 80  GLU A CB  1 
ATOM   652  C  CG  . GLU A 1 82  ? 14.563  11.325  6.071   1.00 39.98 ? 80  GLU A CG  1 
ATOM   653  C  CD  . GLU A 1 82  ? 14.214  11.618  7.518   1.00 39.23 ? 80  GLU A CD  1 
ATOM   654  O  OE1 . GLU A 1 82  ? 14.507  12.740  7.990   1.00 37.42 ? 80  GLU A OE1 1 
ATOM   655  O  OE2 . GLU A 1 82  ? 13.640  10.727  8.182   1.00 37.08 ? 80  GLU A OE2 1 
ATOM   656  N  N   . TRP A 1 83  ? 15.981  9.407   3.066   1.00 27.78 ? 81  TRP A N   1 
ATOM   657  C  CA  . TRP A 1 83  ? 16.249  8.044   2.615   1.00 28.35 ? 81  TRP A CA  1 
ATOM   658  C  C   . TRP A 1 83  ? 17.517  8.042   1.777   1.00 24.66 ? 81  TRP A C   1 
ATOM   659  O  O   . TRP A 1 83  ? 18.338  7.135   1.884   1.00 30.11 ? 81  TRP A O   1 
ATOM   660  C  CB  . TRP A 1 83  ? 15.075  7.467   1.801   1.00 33.41 ? 81  TRP A CB  1 
ATOM   661  C  CG  . TRP A 1 83  ? 15.528  6.477   0.750   1.00 34.17 ? 81  TRP A CG  1 
ATOM   662  C  CD1 . TRP A 1 83  ? 15.919  5.187   0.957   1.00 23.15 ? 81  TRP A CD1 1 
ATOM   663  C  CD2 . TRP A 1 83  ? 15.689  6.722   -0.655  1.00 33.59 ? 81  TRP A CD2 1 
ATOM   664  N  NE1 . TRP A 1 83  ? 16.292  4.610   -0.229  1.00 17.80 ? 81  TRP A NE1 1 
ATOM   665  C  CE2 . TRP A 1 83  ? 16.165  5.527   -1.234  1.00 26.67 ? 81  TRP A CE2 1 
ATOM   666  C  CE3 . TRP A 1 83  ? 15.473  7.834   -1.480  1.00 35.24 ? 81  TRP A CE3 1 
ATOM   667  C  CZ2 . TRP A 1 83  ? 16.428  5.408   -2.598  1.00 21.07 ? 81  TRP A CZ2 1 
ATOM   668  C  CZ3 . TRP A 1 83  ? 15.730  7.715   -2.836  1.00 32.72 ? 81  TRP A CZ3 1 
ATOM   669  C  CH2 . TRP A 1 83  ? 16.200  6.507   -3.383  1.00 31.88 ? 81  TRP A CH2 1 
ATOM   670  N  N   . TRP A 1 84  ? 17.663  9.069   0.944   1.00 29.56 ? 82  TRP A N   1 
ATOM   671  C  CA  . TRP A 1 84  ? 18.767  9.157   0.000   1.00 22.08 ? 82  TRP A CA  1 
ATOM   672  C  C   . TRP A 1 84  ? 20.139  8.935   0.636   1.00 25.36 ? 82  TRP A C   1 
ATOM   673  O  O   . TRP A 1 84  ? 20.982  8.235   0.068   1.00 21.37 ? 82  TRP A O   1 
ATOM   674  C  CB  . TRP A 1 84  ? 18.717  10.475  -0.782  1.00 28.58 ? 82  TRP A CB  1 
ATOM   675  C  CG  . TRP A 1 84  ? 19.853  10.599  -1.744  1.00 31.00 ? 82  TRP A CG  1 
ATOM   676  C  CD1 . TRP A 1 84  ? 20.888  11.480  -1.673  1.00 28.33 ? 82  TRP A CD1 1 
ATOM   677  C  CD2 . TRP A 1 84  ? 20.099  9.779   -2.899  1.00 40.38 ? 82  TRP A CD2 1 
ATOM   678  N  NE1 . TRP A 1 84  ? 21.756  11.275  -2.720  1.00 52.54 ? 82  TRP A NE1 1 
ATOM   679  C  CE2 . TRP A 1 84  ? 21.295  10.237  -3.486  1.00 39.72 ? 82  TRP A CE2 1 
ATOM   680  C  CE3 . TRP A 1 84  ? 19.416  8.710   -3.500  1.00 37.85 ? 82  TRP A CE3 1 
ATOM   681  C  CZ2 . TRP A 1 84  ? 21.826  9.665   -4.644  1.00 41.49 ? 82  TRP A CZ2 1 
ATOM   682  C  CZ3 . TRP A 1 84  ? 19.946  8.142   -4.648  1.00 30.80 ? 82  TRP A CZ3 1 
ATOM   683  C  CH2 . TRP A 1 84  ? 21.139  8.619   -5.206  1.00 28.41 ? 82  TRP A CH2 1 
ATOM   684  N  N   . VAL A 1 85  ? 20.337  9.507   1.823   1.00 28.97 ? 83  VAL A N   1 
ATOM   685  C  CA  . VAL A 1 85  ? 21.536  9.285   2.634   1.00 28.34 ? 83  VAL A CA  1 
ATOM   686  C  C   . VAL A 1 85  ? 21.825  7.793   2.814   1.00 21.89 ? 83  VAL A C   1 
ATOM   687  O  O   . VAL A 1 85  ? 22.945  7.341   2.571   1.00 20.37 ? 83  VAL A O   1 
ATOM   688  C  CB  . VAL A 1 85  ? 21.390  9.935   4.040   1.00 30.85 ? 83  VAL A CB  1 
ATOM   689  C  CG1 . VAL A 1 85  ? 22.689  9.820   4.838   1.00 33.15 ? 83  VAL A CG1 1 
ATOM   690  C  CG2 . VAL A 1 85  ? 20.960  11.397  3.925   1.00 37.15 ? 83  VAL A CG2 1 
ATOM   691  N  N   . THR A 1 86  ? 20.794  7.048   3.209   1.00 20.52 ? 84  THR A N   1 
ATOM   692  C  CA  . THR A 1 86  ? 20.900  5.623   3.528   1.00 22.92 ? 84  THR A CA  1 
ATOM   693  C  C   . THR A 1 86  ? 21.140  4.769   2.291   1.00 16.92 ? 84  THR A C   1 
ATOM   694  O  O   . THR A 1 86  ? 21.810  3.736   2.366   1.00 18.32 ? 84  THR A O   1 
ATOM   695  C  CB  . THR A 1 86  ? 19.637  5.095   4.261   1.00 25.01 ? 84  THR A CB  1 
ATOM   696  O  OG1 . THR A 1 86  ? 18.528  5.034   3.356   1.00 19.11 ? 84  THR A OG1 1 
ATOM   697  C  CG2 . THR A 1 86  ? 19.260  5.987   5.414   1.00 14.78 ? 84  THR A CG2 1 
ATOM   698  N  N   . HIS A 1 87  ? 20.578  5.203   1.165   1.00 24.20 ? 85  HIS A N   1 
ATOM   699  C  CA  . HIS A 1 87  ? 20.712  4.489   -0.097  1.00 20.67 ? 85  HIS A CA  1 
ATOM   700  C  C   . HIS A 1 87  ? 22.170  4.413   -0.509  1.00 19.51 ? 85  HIS A C   1 
ATOM   701  O  O   . HIS A 1 87  ? 22.703  3.325   -0.667  1.00 27.77 ? 85  HIS A O   1 
ATOM   702  C  CB  . HIS A 1 87  ? 19.872  5.134   -1.205  1.00 14.38 ? 85  HIS A CB  1 
ATOM   703  C  CG  . HIS A 1 87  ? 20.044  4.484   -2.543  1.00 10.63 ? 85  HIS A CG  1 
ATOM   704  N  ND1 . HIS A 1 87  ? 19.481  3.264   -2.855  1.00 17.09 ? 85  HIS A ND1 1 
ATOM   705  C  CD2 . HIS A 1 87  ? 20.719  4.879   -3.647  1.00 25.63 ? 85  HIS A CD2 1 
ATOM   706  C  CE1 . HIS A 1 87  ? 19.795  2.942   -4.096  1.00 15.50 ? 85  HIS A CE1 1 
ATOM   707  N  NE2 . HIS A 1 87  ? 20.547  3.904   -4.599  1.00 17.35 ? 85  HIS A NE2 1 
ATOM   708  N  N   . ILE A 1 88  ? 22.817  5.566   -0.643  1.00 29.49 ? 86  ILE A N   1 
ATOM   709  C  CA  . ILE A 1 88  ? 24.231  5.595   -1.011  1.00 24.74 ? 86  ILE A CA  1 
ATOM   710  C  C   . ILE A 1 88  ? 25.134  5.028   0.085   1.00 28.68 ? 86  ILE A C   1 
ATOM   711  O  O   . ILE A 1 88  ? 26.116  4.361   -0.227  1.00 30.48 ? 86  ILE A O   1 
ATOM   712  C  CB  . ILE A 1 88  ? 24.711  6.989   -1.458  1.00 34.95 ? 86  ILE A CB  1 
ATOM   713  C  CG1 . ILE A 1 88  ? 24.393  8.039   -0.403  1.00 26.76 ? 86  ILE A CG1 1 
ATOM   714  C  CG2 . ILE A 1 88  ? 24.091  7.369   -2.809  1.00 22.39 ? 86  ILE A CG2 1 
ATOM   715  C  CD1 . ILE A 1 88  ? 25.342  9.150   -0.432  1.00 29.82 ? 86  ILE A CD1 1 
ATOM   716  N  N   . ALA A 1 89  ? 24.774  5.249   1.354   1.00 20.94 ? 87  ALA A N   1 
ATOM   717  C  CA  . ALA A 1 89  ? 25.501  4.669   2.497   1.00 27.86 ? 87  ALA A CA  1 
ATOM   718  C  C   . ALA A 1 89  ? 25.570  3.140   2.457   1.00 24.15 ? 87  ALA A C   1 
ATOM   719  O  O   . ALA A 1 89  ? 26.527  2.543   2.943   1.00 25.62 ? 87  ALA A O   1 
ATOM   720  C  CB  . ALA A 1 89  ? 24.900  5.126   3.807   1.00 19.35 ? 87  ALA A CB  1 
ATOM   721  N  N   . ASN A 1 90  ? 24.559  2.514   1.866   1.00 18.03 ? 88  ASN A N   1 
ATOM   722  C  CA  . ASN A 1 90  ? 24.561  1.069   1.713   1.00 23.11 ? 88  ASN A CA  1 
ATOM   723  C  C   . ASN A 1 90  ? 25.085  0.575   0.365   1.00 24.84 ? 88  ASN A C   1 
ATOM   724  O  O   . ASN A 1 90  ? 24.758  -0.533  -0.064  1.00 23.75 ? 88  ASN A O   1 
ATOM   725  C  CB  . ASN A 1 90  ? 23.175  0.507   2.024   1.00 22.77 ? 88  ASN A CB  1 
ATOM   726  C  CG  . ASN A 1 90  ? 22.881  0.511   3.502   1.00 22.42 ? 88  ASN A CG  1 
ATOM   727  O  OD1 . ASN A 1 90  ? 23.498  -0.228  4.270   1.00 23.96 ? 88  ASN A OD1 1 
ATOM   728  N  ND2 . ASN A 1 90  ? 21.951  1.360   3.915   1.00 15.88 ? 88  ASN A ND2 1 
ATOM   729  N  N   . GLY A 1 91  ? 25.919  1.392   -0.280  1.00 25.62 ? 89  GLY A N   1 
ATOM   730  C  CA  . GLY A 1 91  ? 26.509  1.055   -1.580  1.00 20.33 ? 89  GLY A CA  1 
ATOM   731  C  C   . GLY A 1 91  ? 25.498  1.133   -2.703  1.00 17.35 ? 89  GLY A C   1 
ATOM   732  O  O   . GLY A 1 91  ? 25.508  0.303   -3.620  1.00 19.80 ? 89  GLY A O   1 
ATOM   733  N  N   . GLU A 1 92  ? 24.631  2.143   -2.616  1.00 20.57 ? 90  GLU A N   1 
ATOM   734  C  CA  . GLU A 1 92  ? 23.480  2.333   -3.509  1.00 12.92 ? 90  GLU A CA  1 
ATOM   735  C  C   . GLU A 1 92  ? 22.539  1.126   -3.552  1.00 11.38 ? 90  GLU A C   1 
ATOM   736  O  O   . GLU A 1 92  ? 22.149  0.670   -4.621  1.00 21.13 ? 90  GLU A O   1 
ATOM   737  C  CB  . GLU A 1 92  ? 23.919  2.772   -4.906  1.00 23.49 ? 90  GLU A CB  1 
ATOM   738  C  CG  . GLU A 1 92  ? 24.537  4.155   -4.967  1.00 10.30 ? 90  GLU A CG  1 
ATOM   739  C  CD  . GLU A 1 92  ? 25.102  4.464   -6.328  1.00 19.16 ? 90  GLU A CD  1 
ATOM   740  O  OE1 . GLU A 1 92  ? 24.305  4.668   -7.269  1.00 16.20 ? 90  GLU A OE1 1 
ATOM   741  O  OE2 . GLU A 1 92  ? 26.342  4.503   -6.452  1.00 19.49 ? 90  GLU A OE2 1 
ATOM   742  N  N   . LYS A 1 93  ? 22.180  0.621   -2.377  1.00 17.83 ? 91  LYS A N   1 
ATOM   743  C  CA  . LYS A 1 93  ? 21.233  -0.492  -2.247  1.00 23.65 ? 91  LYS A CA  1 
ATOM   744  C  C   . LYS A 1 93  ? 20.135  -0.086  -1.280  1.00 22.02 ? 91  LYS A C   1 
ATOM   745  O  O   . LYS A 1 93  ? 20.416  0.441   -0.202  1.00 23.19 ? 91  LYS A O   1 
ATOM   746  C  CB  . LYS A 1 93  ? 21.913  -1.761  -1.710  1.00 24.99 ? 91  LYS A CB  1 
ATOM   747  C  CG  . LYS A 1 93  ? 23.156  -2.229  -2.465  1.00 40.39 ? 91  LYS A CG  1 
ATOM   748  C  CD  . LYS A 1 93  ? 23.891  -3.308  -1.672  1.00 44.18 ? 91  LYS A CD  1 
ATOM   749  C  CE  . LYS A 1 93  ? 25.392  -3.270  -1.927  1.00 58.71 ? 91  LYS A CE  1 
ATOM   750  N  NZ  . LYS A 1 93  ? 26.160  -3.877  -0.800  1.00 58.10 ? 91  LYS A NZ  1 
ATOM   751  N  N   . THR A 1 94  ? 18.886  -0.336  -1.658  1.00 18.05 ? 92  THR A N   1 
ATOM   752  C  CA  . THR A 1 94  ? 17.760  -0.013  -0.793  1.00 19.05 ? 92  THR A CA  1 
ATOM   753  C  C   . THR A 1 94  ? 16.775  -1.167  -0.631  1.00 19.06 ? 92  THR A C   1 
ATOM   754  O  O   . THR A 1 94  ? 16.337  -1.748  -1.630  1.00 21.95 ? 92  THR A O   1 
ATOM   755  C  CB  . THR A 1 94  ? 17.022  1.244   -1.286  1.00 15.34 ? 92  THR A CB  1 
ATOM   756  O  OG1 . THR A 1 94  ? 17.808  2.394   -0.982  1.00 22.57 ? 92  THR A OG1 1 
ATOM   757  C  CG2 . THR A 1 94  ? 15.656  1.394   -0.614  1.00 22.23 ? 92  THR A CG2 1 
ATOM   758  N  N   . LYS A 1 95  ? 16.466  -1.492  0.610   1.00 14.16 ? 93  LYS A N   1 
ATOM   759  C  CA  A LYS A 1 95  ? 15.405  -2.410  0.955   0.35 17.30 ? 93  LYS A CA  1 
ATOM   760  C  CA  B LYS A 1 95  ? 15.430  -2.454  0.974   0.35 18.63 ? 93  LYS A CA  1 
ATOM   761  C  CA  C LYS A 1 95  ? 15.427  -2.456  0.956   0.30 18.61 ? 93  LYS A CA  1 
ATOM   762  C  C   . LYS A 1 95  ? 14.097  -1.722  1.223   1.00 20.99 ? 93  LYS A C   1 
ATOM   763  O  O   . LYS A 1 95  ? 13.995  -0.917  2.074   1.00 25.16 ? 93  LYS A O   1 
ATOM   764  C  CB  A LYS A 1 95  ? 15.806  -3.190  2.175   0.35 16.62 ? 93  LYS A CB  1 
ATOM   765  C  CB  B LYS A 1 95  ? 15.814  -3.272  2.206   0.35 17.74 ? 93  LYS A CB  1 
ATOM   766  C  CB  C LYS A 1 95  ? 15.819  -3.335  2.145   0.30 16.91 ? 93  LYS A CB  1 
ATOM   767  C  CG  A LYS A 1 95  ? 15.131  -4.502  2.353   0.35 17.69 ? 93  LYS A CG  1 
ATOM   768  C  CG  B LYS A 1 95  ? 16.509  -4.587  1.899   0.35 27.80 ? 93  LYS A CG  1 
ATOM   769  C  CG  C LYS A 1 95  ? 16.771  -4.475  1.796   0.30 20.95 ? 93  LYS A CG  1 
ATOM   770  C  CD  A LYS A 1 95  ? 16.102  -5.558  2.876   0.35 28.46 ? 93  LYS A CD  1 
ATOM   771  C  CD  B LYS A 1 95  ? 16.735  -5.389  3.173   0.35 29.72 ? 93  LYS A CD  1 
ATOM   772  C  CD  C LYS A 1 95  ? 16.923  -5.450  2.961   0.30 21.45 ? 93  LYS A CD  1 
ATOM   773  C  CE  A LYS A 1 95  ? 15.739  -6.931  2.334   0.35 41.63 ? 93  LYS A CE  1 
ATOM   774  C  CE  B LYS A 1 95  ? 16.983  -6.859  2.875   0.35 31.16 ? 93  LYS A CE  1 
ATOM   775  C  CE  C LYS A 1 95  ? 17.912  -6.568  2.645   0.30 15.93 ? 93  LYS A CE  1 
ATOM   776  N  NZ  A LYS A 1 95  ? 14.605  -6.801  1.364   0.35 56.06 ? 93  LYS A NZ  1 
ATOM   777  N  NZ  B LYS A 1 95  ? 15.733  -7.567  2.478   0.35 20.78 ? 93  LYS A NZ  1 
ATOM   778  N  NZ  C LYS A 1 95  ? 19.335  -6.116  2.673   0.30 9.47  ? 93  LYS A NZ  1 
ATOM   779  N  N   . ILE A 1 96  ? 13.088  -2.076  0.466   1.00 25.51 ? 94  ILE A N   1 
ATOM   780  C  CA  . ILE A 1 96  ? 11.777  -1.438  0.587   1.00 25.62 ? 94  ILE A CA  1 
ATOM   781  C  C   . ILE A 1 96  ? 10.751  -2.379  1.200   1.00 21.25 ? 94  ILE A C   1 
ATOM   782  O  O   . ILE A 1 96  ? 10.596  -3.513  0.748   1.00 21.59 ? 94  ILE A O   1 
ATOM   783  C  CB  . ILE A 1 96  ? 11.248  -0.951  -0.785  1.00 24.35 ? 94  ILE A CB  1 
ATOM   784  C  CG1 . ILE A 1 96  ? 12.263  -0.029  -1.460  1.00 22.25 ? 94  ILE A CG1 1 
ATOM   785  C  CG2 . ILE A 1 96  ? 9.903   -0.248  -0.633  1.00 30.85 ? 94  ILE A CG2 1 
ATOM   786  C  CD1 . ILE A 1 96  ? 11.856  0.437   -2.857  1.00 34.89 ? 94  ILE A CD1 1 
ATOM   787  N  N   . ARG A 1 97  ? 10.065  -1.905  2.238   1.00 18.89 ? 95  ARG A N   1 
ATOM   788  C  CA  A ARG A 1 97  ? 8.962   -2.641  2.845   0.50 22.51 ? 95  ARG A CA  1 
ATOM   789  C  CA  B ARG A 1 97  ? 8.958   -2.646  2.838   0.50 21.97 ? 95  ARG A CA  1 
ATOM   790  C  C   . ARG A 1 97  ? 7.679   -1.826  2.743   1.00 19.80 ? 95  ARG A C   1 
ATOM   791  O  O   . ARG A 1 97  ? 7.612   -0.707  3.244   1.00 26.13 ? 95  ARG A O   1 
ATOM   792  C  CB  A ARG A 1 97  ? 9.283   -2.984  4.305   0.50 17.58 ? 95  ARG A CB  1 
ATOM   793  C  CB  B ARG A 1 97  ? 9.260   -3.004  4.297   0.50 16.13 ? 95  ARG A CB  1 
ATOM   794  C  CG  A ARG A 1 97  ? 10.194  -4.194  4.462   0.50 33.08 ? 95  ARG A CG  1 
ATOM   795  C  CG  B ARG A 1 97  ? 10.344  -4.061  4.475   0.50 30.59 ? 95  ARG A CG  1 
ATOM   796  C  CD  A ARG A 1 97  ? 11.323  -3.966  5.462   0.50 38.19 ? 95  ARG A CD  1 
ATOM   797  C  CD  B ARG A 1 97  ? 11.218  -3.753  5.685   0.50 29.95 ? 95  ARG A CD  1 
ATOM   798  N  NE  A ARG A 1 97  ? 12.333  -3.052  4.931   0.50 34.89 ? 95  ARG A NE  1 
ATOM   799  N  NE  B ARG A 1 97  ? 10.515  -3.922  6.957   0.50 20.37 ? 95  ARG A NE  1 
ATOM   800  C  CZ  A ARG A 1 97  ? 12.692  -1.905  5.499   0.50 14.58 ? 95  ARG A CZ  1 
ATOM   801  C  CZ  B ARG A 1 97  ? 10.621  -3.085  7.986   0.50 17.10 ? 95  ARG A CZ  1 
ATOM   802  N  NH1 A ARG A 1 97  ? 12.148  -1.517  6.646   0.50 29.21 ? 95  ARG A NH1 1 
ATOM   803  N  NH1 B ARG A 1 97  ? 11.381  -2.001  7.886   0.50 14.01 ? 95  ARG A NH1 1 
ATOM   804  N  NH2 A ARG A 1 97  ? 13.611  -1.150  4.925   0.50 16.32 ? 95  ARG A NH2 1 
ATOM   805  N  NH2 B ARG A 1 97  ? 9.953   -3.320  9.110   0.50 23.89 ? 95  ARG A NH2 1 
ATOM   806  N  N   . VAL A 1 98  ? 6.676   -2.387  2.075   1.00 25.54 ? 96  VAL A N   1 
ATOM   807  C  CA  . VAL A 1 98  ? 5.364   -1.749  1.933   1.00 20.74 ? 96  VAL A CA  1 
ATOM   808  C  C   . VAL A 1 98  ? 4.322   -2.575  2.688   1.00 27.27 ? 96  VAL A C   1 
ATOM   809  O  O   . VAL A 1 98  ? 4.250   -3.797  2.532   1.00 23.98 ? 96  VAL A O   1 
ATOM   810  C  CB  . VAL A 1 98  ? 4.957   -1.578  0.447   1.00 22.33 ? 96  VAL A CB  1 
ATOM   811  C  CG1 . VAL A 1 98  ? 3.575   -0.946  0.325   1.00 27.61 ? 96  VAL A CG1 1 
ATOM   812  C  CG2 . VAL A 1 98  ? 5.975   -0.731  -0.285  1.00 19.46 ? 96  VAL A CG2 1 
ATOM   813  N  N   . ALA A 1 99  ? 3.545   -1.908  3.536   1.00 23.65 ? 97  ALA A N   1 
ATOM   814  C  CA  . ALA A 1 99  ? 2.485   -2.565  4.282   1.00 19.26 ? 97  ALA A CA  1 
ATOM   815  C  C   . ALA A 1 99  ? 1.159   -1.855  4.072   1.00 24.09 ? 97  ALA A C   1 
ATOM   816  O  O   . ALA A 1 99  ? 1.070   -0.650  4.258   1.00 26.41 ? 97  ALA A O   1 
ATOM   817  C  CB  . ALA A 1 99  ? 2.829   -2.611  5.741   1.00 18.15 ? 97  ALA A CB  1 
ATOM   818  N  N   . ILE A 1 100 ? 0.139   -2.606  3.667   1.00 21.67 ? 98  ILE A N   1 
ATOM   819  C  CA  . ILE A 1 100 ? -1.225  -2.087  3.582   1.00 18.03 ? 98  ILE A CA  1 
ATOM   820  C  C   . ILE A 1 100 ? -2.099  -2.859  4.567   1.00 20.77 ? 98  ILE A C   1 
ATOM   821  O  O   . ILE A 1 100 ? -2.151  -4.086  4.534   1.00 19.52 ? 98  ILE A O   1 
ATOM   822  C  CB  . ILE A 1 100 ? -1.788  -2.148  2.139   1.00 21.20 ? 98  ILE A CB  1 
ATOM   823  C  CG1 . ILE A 1 100 ? -0.983  -1.234  1.213   1.00 26.86 ? 98  ILE A CG1 1 
ATOM   824  C  CG2 . ILE A 1 100 ? -3.259  -1.733  2.099   1.00 24.52 ? 98  ILE A CG2 1 
ATOM   825  C  CD1 . ILE A 1 100 ? -1.038  -1.630  -0.270  1.00 25.44 ? 98  ILE A CD1 1 
ATOM   826  N  N   . LYS A 1 101 ? -2.763  -2.121  5.453   1.00 20.53 ? 99  LYS A N   1 
ATOM   827  C  CA  . LYS A 1 101 ? -3.581  -2.691  6.518   1.00 21.25 ? 99  LYS A CA  1 
ATOM   828  C  C   . LYS A 1 101 ? -5.042  -2.246  6.344   1.00 15.50 ? 99  LYS A C   1 
ATOM   829  O  O   . LYS A 1 101 ? -5.442  -1.224  6.895   1.00 20.38 ? 99  LYS A O   1 
ATOM   830  C  CB  . LYS A 1 101 ? -3.018  -2.227  7.868   1.00 13.77 ? 99  LYS A CB  1 
ATOM   831  C  CG  . LYS A 1 101 ? -3.605  -2.886  9.110   1.00 38.89 ? 99  LYS A CG  1 
ATOM   832  C  CD  . LYS A 1 101 ? -2.800  -2.489  10.354  1.00 32.64 ? 99  LYS A CD  1 
ATOM   833  C  CE  . LYS A 1 101 ? -3.583  -2.692  11.642  1.00 47.25 ? 99  LYS A CE  1 
ATOM   834  N  NZ  . LYS A 1 101 ? -4.488  -1.546  11.943  1.00 43.35 ? 99  LYS A NZ  1 
ATOM   835  N  N   . PRO A 1 102 ? -5.836  -2.992  5.543   1.00 18.47 ? 100 PRO A N   1 
ATOM   836  C  CA  . PRO A 1 102 ? -7.229  -2.598  5.351   1.00 15.43 ? 100 PRO A CA  1 
ATOM   837  C  C   . PRO A 1 102 ? -8.100  -2.871  6.570   1.00 21.70 ? 100 PRO A C   1 
ATOM   838  O  O   . PRO A 1 102 ? -7.866  -3.831  7.309   1.00 19.84 ? 100 PRO A O   1 
ATOM   839  C  CB  . PRO A 1 102 ? -7.682  -3.453  4.170   1.00 15.94 ? 100 PRO A CB  1 
ATOM   840  C  CG  . PRO A 1 102 ? -6.806  -4.638  4.193   1.00 22.55 ? 100 PRO A CG  1 
ATOM   841  C  CD  . PRO A 1 102 ? -5.492  -4.195  4.760   1.00 26.39 ? 100 PRO A CD  1 
ATOM   842  N  N   . THR A 1 103 ? -9.076  -1.994  6.774   1.00 21.75 ? 101 THR A N   1 
ATOM   843  C  CA  . THR A 1 103 ? -10.071 -2.138  7.817   1.00 18.87 ? 101 THR A CA  1 
ATOM   844  C  C   . THR A 1 103 ? -11.290 -2.777  7.185   1.00 17.26 ? 101 THR A C   1 
ATOM   845  O  O   . THR A 1 103 ? -12.023 -2.131  6.441   1.00 21.32 ? 101 THR A O   1 
ATOM   846  C  CB  . THR A 1 103 ? -10.467 -0.776  8.407   1.00 19.09 ? 101 THR A CB  1 
ATOM   847  O  OG1 . THR A 1 103 ? -9.290  -0.061  8.796   1.00 30.68 ? 101 THR A OG1 1 
ATOM   848  C  CG2 . THR A 1 103 ? -11.352 -0.964  9.618   1.00 32.44 ? 101 THR A CG2 1 
ATOM   849  N  N   . ILE A 1 104 ? -11.486 -4.056  7.484   1.00 20.60 ? 102 ILE A N   1 
ATOM   850  C  CA  . ILE A 1 104 ? -12.562 -4.852  6.919   1.00 19.57 ? 102 ILE A CA  1 
ATOM   851  C  C   . ILE A 1 104 ? -13.659 -4.965  7.952   1.00 17.00 ? 102 ILE A C   1 
ATOM   852  O  O   . ILE A 1 104 ? -13.417 -5.433  9.062   1.00 20.47 ? 102 ILE A O   1 
ATOM   853  C  CB  . ILE A 1 104 ? -12.065 -6.266  6.536   1.00 23.26 ? 102 ILE A CB  1 
ATOM   854  C  CG1 . ILE A 1 104 ? -10.921 -6.179  5.523   1.00 22.67 ? 102 ILE A CG1 1 
ATOM   855  C  CG2 . ILE A 1 104 ? -13.213 -7.117  6.002   1.00 29.75 ? 102 ILE A CG2 1 
ATOM   856  C  CD1 . ILE A 1 104 ? -10.177 -7.478  5.325   1.00 40.52 ? 102 ILE A CD1 1 
ATOM   857  N  N   . GLU A 1 105 ? -14.862 -4.532  7.591   1.00 13.07 ? 103 GLU A N   1 
ATOM   858  C  CA  . GLU A 1 105 ? -15.979 -4.536  8.523   1.00 26.72 ? 103 GLU A CA  1 
ATOM   859  C  C   . GLU A 1 105 ? -16.982 -5.607  8.140   1.00 38.00 ? 103 GLU A C   1 
ATOM   860  O  O   . GLU A 1 105 ? -17.576 -5.556  7.062   1.00 50.94 ? 103 GLU A O   1 
ATOM   861  C  CB  . GLU A 1 105 ? -16.675 -3.168  8.566   1.00 22.98 ? 103 GLU A CB  1 
ATOM   862  C  CG  . GLU A 1 105 ? -15.775 -1.991  8.947   1.00 41.20 ? 103 GLU A CG  1 
ATOM   863  C  CD  . GLU A 1 105 ? -16.509 -0.651  8.992   1.00 40.28 ? 103 GLU A CD  1 
ATOM   864  O  OE1 . GLU A 1 105 ? -17.605 -0.531  8.403   1.00 45.46 ? 103 GLU A OE1 1 
ATOM   865  O  OE2 . GLU A 1 105 ? -15.977 0.294   9.615   1.00 44.61 ? 103 GLU A OE2 1 
ATOM   866  N  N   . ILE A 1 106 ? -17.133 -6.603  9.009   1.00 53.25 ? 104 ILE A N   1 
ATOM   867  C  CA  . ILE A 1 106 ? -18.291 -7.495  8.963   1.00 60.18 ? 104 ILE A CA  1 
ATOM   868  C  C   . ILE A 1 106 ? -18.900 -7.510  10.374  1.00 64.83 ? 104 ILE A C   1 
ATOM   869  O  O   . ILE A 1 106 ? -18.461 -8.261  11.254  1.00 67.66 ? 104 ILE A O   1 
ATOM   870  C  CB  . ILE A 1 106 ? -17.961 -8.929  8.433   1.00 64.42 ? 104 ILE A CB  1 
ATOM   871  C  CG1 . ILE A 1 106 ? -17.208 -8.870  7.093   1.00 53.33 ? 104 ILE A CG1 1 
ATOM   872  C  CG2 . ILE A 1 106 ? -19.255 -9.737  8.262   1.00 49.97 ? 104 ILE A CG2 1 
ATOM   873  C  CD1 . ILE A 1 106 ? -16.495 -10.153 6.691   1.00 53.18 ? 104 ILE A CD1 1 
ATOM   874  N  N   . GLY A 1 107 ? -19.890 -6.643  10.580  1.00 51.23 ? 105 GLY A N   1 
ATOM   875  C  CA  . GLY A 1 107 ? -20.508 -6.461  11.886  1.00 46.50 ? 105 GLY A CA  1 
ATOM   876  C  C   . GLY A 1 107 ? -20.639 -4.997  12.261  1.00 45.05 ? 105 GLY A C   1 
ATOM   877  O  O   . GLY A 1 107 ? -21.257 -4.658  13.273  1.00 37.34 ? 105 GLY A O   1 
ATOM   878  N  N   . ARG A 1 109 ? -19.307 -2.492  14.232  1.00 41.21 ? 107 ARG A N   1 
ATOM   879  C  CA  . ARG A 1 109 ? -18.138 -2.108  15.024  1.00 34.68 ? 107 ARG A CA  1 
ATOM   880  C  C   . ARG A 1 109 ? -17.053 -3.185  15.069  1.00 35.03 ? 107 ARG A C   1 
ATOM   881  O  O   . ARG A 1 109 ? -15.887 -2.874  15.289  1.00 26.10 ? 107 ARG A O   1 
ATOM   882  C  CB  . ARG A 1 109 ? -18.550 -1.708  16.442  1.00 36.42 ? 107 ARG A CB  1 
ATOM   883  C  CG  . ARG A 1 109 ? -19.266 -0.371  16.511  1.00 51.49 ? 107 ARG A CG  1 
ATOM   884  C  CD  . ARG A 1 109 ? -18.294 0.782   16.328  1.00 44.50 ? 107 ARG A CD  1 
ATOM   885  N  NE  . ARG A 1 109 ? -18.730 1.698   15.278  1.00 47.12 ? 107 ARG A NE  1 
ATOM   886  C  CZ  . ARG A 1 109 ? -18.309 2.951   15.144  1.00 40.63 ? 107 ARG A CZ  1 
ATOM   887  N  NH1 . ARG A 1 109 ? -18.777 3.695   14.154  1.00 41.34 ? 107 ARG A NH1 1 
ATOM   888  N  NH2 . ARG A 1 109 ? -17.446 3.472   16.007  1.00 18.47 ? 107 ARG A NH2 1 
ATOM   889  N  N   . ASP A 1 110 ? -17.444 -4.440  14.856  1.00 42.93 ? 108 ASP A N   1 
ATOM   890  C  CA  . ASP A 1 110 ? -16.503 -5.565  14.826  1.00 46.28 ? 108 ASP A CA  1 
ATOM   891  C  C   . ASP A 1 110 ? -15.740 -5.625  13.494  1.00 41.26 ? 108 ASP A C   1 
ATOM   892  O  O   . ASP A 1 110 ? -16.344 -5.542  12.420  1.00 38.81 ? 108 ASP A O   1 
ATOM   893  C  CB  . ASP A 1 110 ? -17.236 -6.891  15.086  1.00 50.55 ? 108 ASP A CB  1 
ATOM   894  C  CG  . ASP A 1 110 ? -18.198 -6.813  16.265  1.00 67.47 ? 108 ASP A CG  1 
ATOM   895  O  OD1 . ASP A 1 110 ? -17.842 -7.301  17.360  1.00 64.52 ? 108 ASP A OD1 1 
ATOM   896  O  OD2 . ASP A 1 110 ? -19.309 -6.260  16.098  1.00 83.72 ? 108 ASP A OD2 1 
ATOM   897  N  N   . VAL A 1 111 ? -14.417 -5.778  13.571  1.00 32.66 ? 109 VAL A N   1 
ATOM   898  C  CA  . VAL A 1 111 ? -13.552 -5.730  12.382  1.00 30.67 ? 109 VAL A CA  1 
ATOM   899  C  C   . VAL A 1 111 ? -12.530 -6.860  12.220  1.00 33.04 ? 109 VAL A C   1 
ATOM   900  O  O   . VAL A 1 111 ? -12.384 -7.723  13.082  1.00 36.63 ? 109 VAL A O   1 
ATOM   901  C  CB  . VAL A 1 111 ? -12.763 -4.396  12.286  1.00 34.78 ? 109 VAL A CB  1 
ATOM   902  C  CG1 . VAL A 1 111 ? -13.674 -3.260  11.860  1.00 34.56 ? 109 VAL A CG1 1 
ATOM   903  C  CG2 . VAL A 1 111 ? -12.022 -4.091  13.595  1.00 27.50 ? 109 VAL A CG2 1 
ATOM   904  N  N   . GLU A 1 112 ? -11.845 -6.832  11.080  1.00 31.60 ? 110 GLU A N   1 
ATOM   905  C  CA  . GLU A 1 112 ? -10.684 -7.667  10.798  1.00 34.06 ? 110 GLU A CA  1 
ATOM   906  C  C   . GLU A 1 112 ? -9.641  -6.742  10.193  1.00 28.15 ? 110 GLU A C   1 
ATOM   907  O  O   . GLU A 1 112 ? -9.954  -5.981  9.271   1.00 26.97 ? 110 GLU A O   1 
ATOM   908  C  CB  . GLU A 1 112 ? -11.029 -8.765  9.784   1.00 34.64 ? 110 GLU A CB  1 
ATOM   909  C  CG  . GLU A 1 112 ? -12.138 -9.715  10.214  1.00 47.01 ? 110 GLU A CG  1 
ATOM   910  C  CD  . GLU A 1 112 ? -12.285 -10.902 9.284   1.00 51.10 ? 110 GLU A CD  1 
ATOM   911  O  OE1 . GLU A 1 112 ? -11.521 -11.881 9.436   1.00 74.16 ? 110 GLU A OE1 1 
ATOM   912  O  OE2 . GLU A 1 112 ? -13.173 -10.861 8.410   1.00 59.13 ? 110 GLU A OE2 1 
ATOM   913  N  N   . VAL A 1 113 ? -8.409  -6.789  10.695  1.00 25.59 ? 111 VAL A N   1 
ATOM   914  C  CA  . VAL A 1 113 ? -7.357  -5.902  10.170  1.00 27.00 ? 111 VAL A CA  1 
ATOM   915  C  C   . VAL A 1 113 ? -6.061  -6.613  9.745   1.00 23.83 ? 111 VAL A C   1 
ATOM   916  O  O   . VAL A 1 113 ? -5.032  -6.479  10.411  1.00 29.27 ? 111 VAL A O   1 
ATOM   917  C  CB  . VAL A 1 113 ? -7.051  -4.721  11.137  1.00 26.41 ? 111 VAL A CB  1 
ATOM   918  C  CG1 . VAL A 1 113 ? -7.939  -3.528  10.817  1.00 30.52 ? 111 VAL A CG1 1 
ATOM   919  C  CG2 . VAL A 1 113 ? -7.203  -5.146  12.604  1.00 32.11 ? 111 VAL A CG2 1 
ATOM   920  N  N   . PRO A 1 114 ? -6.103  -7.360  8.621   1.00 24.52 ? 112 PRO A N   1 
ATOM   921  C  CA  . PRO A 1 114 ? -4.908  -8.068  8.167   1.00 24.89 ? 112 PRO A CA  1 
ATOM   922  C  C   . PRO A 1 114 ? -3.846  -7.113  7.609   1.00 21.82 ? 112 PRO A C   1 
ATOM   923  O  O   . PRO A 1 114 ? -4.179  -6.049  7.097   1.00 21.99 ? 112 PRO A O   1 
ATOM   924  C  CB  . PRO A 1 114 ? -5.448  -8.987  7.066   1.00 20.65 ? 112 PRO A CB  1 
ATOM   925  C  CG  . PRO A 1 114 ? -6.634  -8.288  6.539   1.00 23.71 ? 112 PRO A CG  1 
ATOM   926  C  CD  . PRO A 1 114 ? -7.246  -7.585  7.713   1.00 20.45 ? 112 PRO A CD  1 
ATOM   927  N  N   . VAL A 1 115 ? -2.580  -7.488  7.740   1.00 17.45 ? 113 VAL A N   1 
ATOM   928  C  CA  . VAL A 1 115 ? -1.478  -6.683  7.223   1.00 14.13 ? 113 VAL A CA  1 
ATOM   929  C  C   . VAL A 1 115 ? -0.836  -7.411  6.052   1.00 19.63 ? 113 VAL A C   1 
ATOM   930  O  O   . VAL A 1 115 ? -0.333  -8.529  6.201   1.00 21.01 ? 113 VAL A O   1 
ATOM   931  C  CB  . VAL A 1 115 ? -0.414  -6.397  8.307   1.00 18.42 ? 113 VAL A CB  1 
ATOM   932  C  CG1 . VAL A 1 115 ? 0.646   -5.455  7.780   1.00 19.33 ? 113 VAL A CG1 1 
ATOM   933  C  CG2 . VAL A 1 115 ? -1.059  -5.814  9.558   1.00 21.34 ? 113 VAL A CG2 1 
ATOM   934  N  N   . PHE A 1 116 ? -0.875  -6.776  4.887   1.00 18.67 ? 114 PHE A N   1 
ATOM   935  C  CA  . PHE A 1 116 ? -0.255  -7.318  3.690   1.00 20.66 ? 114 PHE A CA  1 
ATOM   936  C  C   . PHE A 1 116 ? 1.094   -6.653  3.476   1.00 16.63 ? 114 PHE A C   1 
ATOM   937  O  O   . PHE A 1 116 ? 1.168   -5.453  3.258   1.00 25.52 ? 114 PHE A O   1 
ATOM   938  C  CB  . PHE A 1 116 ? -1.174  -7.135  2.479   1.00 15.75 ? 114 PHE A CB  1 
ATOM   939  C  CG  . PHE A 1 116 ? -2.494  -7.838  2.622   1.00 18.39 ? 114 PHE A CG  1 
ATOM   940  C  CD1 . PHE A 1 116 ? -2.606  -9.196  2.344   1.00 25.70 ? 114 PHE A CD1 1 
ATOM   941  C  CD2 . PHE A 1 116 ? -3.618  -7.150  3.057   1.00 20.24 ? 114 PHE A CD2 1 
ATOM   942  C  CE1 . PHE A 1 116 ? -3.821  -9.857  2.497   1.00 17.11 ? 114 PHE A CE1 1 
ATOM   943  C  CE2 . PHE A 1 116 ? -4.838  -7.797  3.205   1.00 28.62 ? 114 PHE A CE2 1 
ATOM   944  C  CZ  . PHE A 1 116 ? -4.939  -9.153  2.924   1.00 31.86 ? 114 PHE A CZ  1 
ATOM   945  N  N   . LEU A 1 117 ? 2.157   -7.445  3.571   1.00 29.65 ? 115 LEU A N   1 
ATOM   946  C  CA  . LEU A 1 117 ? 3.517   -6.936  3.440   1.00 28.50 ? 115 LEU A CA  1 
ATOM   947  C  C   . LEU A 1 117 ? 4.107   -7.308  2.091   1.00 28.00 ? 115 LEU A C   1 
ATOM   948  O  O   . LEU A 1 117 ? 3.881   -8.408  1.584   1.00 32.42 ? 115 LEU A O   1 
ATOM   949  C  CB  . LEU A 1 117 ? 4.414   -7.483  4.548   1.00 28.40 ? 115 LEU A CB  1 
ATOM   950  C  CG  . LEU A 1 117 ? 4.004   -7.347  6.017   1.00 37.90 ? 115 LEU A CG  1 
ATOM   951  C  CD1 . LEU A 1 117 ? 4.745   -8.385  6.842   1.00 74.09 ? 115 LEU A CD1 1 
ATOM   952  C  CD2 . LEU A 1 117 ? 4.282   -5.958  6.554   1.00 55.90 ? 115 LEU A CD2 1 
ATOM   953  N  N   . ARG A 1 118 ? 4.858   -6.376  1.515   1.00 25.22 ? 116 ARG A N   1 
ATOM   954  C  CA  . ARG A 1 118 ? 5.593   -6.621  0.283   1.00 31.86 ? 116 ARG A CA  1 
ATOM   955  C  C   . ARG A 1 118 ? 6.995   -6.041  0.430   1.00 26.22 ? 116 ARG A C   1 
ATOM   956  O  O   . ARG A 1 118 ? 7.159   -4.842  0.667   1.00 35.93 ? 116 ARG A O   1 
ATOM   957  C  CB  . ARG A 1 118 ? 4.863   -6.023  -0.926  1.00 28.01 ? 116 ARG A CB  1 
ATOM   958  C  CG  . ARG A 1 118 ? 5.200   -6.691  -2.258  1.00 53.00 ? 116 ARG A CG  1 
ATOM   959  C  CD  . ARG A 1 118 ? 6.198   -5.886  -3.084  1.00 53.69 ? 116 ARG A CD  1 
ATOM   960  N  NE  . ARG A 1 118 ? 6.738   -6.668  -4.196  1.00 74.64 ? 116 ARG A NE  1 
ATOM   961  C  CZ  . ARG A 1 118 ? 7.114   -6.164  -5.370  1.00 73.40 ? 116 ARG A CZ  1 
ATOM   962  N  NH1 . ARG A 1 118 ? 6.998   -4.862  -5.619  1.00 50.50 ? 116 ARG A NH1 1 
ATOM   963  N  NH2 . ARG A 1 118 ? 7.595   -6.969  -6.308  1.00 61.41 ? 116 ARG A NH2 1 
ATOM   964  N  N   . GLU A 1 119 ? 7.995   -6.910  0.317   1.00 32.51 ? 117 GLU A N   1 
ATOM   965  C  CA  . GLU A 1 119 ? 9.397   -6.512  0.411   1.00 28.47 ? 117 GLU A CA  1 
ATOM   966  C  C   . GLU A 1 119 ? 10.052  -6.558  -0.961  1.00 24.81 ? 117 GLU A C   1 
ATOM   967  O  O   . GLU A 1 119 ? 9.776   -7.455  -1.765  1.00 29.48 ? 117 GLU A O   1 
ATOM   968  C  CB  . GLU A 1 119 ? 10.164  -7.418  1.377   1.00 30.43 ? 117 GLU A CB  1 
ATOM   969  C  CG  . GLU A 1 119 ? 9.624   -7.436  2.806   1.00 48.70 ? 117 GLU A CG  1 
ATOM   970  C  CD  . GLU A 1 119 ? 10.386  -8.386  3.730   1.00 51.20 ? 117 GLU A CD  1 
ATOM   971  O  OE1 . GLU A 1 119 ? 11.574  -8.676  3.465   1.00 76.53 ? 117 GLU A OE1 1 
ATOM   972  O  OE2 . GLU A 1 119 ? 9.790   -8.841  4.731   1.00 77.35 ? 117 GLU A OE2 1 
ATOM   973  N  N   . SER A 1 120 ? 10.920  -5.587  -1.225  1.00 20.87 ? 118 SER A N   1 
ATOM   974  C  CA  . SER A 1 120 ? 11.678  -5.540  -2.472  1.00 17.08 ? 118 SER A CA  1 
ATOM   975  C  C   . SER A 1 120 ? 13.048  -4.914  -2.255  1.00 21.27 ? 118 SER A C   1 
ATOM   976  O  O   . SER A 1 120 ? 13.370  -4.459  -1.159  1.00 26.51 ? 118 SER A O   1 
ATOM   977  C  CB  . SER A 1 120 ? 10.904  -4.789  -3.561  1.00 21.60 ? 118 SER A CB  1 
ATOM   978  O  OG  . SER A 1 120 ? 10.626  -3.455  -3.181  1.00 37.14 ? 118 SER A OG  1 
ATOM   979  N  N   . GLU A 1 121 ? 13.862  -4.912  -3.300  1.00 26.16 ? 119 GLU A N   1 
ATOM   980  C  CA  . GLU A 1 121 ? 15.195  -4.344  -3.215  1.00 31.54 ? 119 GLU A CA  1 
ATOM   981  C  C   . GLU A 1 121 ? 15.565  -3.729  -4.552  1.00 27.98 ? 119 GLU A C   1 
ATOM   982  O  O   . GLU A 1 121 ? 15.208  -4.258  -5.609  1.00 23.54 ? 119 GLU A O   1 
ATOM   983  C  CB  . GLU A 1 121 ? 16.219  -5.415  -2.810  1.00 33.26 ? 119 GLU A CB  1 
ATOM   984  C  CG  . GLU A 1 121 ? 17.556  -4.860  -2.298  1.00 57.65 ? 119 GLU A CG  1 
ATOM   985  C  CD  . GLU A 1 121 ? 18.547  -5.937  -1.867  1.00 50.01 ? 119 GLU A CD  1 
ATOM   986  O  OE1 . GLU A 1 121 ? 19.734  -5.595  -1.663  1.00 56.24 ? 119 GLU A OE1 1 
ATOM   987  O  OE2 . GLU A 1 121 ? 18.149  -7.116  -1.727  1.00 51.94 ? 119 GLU A OE2 1 
ATOM   988  N  N   . PHE A 1 122 ? 16.256  -2.596  -4.508  1.00 26.58 ? 120 PHE A N   1 
ATOM   989  C  CA  . PHE A 1 122 ? 16.819  -2.040  -5.727  1.00 22.85 ? 120 PHE A CA  1 
ATOM   990  C  C   . PHE A 1 122 ? 18.186  -1.418  -5.521  1.00 20.15 ? 120 PHE A C   1 
ATOM   991  O  O   . PHE A 1 122 ? 18.496  -0.866  -4.462  1.00 19.61 ? 120 PHE A O   1 
ATOM   992  C  CB  . PHE A 1 122 ? 15.840  -1.089  -6.444  1.00 30.32 ? 120 PHE A CB  1 
ATOM   993  C  CG  . PHE A 1 122 ? 15.798  0.308   -5.887  1.00 23.22 ? 120 PHE A CG  1 
ATOM   994  C  CD1 . PHE A 1 122 ? 16.480  1.345   -6.527  1.00 46.40 ? 120 PHE A CD1 1 
ATOM   995  C  CD2 . PHE A 1 122 ? 15.044  0.601   -4.759  1.00 22.24 ? 120 PHE A CD2 1 
ATOM   996  C  CE1 . PHE A 1 122 ? 16.435  2.642   -6.035  1.00 38.71 ? 120 PHE A CE1 1 
ATOM   997  C  CE2 . PHE A 1 122 ? 14.991  1.899   -4.263  1.00 24.26 ? 120 PHE A CE2 1 
ATOM   998  C  CZ  . PHE A 1 122 ? 15.688  2.918   -4.903  1.00 28.35 ? 120 PHE A CZ  1 
ATOM   999  N  N   . THR A 1 123 ? 19.002  -1.550  -6.557  1.00 21.16 ? 121 THR A N   1 
ATOM   1000 C  CA  . THR A 1 123 ? 20.320  -0.968  -6.588  1.00 25.95 ? 121 THR A CA  1 
ATOM   1001 C  C   . THR A 1 123 ? 20.381  0.073   -7.695  1.00 23.16 ? 121 THR A C   1 
ATOM   1002 O  O   . THR A 1 123 ? 19.677  -0.036  -8.697  1.00 22.78 ? 121 THR A O   1 
ATOM   1003 C  CB  . THR A 1 123 ? 21.406  -2.033  -6.841  1.00 29.35 ? 121 THR A CB  1 
ATOM   1004 O  OG1 . THR A 1 123 ? 21.185  -2.652  -8.114  1.00 35.83 ? 121 THR A OG1 1 
ATOM   1005 C  CG2 . THR A 1 123 ? 21.394  -3.096  -5.746  1.00 35.69 ? 121 THR A CG2 1 
ATOM   1006 N  N   . THR A 1 124 ? 21.201  1.096   -7.491  1.00 24.43 ? 122 THR A N   1 
ATOM   1007 C  CA  . THR A 1 124 ? 21.569  2.007   -8.567  1.00 21.83 ? 122 THR A CA  1 
ATOM   1008 C  C   . THR A 1 124 ? 23.088  1.951   -8.741  1.00 25.54 ? 122 THR A C   1 
ATOM   1009 O  O   . THR A 1 124 ? 23.802  1.488   -7.848  1.00 23.20 ? 122 THR A O   1 
ATOM   1010 C  CB  . THR A 1 124 ? 21.088  3.461   -8.316  1.00 18.89 ? 122 THR A CB  1 
ATOM   1011 O  OG1 . THR A 1 124 ? 21.677  3.965   -7.115  1.00 24.17 ? 122 THR A OG1 1 
ATOM   1012 C  CG2 . THR A 1 124 ? 19.574  3.531   -8.202  1.00 15.08 ? 122 THR A CG2 1 
ATOM   1013 N  N   . LYS A 1 125 ? 23.570  2.374   -9.909  1.00 21.47 ? 123 LYS A N   1 
ATOM   1014 C  CA  . LYS A 1 125 ? 24.998  2.471   -10.197 1.00 25.20 ? 123 LYS A CA  1 
ATOM   1015 C  C   . LYS A 1 125 ? 25.204  3.761   -10.982 1.00 26.51 ? 123 LYS A C   1 
ATOM   1016 O  O   . LYS A 1 125 ? 25.405  3.743   -12.199 1.00 26.14 ? 123 LYS A O   1 
ATOM   1017 C  CB  . LYS A 1 125 ? 25.479  1.253   -10.996 1.00 33.31 ? 123 LYS A CB  1 
ATOM   1018 C  CG  . LYS A 1 125 ? 25.644  -0.022  -10.175 1.00 43.77 ? 123 LYS A CG  1 
ATOM   1019 C  CD  . LYS A 1 125 ? 25.015  -1.222  -10.873 1.00 64.22 ? 123 LYS A CD  1 
ATOM   1020 C  CE  . LYS A 1 125 ? 24.792  -2.370  -9.900  1.00 65.14 ? 123 LYS A CE  1 
ATOM   1021 N  NZ  . LYS A 1 125 ? 24.082  -3.510  -10.538 1.00 63.16 ? 123 LYS A NZ  1 
ATOM   1022 N  N   . LEU A 1 126 ? 25.139  4.881   -10.266 1.00 23.79 ? 124 LEU A N   1 
ATOM   1023 C  CA  . LEU A 1 126 ? 25.081  6.205   -10.884 1.00 27.74 ? 124 LEU A CA  1 
ATOM   1024 C  C   . LEU A 1 126 ? 26.428  6.768   -11.323 1.00 27.36 ? 124 LEU A C   1 
ATOM   1025 O  O   . LEU A 1 126 ? 26.510  7.458   -12.342 1.00 28.73 ? 124 LEU A O   1 
ATOM   1026 C  CB  . LEU A 1 126 ? 24.379  7.196   -9.952  1.00 19.64 ? 124 LEU A CB  1 
ATOM   1027 C  CG  . LEU A 1 126 ? 22.942  6.860   -9.555  1.00 23.15 ? 124 LEU A CG  1 
ATOM   1028 C  CD1 . LEU A 1 126 ? 22.444  7.857   -8.535  1.00 34.42 ? 124 LEU A CD1 1 
ATOM   1029 C  CD2 . LEU A 1 126 ? 22.027  6.831   -10.764 1.00 24.26 ? 124 LEU A CD2 1 
ATOM   1030 N  N   . LEU A 1 127 ? 27.475  6.475   -10.558 1.00 27.38 ? 125 LEU A N   1 
ATOM   1031 C  CA  . LEU A 1 127 ? 28.803  7.004   -10.849 1.00 28.16 ? 125 LEU A CA  1 
ATOM   1032 C  C   . LEU A 1 127 ? 29.662  5.979   -11.580 1.00 37.94 ? 125 LEU A C   1 
ATOM   1033 O  O   . LEU A 1 127 ? 29.602  5.864   -12.803 1.00 42.14 ? 125 LEU A O   1 
ATOM   1034 C  CB  . LEU A 1 127 ? 29.503  7.460   -9.564  1.00 21.20 ? 125 LEU A CB  1 
ATOM   1035 C  CG  . LEU A 1 127 ? 28.740  8.294   -8.531  1.00 11.40 ? 125 LEU A CG  1 
ATOM   1036 C  CD1 . LEU A 1 127 ? 29.635  8.555   -7.354  1.00 9.71  ? 125 LEU A CD1 1 
ATOM   1037 C  CD2 . LEU A 1 127 ? 28.238  9.609   -9.103  1.00 21.27 ? 125 LEU A CD2 1 
HETATM 1038 O  O   . HOH B 2 .   ? -10.018 1.169   -1.264  1.00 34.65 ? 135 HOH A O   1 
HETATM 1039 O  O   . HOH B 2 .   ? -11.339 1.493   -3.648  1.00 41.37 ? 136 HOH A O   1 
HETATM 1040 O  O   . HOH B 2 .   ? -12.016 3.915   7.578   1.00 61.51 ? 137 HOH A O   1 
HETATM 1041 O  O   . HOH B 2 .   ? -12.201 6.721   9.221   1.00 41.96 ? 138 HOH A O   1 
HETATM 1042 O  O   . HOH B 2 .   ? -6.678  -0.414  9.272   1.00 27.24 ? 139 HOH A O   1 
HETATM 1043 O  O   . HOH B 2 .   ? -7.816  -9.008  12.446  1.00 29.66 ? 140 HOH A O   1 
HETATM 1044 O  O   . HOH B 2 .   ? -8.478  5.283   -2.303  1.00 40.29 ? 141 HOH A O   1 
HETATM 1045 O  O   . HOH B 2 .   ? 6.116   -0.866  5.758   1.00 30.04 ? 142 HOH A O   1 
HETATM 1046 O  O   . HOH B 2 .   ? -14.453 9.665   3.205   1.00 41.60 ? 143 HOH A O   1 
HETATM 1047 O  O   . HOH B 2 .   ? 28.031  4.637   -8.473  1.00 33.38 ? 144 HOH A O   1 
HETATM 1048 O  O   . HOH B 2 .   ? -7.174  -16.340 -5.281  1.00 46.30 ? 145 HOH A O   1 
HETATM 1049 O  O   . HOH B 2 .   ? -5.624  -6.134  -10.151 1.00 39.78 ? 146 HOH A O   1 
HETATM 1050 O  O   . HOH B 2 .   ? -17.017 -18.190 3.293   1.00 45.08 ? 147 HOH A O   1 
HETATM 1051 O  O   . HOH B 2 .   ? 2.039   -10.302 7.523   1.00 40.83 ? 148 HOH A O   1 
HETATM 1052 O  O   . HOH B 2 .   ? -11.560 -11.841 12.835  1.00 46.02 ? 149 HOH A O   1 
HETATM 1053 O  O   . HOH B 2 .   ? -21.886 -7.560  8.367   1.00 48.57 ? 150 HOH A O   1 
HETATM 1054 O  O   . HOH B 2 .   ? -20.364 -5.145  7.418   1.00 41.40 ? 151 HOH A O   1 
HETATM 1055 O  O   . HOH B 2 .   ? 13.159  -6.895  -5.360  1.00 36.85 ? 152 HOH A O   1 
HETATM 1056 O  O   . HOH B 2 .   ? -10.056 -9.412  1.730   1.00 47.98 ? 153 HOH A O   1 
HETATM 1057 O  O   . HOH B 2 .   ? -8.604  -7.358  1.044   1.00 32.60 ? 154 HOH A O   1 
HETATM 1058 O  O   . HOH B 2 .   ? -6.354  -6.504  0.255   1.00 34.38 ? 155 HOH A O   1 
HETATM 1059 O  O   . HOH B 2 .   ? -4.105  -5.273  -0.542  1.00 48.03 ? 156 HOH A O   1 
HETATM 1060 O  O   . HOH B 2 .   ? -1.723  -5.963  -1.447  1.00 36.35 ? 157 HOH A O   1 
HETATM 1061 O  O   . HOH B 2 .   ? 2.840   -2.032  -4.246  1.00 33.73 ? 158 HOH A O   1 
HETATM 1062 O  O   . HOH B 2 .   ? -14.372 -13.262 1.611   1.00 37.58 ? 159 HOH A O   1 
HETATM 1063 O  O   . HOH B 2 .   ? -12.378 -14.738 2.227   1.00 49.53 ? 160 HOH A O   1 
HETATM 1064 O  O   . HOH B 2 .   ? -14.781 -17.038 4.285   1.00 46.13 ? 161 HOH A O   1 
HETATM 1065 O  O   . HOH B 2 .   ? 13.726  12.589  -5.164  1.00 31.87 ? 162 HOH A O   1 
HETATM 1066 O  O   . HOH B 2 .   ? -14.227 -15.072 5.867   1.00 47.81 ? 163 HOH A O   1 
HETATM 1067 O  O   . HOH B 2 .   ? -12.039 -17.472 -5.837  1.00 58.11 ? 164 HOH A O   1 
HETATM 1068 O  O   . HOH B 2 .   ? -15.858 7.859   4.843   1.00 54.70 ? 165 HOH A O   1 
HETATM 1069 O  O   . HOH B 2 .   ? -15.410 5.237   7.873   1.00 38.10 ? 166 HOH A O   1 
HETATM 1070 O  O   . HOH B 2 .   ? -20.449 -6.790  -8.530  1.00 63.00 ? 167 HOH A O   1 
HETATM 1071 O  O   . HOH B 2 .   ? -12.780 -2.589  -11.367 1.00 59.59 ? 168 HOH A O   1 
HETATM 1072 O  O   . HOH B 2 .   ? -8.036  -5.257  -11.364 1.00 50.08 ? 169 HOH A O   1 
HETATM 1073 O  O   . HOH B 2 .   ? 15.048  -8.197  5.456   1.00 40.04 ? 170 HOH A O   1 
HETATM 1074 O  O   . HOH B 2 .   ? 3.962   -5.429  -7.071  1.00 51.81 ? 171 HOH A O   1 
HETATM 1075 O  O   . HOH B 2 .   ? 2.370   -7.965  -7.167  1.00 55.98 ? 172 HOH A O   1 
HETATM 1076 O  O   . HOH B 2 .   ? 4.024   -4.698  -9.943  1.00 48.24 ? 173 HOH A O   1 
HETATM 1077 O  O   . HOH B 2 .   ? 4.380   -3.092  -12.173 1.00 48.37 ? 174 HOH A O   1 
HETATM 1078 O  O   . HOH B 2 .   ? -0.179  13.107  -5.910  1.00 45.57 ? 175 HOH A O   1 
HETATM 1079 O  O   . HOH B 2 .   ? 5.648   -1.317  -4.648  1.00 35.20 ? 176 HOH A O   1 
HETATM 1080 O  O   . HOH B 2 .   ? 2.803   -8.790  9.552   1.00 45.77 ? 177 HOH A O   1 
HETATM 1081 O  O   . HOH B 2 .   ? 1.378   -3.075  -2.379  1.00 53.54 ? 178 HOH A O   1 
HETATM 1082 O  O   . HOH B 2 .   ? -12.197 2.373   -6.281  1.00 37.93 ? 179 HOH A O   1 
HETATM 1083 O  O   . HOH B 2 .   ? -11.783 -12.144 1.239   1.00 46.45 ? 180 HOH A O   1 
HETATM 1084 O  O   . HOH B 2 .   ? -12.613 3.942   -4.016  1.00 44.82 ? 181 HOH A O   1 
HETATM 1085 O  O   . HOH B 2 .   ? -14.040 5.585   -2.305  1.00 54.62 ? 182 HOH A O   1 
HETATM 1086 O  O   . HOH B 2 .   ? 24.728  -2.469  3.545   1.00 40.38 ? 183 HOH A O   1 
HETATM 1087 O  O   . HOH B 2 .   ? 1.151   17.244  -4.668  1.00 41.60 ? 184 HOH A O   1 
# 
